data_9EU2
#
_entry.id   9EU2
#
_cell.length_a   147.912
_cell.length_b   147.912
_cell.length_c   197.086
_cell.angle_alpha   90.000
_cell.angle_beta   90.000
_cell.angle_gamma   120.000
#
_symmetry.space_group_name_H-M   'P 32 2 1'
#
loop_
_entity.id
_entity.type
_entity.pdbx_description
1 polymer Alpha-L-fucosidase
2 non-polymer 'ZINC ION'
3 non-polymer 1,2-ETHANEDIOL
4 non-polymer 'SODIUM ION'
5 water water
#
_entity_poly.entity_id   1
_entity_poly.type   'polypeptide(L)'
_entity_poly.pdbx_seq_one_letter_code
;MPAQPGYTPSADNLKARETFQDDKFGIFIHWGIYSMLADGEWVMHNKNLNWEEYAKLASGFYPAKFNAAEWVAAIKASGA
KYITITSRHHDGFSMYATQQSDYNIVDATPFKRDVIHELADECRKQGIRLHLYYSHLDWRRDDYYPLGRTGKGTGRTTQG
KWEDYCAFMNNQLTELLTNYGLIGAIWFDGMWDKDIYPDGMTAKTWNLNEQYTLIHRLQPACLIGNNHHITPFAGEDIQI
FERDLPGENKAGLSGQDISRLPLETCETMNGMWGYKITDQDYKSTKILIQYLVKAAGKNANLLMNVGPQPNGELPTVAVQ
RLREMGEWMKIYAPTIQGTRGGVVTPRDWGVTTQKGKTLYVHVLNLDDKALFLPYAGNKLKSAVEYQSRKSVRFIQDRDG
ILLKFTDKPHSPDYVLELTFANELPLNLEHHHHHH
;
_entity_poly.pdbx_strand_id   A,B,C,D
#
# COMPACT_ATOMS: atom_id res chain seq x y z
N GLY A 6 40.66 29.32 18.12
CA GLY A 6 39.36 28.69 18.22
C GLY A 6 39.26 27.69 19.37
N TYR A 7 38.98 26.44 19.03
CA TYR A 7 38.77 25.39 20.04
C TYR A 7 40.07 24.62 20.29
N THR A 8 40.49 24.58 21.55
CA THR A 8 41.54 23.68 21.98
C THR A 8 41.00 22.82 23.11
N PRO A 9 40.93 21.50 22.97
CA PRO A 9 40.37 20.68 24.06
C PRO A 9 41.28 20.68 25.27
N SER A 10 40.66 20.67 26.44
CA SER A 10 41.39 20.61 27.70
C SER A 10 42.11 19.26 27.85
N ALA A 11 43.09 19.25 28.76
CA ALA A 11 43.81 18.00 29.04
C ALA A 11 42.85 16.91 29.49
N ASP A 12 41.85 17.27 30.31
CA ASP A 12 40.87 16.29 30.76
C ASP A 12 40.00 15.80 29.60
N ASN A 13 39.71 16.68 28.63
CA ASN A 13 38.96 16.26 27.46
C ASN A 13 39.77 15.26 26.63
N LEU A 14 41.05 15.58 26.41
CA LEU A 14 41.89 14.67 25.64
C LEU A 14 41.99 13.31 26.31
N LYS A 15 42.09 13.29 27.65
CA LYS A 15 42.12 12.04 28.38
C LYS A 15 40.82 11.27 28.18
N ALA A 16 39.68 11.96 28.31
CA ALA A 16 38.39 11.31 28.09
C ALA A 16 38.26 10.76 26.67
N ARG A 17 38.84 11.45 25.69
CA ARG A 17 38.83 10.95 24.32
C ARG A 17 39.53 9.59 24.24
N GLU A 18 40.66 9.46 24.92
CA GLU A 18 41.41 8.20 24.84
C GLU A 18 40.67 7.10 25.59
N THR A 19 40.05 7.43 26.73
CA THR A 19 39.25 6.45 27.45
C THR A 19 38.06 5.97 26.61
N PHE A 20 37.40 6.91 25.93
CA PHE A 20 36.25 6.56 25.09
C PHE A 20 36.66 5.57 24.01
N GLN A 21 37.76 5.84 23.32
CA GLN A 21 38.24 4.93 22.29
C GLN A 21 38.68 3.60 22.88
N ASP A 22 39.29 3.62 24.06
CA ASP A 22 39.61 2.37 24.74
C ASP A 22 38.36 1.54 25.00
N ASP A 23 37.25 2.21 25.38
CA ASP A 23 36.03 1.52 25.82
C ASP A 23 35.36 0.75 24.69
N LYS A 24 35.37 1.31 23.49
CA LYS A 24 34.94 0.68 22.24
C LYS A 24 33.44 0.36 22.12
N PHE A 25 32.71 0.24 23.23
CA PHE A 25 31.38 -0.36 23.18
C PHE A 25 30.44 0.32 24.18
N GLY A 26 29.33 0.87 23.66
CA GLY A 26 28.32 1.47 24.51
C GLY A 26 26.93 1.06 24.04
N ILE A 27 25.94 1.30 24.91
CA ILE A 27 24.54 0.99 24.59
C ILE A 27 23.71 2.27 24.51
N PHE A 28 23.02 2.44 23.38
CA PHE A 28 22.06 3.50 23.12
C PHE A 28 20.71 3.11 23.72
N ILE A 29 20.03 4.05 24.36
CA ILE A 29 18.67 3.82 24.84
C ILE A 29 17.77 4.94 24.34
N HIS A 30 16.78 4.60 23.52
CA HIS A 30 15.75 5.54 23.06
C HIS A 30 14.47 5.22 23.83
N TRP A 31 14.09 6.11 24.74
CA TRP A 31 12.90 5.87 25.56
C TRP A 31 12.13 7.18 25.72
N GLY A 32 10.83 7.08 25.56
CA GLY A 32 9.96 8.24 25.70
C GLY A 32 8.52 7.78 25.66
N ILE A 33 7.61 8.75 25.68
CA ILE A 33 6.22 8.34 25.63
C ILE A 33 5.83 7.81 24.26
N TYR A 34 6.65 8.02 23.24
CA TYR A 34 6.46 7.30 21.99
C TYR A 34 6.55 5.80 22.18
N SER A 35 7.11 5.33 23.32
N SER A 35 7.12 5.34 23.31
CA SER A 35 7.14 3.91 23.59
CA SER A 35 7.13 3.91 23.58
C SER A 35 5.73 3.34 23.74
C SER A 35 5.73 3.34 23.74
N MET A 36 4.77 4.14 24.21
CA MET A 36 3.41 3.62 24.35
C MET A 36 2.78 3.34 23.00
N LEU A 37 2.99 4.22 22.03
CA LEU A 37 2.45 3.96 20.70
C LEU A 37 3.19 2.83 20.01
N ALA A 38 4.45 2.56 20.41
CA ALA A 38 5.18 1.36 20.02
C ALA A 38 5.31 1.24 18.50
N ASP A 39 5.54 2.36 17.83
CA ASP A 39 5.73 2.38 16.38
C ASP A 39 6.88 3.32 16.02
N GLY A 40 7.90 3.37 16.86
CA GLY A 40 9.06 4.19 16.53
C GLY A 40 9.01 5.58 17.14
N GLU A 41 10.20 6.16 17.32
CA GLU A 41 10.26 7.48 17.91
C GLU A 41 9.82 8.61 16.97
N TRP A 42 9.73 8.34 15.67
CA TRP A 42 9.32 9.37 14.71
C TRP A 42 7.80 9.45 14.57
N VAL A 43 7.04 8.71 15.38
CA VAL A 43 5.63 8.52 15.08
C VAL A 43 4.89 9.86 15.02
N MET A 44 5.26 10.84 15.85
CA MET A 44 4.44 12.04 15.88
C MET A 44 4.57 12.82 14.56
N HIS A 45 5.74 12.76 13.94
CA HIS A 45 5.89 13.32 12.60
C HIS A 45 5.33 12.40 11.52
N ASN A 46 5.64 11.10 11.59
CA ASN A 46 5.30 10.19 10.50
C ASN A 46 3.79 10.10 10.28
N LYS A 47 3.01 10.18 11.36
CA LYS A 47 1.56 10.11 11.29
C LYS A 47 0.90 11.47 11.51
N ASN A 48 1.69 12.54 11.50
CA ASN A 48 1.15 13.91 11.62
C ASN A 48 0.21 14.01 12.81
N LEU A 49 0.72 13.64 13.98
CA LEU A 49 -0.10 13.65 15.18
C LEU A 49 -0.15 15.05 15.77
N ASN A 50 -1.35 15.49 16.13
CA ASN A 50 -1.52 16.82 16.70
C ASN A 50 -0.76 16.92 18.02
N TRP A 51 -0.02 18.01 18.22
CA TRP A 51 0.89 18.10 19.37
C TRP A 51 0.13 18.00 20.69
N GLU A 52 -1.08 18.57 20.74
CA GLU A 52 -1.87 18.51 21.97
C GLU A 52 -2.43 17.12 22.20
N GLU A 53 -2.87 16.45 21.14
CA GLU A 53 -3.41 15.10 21.28
C GLU A 53 -2.32 14.13 21.71
N TYR A 54 -1.13 14.25 21.11
CA TYR A 54 0.00 13.42 21.51
C TYR A 54 0.35 13.62 22.98
N ALA A 55 0.32 14.87 23.43
CA ALA A 55 0.68 15.15 24.82
C ALA A 55 -0.29 14.52 25.80
N LYS A 56 -1.53 14.22 25.39
CA LYS A 56 -2.46 13.55 26.29
C LYS A 56 -1.99 12.14 26.64
N LEU A 57 -1.06 11.58 25.87
CA LEU A 57 -0.46 10.29 26.21
C LEU A 57 0.29 10.33 27.54
N ALA A 58 0.89 11.48 27.86
CA ALA A 58 1.77 11.58 29.01
C ALA A 58 1.07 11.20 30.31
N SER A 59 -0.19 11.62 30.46
CA SER A 59 -0.92 11.34 31.68
C SER A 59 -1.37 9.88 31.79
N GLY A 60 -1.00 9.03 30.82
CA GLY A 60 -1.22 7.60 30.91
C GLY A 60 0.08 6.81 30.93
N PHE A 61 1.21 7.50 31.03
CA PHE A 61 2.52 6.85 30.96
C PHE A 61 2.94 6.41 32.36
N TYR A 62 3.13 5.11 32.53
CA TYR A 62 3.42 4.55 33.85
C TYR A 62 4.23 3.27 33.67
N PRO A 63 5.51 3.38 33.38
CA PRO A 63 6.36 2.18 33.17
C PRO A 63 6.72 1.49 34.48
N ALA A 64 5.72 0.79 35.03
CA ALA A 64 5.81 0.29 36.39
C ALA A 64 6.93 -0.72 36.60
N LYS A 65 7.41 -1.38 35.53
CA LYS A 65 8.48 -2.36 35.67
C LYS A 65 9.87 -1.77 35.44
N PHE A 66 9.96 -0.45 35.30
CA PHE A 66 11.26 0.21 35.20
C PHE A 66 12.08 -0.06 36.46
N ASN A 67 13.35 -0.41 36.28
CA ASN A 67 14.26 -0.61 37.41
C ASN A 67 15.66 -0.26 36.91
N ALA A 68 16.15 0.91 37.33
CA ALA A 68 17.45 1.39 36.84
C ALA A 68 18.57 0.40 37.12
N ALA A 69 18.55 -0.25 38.30
CA ALA A 69 19.62 -1.19 38.61
C ALA A 69 19.61 -2.37 37.65
N GLU A 70 18.43 -2.88 37.31
CA GLU A 70 18.35 -4.01 36.38
C GLU A 70 18.82 -3.61 34.99
N TRP A 71 18.48 -2.40 34.56
CA TRP A 71 18.90 -1.90 33.25
C TRP A 71 20.41 -1.82 33.18
N VAL A 72 21.03 -1.13 34.14
CA VAL A 72 22.47 -0.93 34.12
C VAL A 72 23.18 -2.25 34.27
N ALA A 73 22.63 -3.15 35.10
CA ALA A 73 23.24 -4.45 35.27
C ALA A 73 23.21 -5.25 33.97
N ALA A 74 22.09 -5.21 33.24
CA ALA A 74 21.99 -5.98 32.00
C ALA A 74 22.95 -5.45 30.94
N ILE A 75 23.18 -4.14 30.94
CA ILE A 75 24.11 -3.52 29.99
C ILE A 75 25.56 -3.79 30.39
N LYS A 76 25.89 -3.63 31.67
CA LYS A 76 27.25 -3.94 32.12
C LYS A 76 27.61 -5.38 31.79
N ALA A 77 26.65 -6.29 31.87
CA ALA A 77 26.96 -7.69 31.62
C ALA A 77 27.38 -7.97 30.17
N SER A 78 27.23 -7.01 29.27
CA SER A 78 27.60 -7.21 27.87
C SER A 78 29.07 -6.86 27.59
N GLY A 79 29.75 -6.24 28.53
CA GLY A 79 31.06 -5.68 28.29
C GLY A 79 31.05 -4.21 27.93
N ALA A 80 29.88 -3.63 27.69
CA ALA A 80 29.78 -2.22 27.38
C ALA A 80 30.16 -1.37 28.58
N LYS A 81 30.74 -0.19 28.29
CA LYS A 81 31.32 0.68 29.30
C LYS A 81 30.54 1.98 29.50
N TYR A 82 29.59 2.30 28.63
CA TYR A 82 28.82 3.52 28.76
C TYR A 82 27.43 3.34 28.18
N ILE A 83 26.56 4.27 28.56
CA ILE A 83 25.16 4.30 28.10
C ILE A 83 24.89 5.69 27.55
N THR A 84 24.24 5.77 26.40
CA THR A 84 23.75 7.03 25.85
C THR A 84 22.22 7.00 25.86
N ILE A 85 21.60 7.88 26.63
CA ILE A 85 20.14 7.85 26.79
C ILE A 85 19.52 9.16 26.33
N THR A 86 18.34 9.05 25.70
CA THR A 86 17.56 10.19 25.24
C THR A 86 17.03 11.01 26.42
N SER A 87 17.62 12.18 26.66
CA SER A 87 17.05 13.09 27.65
C SER A 87 15.83 13.83 27.10
N ARG A 88 15.79 14.00 25.78
CA ARG A 88 14.70 14.71 25.10
C ARG A 88 14.88 14.46 23.61
N HIS A 89 13.88 13.86 22.95
CA HIS A 89 13.97 13.55 21.53
C HIS A 89 13.16 14.57 20.74
N HIS A 90 12.86 14.26 19.47
CA HIS A 90 12.25 15.25 18.59
C HIS A 90 10.84 15.63 19.05
N ASP A 91 10.11 14.74 19.74
CA ASP A 91 8.77 15.07 20.21
C ASP A 91 8.78 16.11 21.33
N GLY A 92 9.96 16.50 21.82
CA GLY A 92 10.04 17.59 22.75
C GLY A 92 9.77 17.23 24.20
N PHE A 93 9.51 15.96 24.49
CA PHE A 93 9.23 15.52 25.86
C PHE A 93 10.52 15.25 26.62
N SER A 94 10.64 15.88 27.81
CA SER A 94 11.84 15.78 28.61
C SER A 94 11.75 14.60 29.59
N MET A 95 12.72 13.70 29.53
CA MET A 95 12.73 12.51 30.37
C MET A 95 13.46 12.74 31.69
N TYR A 96 13.51 13.98 32.16
CA TYR A 96 14.15 14.31 33.43
C TYR A 96 13.39 15.46 34.06
N ALA A 97 13.78 15.82 35.28
CA ALA A 97 13.04 16.82 36.05
C ALA A 97 13.47 18.24 35.67
N THR A 98 13.17 18.61 34.43
CA THR A 98 13.49 19.96 33.97
C THR A 98 12.59 20.99 34.65
N GLN A 99 13.15 22.17 34.88
CA GLN A 99 12.37 23.32 35.32
C GLN A 99 12.02 24.25 34.16
N GLN A 100 12.29 23.85 32.92
CA GLN A 100 12.10 24.72 31.77
C GLN A 100 10.81 24.45 31.01
N SER A 101 10.07 23.40 31.38
CA SER A 101 8.84 23.01 30.71
C SER A 101 8.11 22.02 31.60
N ASP A 102 6.80 22.15 31.72
CA ASP A 102 6.06 21.17 32.51
C ASP A 102 5.86 19.86 31.75
N TYR A 103 6.29 19.80 30.49
CA TYR A 103 6.12 18.63 29.62
C TYR A 103 7.30 17.70 29.85
N ASN A 104 7.24 16.97 30.96
CA ASN A 104 8.35 16.13 31.39
C ASN A 104 7.84 14.95 32.22
N ILE A 105 8.73 13.98 32.42
CA ILE A 105 8.37 12.70 33.04
C ILE A 105 7.90 12.90 34.47
N VAL A 106 8.39 13.94 35.16
CA VAL A 106 8.02 14.12 36.56
C VAL A 106 6.65 14.80 36.70
N ASP A 107 6.43 15.87 35.94
CA ASP A 107 5.25 16.70 36.15
C ASP A 107 4.06 16.27 35.30
N ALA A 108 4.29 15.65 34.15
CA ALA A 108 3.22 15.39 33.19
C ALA A 108 2.72 13.96 33.19
N THR A 109 3.33 13.06 33.95
CA THR A 109 2.92 11.67 33.97
C THR A 109 2.57 11.22 35.38
N PRO A 110 1.76 10.16 35.53
CA PRO A 110 1.53 9.59 36.87
C PRO A 110 2.76 8.88 37.44
N PHE A 111 3.77 8.62 36.61
CA PHE A 111 4.96 7.92 37.07
C PHE A 111 5.77 8.79 38.04
N LYS A 112 5.83 10.10 37.77
CA LYS A 112 6.28 11.09 38.75
C LYS A 112 7.71 10.84 39.21
N ARG A 113 8.54 10.23 38.38
CA ARG A 113 9.89 9.86 38.75
C ARG A 113 10.89 10.34 37.71
N ASP A 114 12.05 10.79 38.17
CA ASP A 114 13.10 11.30 37.28
C ASP A 114 13.98 10.15 36.84
N VAL A 115 13.68 9.57 35.67
CA VAL A 115 14.37 8.35 35.30
C VAL A 115 15.84 8.60 34.96
N ILE A 116 16.19 9.78 34.45
CA ILE A 116 17.60 10.07 34.22
C ILE A 116 18.36 10.13 35.55
N HIS A 117 17.75 10.73 36.58
CA HIS A 117 18.37 10.75 37.90
C HIS A 117 18.62 9.32 38.40
N GLU A 118 17.58 8.47 38.30
CA GLU A 118 17.69 7.10 38.79
C GLU A 118 18.77 6.34 38.04
N LEU A 119 18.86 6.55 36.73
CA LEU A 119 19.90 5.88 35.96
C LEU A 119 21.28 6.42 36.28
N ALA A 120 21.40 7.73 36.49
CA ALA A 120 22.70 8.30 36.83
C ALA A 120 23.20 7.73 38.15
N ASP A 121 22.32 7.62 39.14
CA ASP A 121 22.70 7.02 40.42
C ASP A 121 23.25 5.61 40.22
N GLU A 122 22.56 4.80 39.42
CA GLU A 122 22.98 3.40 39.26
C GLU A 122 24.23 3.31 38.40
N CYS A 123 24.33 4.14 37.37
CA CYS A 123 25.54 4.13 36.55
C CYS A 123 26.78 4.40 37.40
N ARG A 124 26.68 5.41 38.27
CA ARG A 124 27.78 5.73 39.19
C ARG A 124 28.11 4.55 40.10
N LYS A 125 27.08 3.91 40.64
CA LYS A 125 27.29 2.78 41.55
C LYS A 125 27.96 1.61 40.85
N GLN A 126 27.56 1.32 39.61
CA GLN A 126 28.02 0.14 38.90
C GLN A 126 29.24 0.40 38.00
N GLY A 127 29.72 1.63 37.93
CA GLY A 127 30.93 1.91 37.16
C GLY A 127 30.71 2.03 35.67
N ILE A 128 29.58 2.59 35.25
CA ILE A 128 29.21 2.78 33.85
C ILE A 128 29.09 4.28 33.61
N ARG A 129 29.68 4.75 32.51
CA ARG A 129 29.61 6.17 32.19
C ARG A 129 28.28 6.50 31.52
N LEU A 130 27.77 7.70 31.79
CA LEU A 130 26.46 8.14 31.29
C LEU A 130 26.65 9.27 30.29
N HIS A 131 26.14 9.06 29.08
CA HIS A 131 26.09 10.02 28.00
C HIS A 131 24.63 10.42 27.75
N LEU A 132 24.40 11.69 27.39
CA LEU A 132 23.05 12.22 27.25
C LEU A 132 22.82 12.69 25.81
N TYR A 133 21.87 12.04 25.13
CA TYR A 133 21.36 12.50 23.85
C TYR A 133 20.43 13.68 24.09
N TYR A 134 20.52 14.69 23.23
CA TYR A 134 19.69 15.89 23.33
C TYR A 134 19.33 16.35 21.93
N SER A 135 18.03 16.51 21.66
CA SER A 135 17.57 16.85 20.33
C SER A 135 17.56 18.37 20.09
N HIS A 136 18.25 18.78 19.02
CA HIS A 136 18.11 20.14 18.50
C HIS A 136 16.76 20.39 17.85
N LEU A 137 16.09 19.33 17.40
CA LEU A 137 14.81 19.40 16.69
C LEU A 137 13.66 19.29 17.67
N ASP A 138 12.59 20.06 17.44
CA ASP A 138 11.44 20.04 18.35
C ASP A 138 10.16 20.16 17.53
N TRP A 139 9.28 19.15 17.65
CA TRP A 139 8.04 19.10 16.90
C TRP A 139 6.86 19.69 17.66
N ARG A 140 7.06 20.07 18.93
CA ARG A 140 6.02 20.62 19.80
C ARG A 140 6.11 22.13 19.99
N ARG A 141 7.29 22.64 20.31
CA ARG A 141 7.40 24.04 20.73
C ARG A 141 7.14 24.98 19.55
N ASP A 142 6.40 26.05 19.81
CA ASP A 142 6.12 26.98 18.72
C ASP A 142 7.25 27.97 18.51
N ASP A 143 8.24 28.03 19.39
CA ASP A 143 9.40 28.89 19.17
C ASP A 143 10.49 28.20 18.35
N TYR A 144 10.30 26.91 18.00
CA TYR A 144 11.06 26.29 16.91
C TYR A 144 10.49 26.85 15.61
N TYR A 145 11.00 28.02 15.21
CA TYR A 145 10.39 28.73 14.10
C TYR A 145 11.47 29.58 13.44
N PRO A 146 11.58 29.59 12.10
CA PRO A 146 10.72 28.88 11.13
C PRO A 146 10.91 27.37 11.21
N LEU A 147 9.96 26.62 10.68
CA LEU A 147 10.13 25.17 10.63
C LEU A 147 11.18 24.80 9.59
N GLY A 148 11.74 23.60 9.75
CA GLY A 148 12.52 22.94 8.72
C GLY A 148 11.67 21.99 7.90
N ARG A 149 12.22 20.82 7.52
CA ARG A 149 11.46 19.92 6.64
C ARG A 149 10.51 18.97 7.38
N THR A 150 10.74 18.69 8.65
CA THR A 150 9.87 17.82 9.43
C THR A 150 8.96 18.63 10.35
N GLY A 151 7.98 17.94 10.94
CA GLY A 151 7.09 18.56 11.91
C GLY A 151 6.04 19.50 11.36
N LYS A 152 5.87 19.55 10.03
CA LYS A 152 4.90 20.48 9.48
C LYS A 152 3.45 20.03 9.71
N GLY A 153 3.24 18.78 10.08
CA GLY A 153 1.90 18.27 10.28
C GLY A 153 1.46 18.12 11.72
N THR A 154 2.24 18.62 12.68
CA THR A 154 1.92 18.40 14.08
C THR A 154 0.97 19.45 14.64
N GLY A 155 0.42 20.33 13.81
CA GLY A 155 -0.71 21.15 14.22
C GLY A 155 -0.39 22.44 14.95
N ARG A 156 0.86 22.89 14.92
CA ARG A 156 1.20 24.17 15.55
C ARG A 156 0.54 25.32 14.79
N THR A 157 -0.11 26.22 15.54
CA THR A 157 -0.79 27.38 14.95
C THR A 157 -0.33 28.70 15.57
N THR A 158 0.73 28.71 16.37
CA THR A 158 1.32 29.93 16.88
C THR A 158 2.81 29.91 16.55
N GLN A 159 3.42 31.08 16.65
CA GLN A 159 4.81 31.28 16.26
C GLN A 159 5.55 32.00 17.38
N GLY A 160 6.63 31.38 17.87
CA GLY A 160 7.55 32.03 18.78
C GLY A 160 8.84 32.45 18.10
N LYS A 161 9.86 32.74 18.91
CA LYS A 161 11.11 33.31 18.41
C LYS A 161 12.26 32.32 18.60
N TRP A 162 13.07 32.18 17.55
CA TRP A 162 14.19 31.24 17.56
C TRP A 162 15.14 31.50 18.72
N GLU A 163 15.40 32.77 19.03
CA GLU A 163 16.29 33.08 20.15
C GLU A 163 15.74 32.54 21.47
N ASP A 164 14.42 32.53 21.64
CA ASP A 164 13.83 31.97 22.85
C ASP A 164 13.97 30.46 22.87
N TYR A 165 13.88 29.81 21.71
CA TYR A 165 14.15 28.37 21.66
C TYR A 165 15.61 28.08 21.99
N CYS A 166 16.55 28.88 21.47
CA CYS A 166 17.96 28.66 21.76
C CYS A 166 18.24 28.83 23.25
N ALA A 167 17.58 29.81 23.88
CA ALA A 167 17.73 30.00 25.31
C ALA A 167 17.18 28.82 26.08
N PHE A 168 16.05 28.28 25.63
CA PHE A 168 15.49 27.08 26.23
C PHE A 168 16.50 25.94 26.24
N MET A 169 17.15 25.70 25.10
CA MET A 169 18.15 24.62 25.00
C MET A 169 19.32 24.86 25.96
N ASN A 170 19.85 26.08 25.97
CA ASN A 170 20.95 26.40 26.88
C ASN A 170 20.55 26.12 28.32
N ASN A 171 19.32 26.48 28.68
CA ASN A 171 18.85 26.30 30.06
C ASN A 171 18.71 24.82 30.39
N GLN A 172 18.28 24.00 29.42
CA GLN A 172 18.20 22.57 29.68
C GLN A 172 19.57 21.92 29.75
N LEU A 173 20.47 22.29 28.83
CA LEU A 173 21.83 21.77 28.90
C LEU A 173 22.47 22.07 30.25
N THR A 174 22.24 23.26 30.78
CA THR A 174 22.81 23.62 32.08
C THR A 174 22.30 22.68 33.18
N GLU A 175 21.00 22.39 33.17
CA GLU A 175 20.45 21.47 34.15
C GLU A 175 21.13 20.10 34.04
N LEU A 176 21.23 19.58 32.82
CA LEU A 176 21.76 18.24 32.62
C LEU A 176 23.21 18.13 33.04
N LEU A 177 23.96 19.24 32.96
CA LEU A 177 25.38 19.23 33.30
C LEU A 177 25.65 19.72 34.72
N THR A 178 24.61 20.05 35.47
CA THR A 178 24.76 20.53 36.84
C THR A 178 24.15 19.60 37.88
N ASN A 179 23.03 18.92 37.55
CA ASN A 179 22.22 18.23 38.55
C ASN A 179 22.33 16.72 38.50
N TYR A 180 23.21 16.15 37.65
CA TYR A 180 23.21 14.72 37.37
C TYR A 180 24.60 14.09 37.49
N GLY A 181 25.53 14.76 38.15
CA GLY A 181 26.87 14.23 38.30
C GLY A 181 27.67 14.39 37.03
N LEU A 182 28.76 13.62 36.94
CA LEU A 182 29.63 13.68 35.77
C LEU A 182 28.95 13.06 34.57
N ILE A 183 28.98 13.76 33.44
CA ILE A 183 28.36 13.33 32.20
C ILE A 183 29.48 13.15 31.19
N GLY A 184 29.53 11.97 30.57
CA GLY A 184 30.64 11.67 29.67
C GLY A 184 30.52 12.29 28.30
N ALA A 185 29.32 12.60 27.85
CA ALA A 185 29.16 13.19 26.54
C ALA A 185 27.75 13.74 26.40
N ILE A 186 27.65 14.80 25.60
CA ILE A 186 26.38 15.27 25.07
C ILE A 186 26.35 14.89 23.59
N TRP A 187 25.27 14.27 23.17
CA TRP A 187 25.13 13.67 21.84
C TRP A 187 23.98 14.40 21.15
N PHE A 188 24.30 15.40 20.34
CA PHE A 188 23.28 16.21 19.69
C PHE A 188 22.75 15.53 18.43
N ASP A 189 21.51 15.89 18.06
CA ASP A 189 20.87 15.33 16.87
C ASP A 189 19.78 16.27 16.38
N GLY A 190 19.62 16.31 15.06
CA GLY A 190 18.50 16.98 14.46
C GLY A 190 18.79 18.24 13.67
N MET A 191 20.03 18.75 13.67
CA MET A 191 20.21 20.01 12.97
C MET A 191 20.01 19.84 11.46
N TRP A 192 20.10 18.60 10.96
CA TRP A 192 19.81 18.33 9.55
C TRP A 192 18.38 18.73 9.17
N ASP A 193 17.51 19.00 10.16
CA ASP A 193 16.14 19.39 9.83
C ASP A 193 16.10 20.64 8.95
N LYS A 194 17.08 21.52 9.09
CA LYS A 194 17.09 22.78 8.36
C LYS A 194 18.05 22.77 7.19
N ASP A 195 18.45 21.58 6.73
CA ASP A 195 19.31 21.49 5.54
C ASP A 195 18.60 21.91 4.26
N ILE A 196 17.32 22.30 4.35
CA ILE A 196 16.63 22.84 3.17
C ILE A 196 16.94 24.32 2.94
N TYR A 197 17.49 25.02 3.94
CA TYR A 197 17.80 26.44 3.83
C TYR A 197 19.29 26.65 3.58
N PRO A 198 19.64 27.64 2.75
CA PRO A 198 21.07 27.92 2.50
C PRO A 198 21.96 27.97 3.74
N ASP A 199 21.58 28.76 4.75
CA ASP A 199 22.35 28.85 5.99
C ASP A 199 21.87 27.85 7.04
N GLY A 200 21.15 26.82 6.64
CA GLY A 200 20.47 25.95 7.60
C GLY A 200 21.35 24.99 8.35
N MET A 201 22.59 24.79 7.89
CA MET A 201 23.52 23.88 8.54
C MET A 201 24.75 24.61 9.05
N THR A 202 24.60 25.89 9.38
CA THR A 202 25.71 26.68 9.93
C THR A 202 25.70 26.63 11.44
N ALA A 203 26.89 26.84 12.03
CA ALA A 203 26.99 26.94 13.48
C ALA A 203 26.22 28.15 14.01
N LYS A 204 26.12 29.21 13.21
CA LYS A 204 25.40 30.40 13.64
C LYS A 204 23.91 30.12 13.76
N THR A 205 23.32 29.51 12.73
CA THR A 205 21.90 29.17 12.79
C THR A 205 21.55 28.37 14.03
N TRP A 206 22.43 27.45 14.44
CA TRP A 206 22.11 26.51 15.50
C TRP A 206 22.74 26.86 16.85
N ASN A 207 23.44 28.00 16.93
CA ASN A 207 23.97 28.50 18.19
C ASN A 207 25.01 27.54 18.78
N LEU A 208 25.75 26.85 17.91
CA LEU A 208 26.60 25.76 18.39
C LEU A 208 27.74 26.28 19.23
N ASN A 209 28.38 27.37 18.81
CA ASN A 209 29.54 27.85 19.58
C ASN A 209 29.13 28.14 21.02
N GLU A 210 28.01 28.82 21.21
CA GLU A 210 27.58 29.13 22.57
C GLU A 210 27.24 27.85 23.34
N GLN A 211 26.54 26.92 22.68
CA GLN A 211 26.19 25.67 23.34
C GLN A 211 27.43 24.86 23.72
N TYR A 212 28.35 24.71 22.77
CA TYR A 212 29.55 23.92 23.03
C TYR A 212 30.40 24.57 24.12
N THR A 213 30.56 25.88 24.07
CA THR A 213 31.33 26.56 25.12
C THR A 213 30.70 26.36 26.49
N LEU A 214 29.37 26.38 26.56
CA LEU A 214 28.69 26.19 27.84
C LEU A 214 28.95 24.79 28.39
N ILE A 215 28.83 23.78 27.52
CA ILE A 215 29.03 22.40 27.95
C ILE A 215 30.43 22.22 28.51
N HIS A 216 31.43 22.72 27.79
CA HIS A 216 32.82 22.55 28.18
C HIS A 216 33.21 23.47 29.33
N ARG A 217 32.44 24.53 29.58
CA ARG A 217 32.66 25.31 30.80
C ARG A 217 32.19 24.55 32.03
N LEU A 218 30.99 23.96 31.96
CA LEU A 218 30.47 23.26 33.12
C LEU A 218 31.20 21.93 33.35
N GLN A 219 31.56 21.22 32.28
CA GLN A 219 32.22 19.92 32.40
C GLN A 219 33.26 19.79 31.30
N PRO A 220 34.47 20.31 31.55
CA PRO A 220 35.49 20.33 30.48
C PRO A 220 35.80 18.98 29.88
N ALA A 221 35.69 17.91 30.67
CA ALA A 221 35.98 16.58 30.15
C ALA A 221 34.81 15.98 29.38
N CYS A 222 33.64 16.62 29.39
CA CYS A 222 32.49 16.10 28.66
C CYS A 222 32.77 16.20 27.15
N LEU A 223 32.53 15.09 26.45
CA LEU A 223 32.76 15.01 25.02
C LEU A 223 31.50 15.41 24.27
N ILE A 224 31.66 16.13 23.16
CA ILE A 224 30.52 16.60 22.39
C ILE A 224 30.51 15.89 21.04
N GLY A 225 29.36 15.28 20.73
CA GLY A 225 29.10 14.78 19.39
C GLY A 225 27.85 15.41 18.83
N ASN A 226 27.73 15.47 17.50
CA ASN A 226 26.58 16.07 16.84
C ASN A 226 26.32 15.26 15.58
N ASN A 227 25.17 14.60 15.53
CA ASN A 227 24.84 13.67 14.45
C ASN A 227 24.30 14.44 13.24
N HIS A 228 25.19 15.26 12.64
CA HIS A 228 24.83 16.06 11.47
C HIS A 228 25.23 15.43 10.14
N HIS A 229 25.99 14.34 10.17
CA HIS A 229 26.40 13.60 8.98
C HIS A 229 27.34 14.39 8.07
N ILE A 230 28.01 15.41 8.59
CA ILE A 230 28.97 16.17 7.77
C ILE A 230 30.26 16.38 8.55
N THR A 231 31.15 17.25 8.06
CA THR A 231 32.44 17.41 8.72
C THR A 231 32.22 18.03 10.10
N PRO A 232 32.80 17.47 11.15
CA PRO A 232 32.54 17.99 12.50
C PRO A 232 32.86 19.47 12.63
N PHE A 233 32.05 20.16 13.43
CA PHE A 233 32.30 21.56 13.76
C PHE A 233 33.31 21.68 14.89
N ALA A 234 34.09 22.76 14.86
CA ALA A 234 35.00 23.08 15.96
C ALA A 234 34.25 23.04 17.29
N GLY A 235 34.82 22.34 18.26
CA GLY A 235 34.21 22.14 19.56
C GLY A 235 33.65 20.74 19.77
N GLU A 236 33.43 19.99 18.70
CA GLU A 236 33.02 18.60 18.82
C GLU A 236 34.25 17.74 19.14
N ASP A 237 34.02 16.72 19.96
CA ASP A 237 35.09 15.83 20.41
C ASP A 237 34.96 14.40 19.91
N ILE A 238 33.81 14.02 19.37
CA ILE A 238 33.66 12.74 18.69
C ILE A 238 32.92 12.99 17.38
N GLN A 239 33.11 12.05 16.44
CA GLN A 239 32.41 12.05 15.16
C GLN A 239 31.51 10.83 15.07
N ILE A 240 30.28 11.04 14.59
CA ILE A 240 29.23 10.02 14.59
C ILE A 240 29.01 9.55 13.16
N PHE A 241 28.99 8.23 12.98
CA PHE A 241 28.53 7.61 11.74
C PHE A 241 27.27 6.83 12.05
N GLU A 242 26.16 7.18 11.38
CA GLU A 242 24.87 6.57 11.68
C GLU A 242 24.60 5.39 10.76
N ARG A 243 24.49 4.20 11.36
CA ARG A 243 24.17 2.96 10.67
C ARG A 243 25.22 2.58 9.62
N ASP A 244 26.44 3.07 9.77
CA ASP A 244 27.52 2.61 8.91
C ASP A 244 28.83 2.72 9.66
N LEU A 245 29.73 1.81 9.34
CA LEU A 245 31.12 1.95 9.76
C LEU A 245 31.74 3.15 9.03
N PRO A 246 32.70 3.83 9.65
CA PRO A 246 33.37 4.95 8.96
C PRO A 246 33.86 4.50 7.58
N GLY A 247 33.66 5.35 6.59
CA GLY A 247 34.05 5.03 5.23
C GLY A 247 33.06 4.23 4.42
N GLU A 248 31.97 3.76 5.01
CA GLU A 248 30.94 2.98 4.33
C GLU A 248 29.65 3.80 4.29
N ASN A 249 28.76 3.46 3.36
CA ASN A 249 27.51 4.21 3.20
C ASN A 249 26.41 3.30 2.66
N LYS A 250 26.34 2.07 3.19
CA LYS A 250 25.30 1.13 2.78
C LYS A 250 23.92 1.60 3.21
N ALA A 251 23.82 2.35 4.31
CA ALA A 251 22.53 2.81 4.81
C ALA A 251 22.14 4.18 4.28
N GLY A 252 23.04 4.88 3.61
CA GLY A 252 22.69 6.12 2.94
C GLY A 252 22.70 7.37 3.79
N LEU A 253 23.12 7.28 5.06
CA LEU A 253 23.14 8.43 5.96
C LEU A 253 24.55 8.95 6.22
N SER A 254 25.55 8.50 5.45
CA SER A 254 26.93 8.87 5.71
C SER A 254 27.55 9.51 4.48
N GLY A 255 28.76 9.09 4.11
CA GLY A 255 29.48 9.69 3.01
C GLY A 255 30.39 10.84 3.39
N GLN A 256 30.37 11.29 4.63
CA GLN A 256 31.21 12.39 5.07
C GLN A 256 32.63 11.88 5.30
N ASP A 257 33.60 12.77 5.12
CA ASP A 257 35.00 12.38 5.31
C ASP A 257 35.23 11.93 6.74
N ILE A 258 36.19 11.02 6.92
CA ILE A 258 36.57 10.56 8.24
C ILE A 258 37.48 11.60 8.89
N SER A 259 37.07 12.13 10.02
CA SER A 259 37.82 13.14 10.74
C SER A 259 38.91 12.49 11.60
N ARG A 260 39.69 13.32 12.28
CA ARG A 260 40.67 12.82 13.23
C ARG A 260 40.14 12.74 14.65
N LEU A 261 38.84 13.05 14.85
CA LEU A 261 38.21 12.88 16.15
C LEU A 261 37.97 11.40 16.42
N PRO A 262 37.84 11.02 17.69
CA PRO A 262 37.33 9.67 18.00
C PRO A 262 36.06 9.37 17.22
N LEU A 263 35.95 8.13 16.74
CA LEU A 263 34.86 7.73 15.85
C LEU A 263 33.88 6.80 16.58
N GLU A 264 32.60 6.95 16.28
CA GLU A 264 31.55 6.12 16.88
C GLU A 264 30.47 5.85 15.84
N THR A 265 30.21 4.56 15.58
CA THR A 265 29.12 4.12 14.72
C THR A 265 27.94 3.74 15.62
N CYS A 266 26.74 4.21 15.29
CA CYS A 266 25.54 3.79 16.02
C CYS A 266 24.65 2.91 15.14
N GLU A 267 23.95 1.98 15.79
CA GLU A 267 23.16 0.99 15.07
C GLU A 267 22.08 0.45 15.98
N THR A 268 21.01 -0.06 15.37
CA THR A 268 19.92 -0.68 16.11
C THR A 268 20.12 -2.18 16.21
N MET A 269 19.66 -2.74 17.33
CA MET A 269 19.70 -4.19 17.50
C MET A 269 18.65 -4.91 16.64
N ASN A 270 17.40 -4.43 16.69
CA ASN A 270 16.40 -4.75 15.66
C ASN A 270 16.57 -3.67 14.60
N GLY A 271 15.49 -3.20 13.99
CA GLY A 271 15.62 -2.19 12.97
C GLY A 271 15.31 -0.76 13.37
N MET A 272 14.94 -0.53 14.63
CA MET A 272 14.39 0.74 15.06
C MET A 272 14.99 1.21 16.37
N TRP A 273 15.04 2.54 16.53
CA TRP A 273 15.61 3.12 17.74
C TRP A 273 14.61 3.03 18.90
N GLY A 274 13.43 3.63 18.74
CA GLY A 274 12.39 3.44 19.72
C GLY A 274 11.76 2.06 19.65
N TYR A 275 11.15 1.67 20.76
CA TYR A 275 10.41 0.42 20.79
C TYR A 275 9.38 0.36 19.66
N LYS A 276 9.29 -0.79 19.01
CA LYS A 276 8.40 -0.97 17.87
C LYS A 276 7.81 -2.37 17.94
N ILE A 277 6.52 -2.45 18.26
CA ILE A 277 5.97 -3.75 18.65
C ILE A 277 5.94 -4.71 17.44
N THR A 278 5.87 -4.17 16.22
CA THR A 278 5.91 -5.04 15.05
C THR A 278 7.32 -5.54 14.71
N ASP A 279 8.37 -4.96 15.30
CA ASP A 279 9.73 -5.30 14.91
C ASP A 279 10.37 -6.09 16.04
N GLN A 280 10.31 -7.42 15.91
CA GLN A 280 10.93 -8.32 16.87
C GLN A 280 12.09 -9.09 16.23
N ASP A 281 12.66 -8.55 15.16
CA ASP A 281 13.73 -9.20 14.41
C ASP A 281 15.07 -8.67 14.89
N TYR A 282 15.56 -9.28 15.98
CA TYR A 282 16.80 -8.86 16.62
C TYR A 282 17.97 -9.59 15.96
N LYS A 283 18.98 -8.82 15.53
CA LYS A 283 20.17 -9.40 14.94
C LYS A 283 20.73 -10.50 15.83
N SER A 284 21.27 -11.53 15.21
CA SER A 284 21.85 -12.64 15.95
C SER A 284 23.07 -12.20 16.76
N THR A 285 23.36 -12.94 17.81
CA THR A 285 24.56 -12.66 18.59
C THR A 285 25.81 -12.69 17.72
N LYS A 286 25.87 -13.65 16.78
CA LYS A 286 27.02 -13.69 15.87
C LYS A 286 27.17 -12.39 15.11
N ILE A 287 26.07 -11.87 14.56
CA ILE A 287 26.15 -10.64 13.79
C ILE A 287 26.50 -9.46 14.67
N LEU A 288 26.03 -9.47 15.93
CA LEU A 288 26.31 -8.33 16.81
C LEU A 288 27.78 -8.33 17.21
N ILE A 289 28.32 -9.48 17.60
CA ILE A 289 29.75 -9.58 17.92
C ILE A 289 30.58 -9.14 16.73
N GLN A 290 30.26 -9.64 15.53
CA GLN A 290 31.06 -9.26 14.36
C GLN A 290 30.92 -7.78 14.05
N TYR A 291 29.76 -7.19 14.34
CA TYR A 291 29.60 -5.75 14.14
C TYR A 291 30.54 -4.97 15.06
N LEU A 292 30.63 -5.40 16.33
CA LEU A 292 31.53 -4.76 17.27
C LEU A 292 32.98 -4.91 16.80
N VAL A 293 33.35 -6.09 16.34
CA VAL A 293 34.72 -6.33 15.90
C VAL A 293 35.03 -5.52 14.64
N LYS A 294 34.09 -5.47 13.70
CA LYS A 294 34.33 -4.70 12.48
C LYS A 294 34.46 -3.21 12.80
N ALA A 295 33.68 -2.70 13.75
CA ALA A 295 33.85 -1.31 14.16
C ALA A 295 35.24 -1.09 14.75
N ALA A 296 35.64 -1.93 15.70
CA ALA A 296 36.98 -1.84 16.28
C ALA A 296 38.06 -1.89 15.19
N GLY A 297 37.89 -2.76 14.19
CA GLY A 297 38.88 -2.87 13.13
C GLY A 297 38.98 -1.64 12.26
N LYS A 298 37.95 -0.80 12.26
CA LYS A 298 37.97 0.47 11.54
C LYS A 298 38.21 1.66 12.48
N ASN A 299 38.73 1.39 13.68
CA ASN A 299 39.07 2.41 14.65
C ASN A 299 37.83 3.16 15.15
N ALA A 300 36.73 2.45 15.33
CA ALA A 300 35.49 3.06 15.77
C ALA A 300 34.87 2.30 16.93
N ASN A 301 34.20 3.06 17.79
CA ASN A 301 33.31 2.50 18.79
C ASN A 301 32.00 2.04 18.16
N LEU A 302 31.33 1.11 18.83
CA LEU A 302 29.98 0.69 18.46
C LEU A 302 29.01 1.09 19.57
N LEU A 303 27.99 1.86 19.22
CA LEU A 303 26.92 2.29 20.11
C LEU A 303 25.66 1.56 19.63
N MET A 304 25.29 0.49 20.34
CA MET A 304 24.26 -0.45 19.93
C MET A 304 22.99 -0.16 20.72
N ASN A 305 21.87 -0.08 20.03
CA ASN A 305 20.66 0.47 20.63
C ASN A 305 19.73 -0.59 21.18
N VAL A 306 19.03 -0.21 22.25
CA VAL A 306 17.83 -0.92 22.72
C VAL A 306 16.71 0.09 22.92
N GLY A 307 15.49 -0.30 22.55
CA GLY A 307 14.34 0.56 22.76
C GLY A 307 13.41 0.02 23.82
N PRO A 308 13.44 0.60 25.01
CA PRO A 308 12.64 0.03 26.12
C PRO A 308 11.13 0.11 25.88
N GLN A 309 10.43 -0.86 26.48
CA GLN A 309 8.98 -1.03 26.36
C GLN A 309 8.23 0.04 27.15
N PRO A 310 6.93 0.24 26.87
CA PRO A 310 6.17 1.21 27.68
C PRO A 310 5.91 0.74 29.12
N ASN A 311 6.10 -0.56 29.43
CA ASN A 311 6.03 -1.02 30.81
C ASN A 311 7.35 -0.85 31.55
N GLY A 312 8.40 -0.36 30.90
CA GLY A 312 9.64 -0.04 31.56
C GLY A 312 10.71 -1.10 31.51
N GLU A 313 10.43 -2.26 30.92
CA GLU A 313 11.46 -3.28 30.76
C GLU A 313 12.24 -3.11 29.47
N LEU A 314 13.52 -3.45 29.53
CA LEU A 314 14.28 -3.67 28.31
C LEU A 314 13.76 -4.94 27.64
N PRO A 315 13.65 -4.95 26.31
CA PRO A 315 13.19 -6.17 25.62
C PRO A 315 14.00 -7.39 26.04
N THR A 316 13.30 -8.46 26.40
CA THR A 316 14.02 -9.62 26.92
C THR A 316 14.96 -10.22 25.88
N VAL A 317 14.61 -10.18 24.60
CA VAL A 317 15.54 -10.73 23.62
C VAL A 317 16.80 -9.88 23.55
N ALA A 318 16.68 -8.57 23.72
CA ALA A 318 17.87 -7.72 23.75
C ALA A 318 18.73 -7.98 24.98
N VAL A 319 18.10 -8.18 26.14
CA VAL A 319 18.87 -8.53 27.34
C VAL A 319 19.63 -9.82 27.11
N GLN A 320 19.01 -10.80 26.43
CA GLN A 320 19.67 -12.08 26.20
C GLN A 320 20.84 -11.93 25.21
N ARG A 321 20.65 -11.15 24.14
CA ARG A 321 21.73 -10.88 23.21
C ARG A 321 22.91 -10.21 23.91
N LEU A 322 22.62 -9.19 24.72
CA LEU A 322 23.67 -8.51 25.47
C LEU A 322 24.40 -9.49 26.38
N ARG A 323 23.67 -10.38 27.04
CA ARG A 323 24.34 -11.36 27.90
C ARG A 323 25.31 -12.22 27.10
N GLU A 324 24.90 -12.67 25.91
CA GLU A 324 25.77 -13.52 25.07
C GLU A 324 26.95 -12.75 24.52
N MET A 325 26.75 -11.51 24.12
CA MET A 325 27.87 -10.61 23.81
C MET A 325 28.86 -10.59 24.96
N GLY A 326 28.36 -10.50 26.19
CA GLY A 326 29.25 -10.46 27.35
C GLY A 326 29.99 -11.76 27.58
N GLU A 327 29.35 -12.89 27.28
CA GLU A 327 30.04 -14.17 27.38
C GLU A 327 31.20 -14.26 26.41
N TRP A 328 31.08 -13.62 25.24
CA TRP A 328 32.21 -13.55 24.31
C TRP A 328 33.27 -12.56 24.80
N MET A 329 32.84 -11.40 25.29
CA MET A 329 33.77 -10.39 25.82
C MET A 329 34.58 -10.92 27.01
N LYS A 330 34.00 -11.82 27.80
CA LYS A 330 34.73 -12.37 28.93
C LYS A 330 36.01 -13.05 28.46
N ILE A 331 36.01 -13.60 27.25
CA ILE A 331 37.19 -14.24 26.66
C ILE A 331 38.01 -13.24 25.84
N TYR A 332 37.36 -12.41 25.03
CA TYR A 332 38.04 -11.69 23.95
C TYR A 332 38.18 -10.18 24.15
N ALA A 333 37.70 -9.64 25.26
CA ALA A 333 37.70 -8.19 25.42
C ALA A 333 39.07 -7.54 25.21
N PRO A 334 40.18 -8.10 25.68
CA PRO A 334 41.48 -7.45 25.45
C PRO A 334 41.84 -7.31 23.97
N THR A 335 41.19 -8.06 23.07
CA THR A 335 41.50 -7.94 21.65
C THR A 335 40.73 -6.81 20.99
N ILE A 336 39.82 -6.15 21.71
N ILE A 336 39.82 -6.17 21.73
CA ILE A 336 39.12 -5.00 21.15
CA ILE A 336 38.96 -5.11 21.23
C ILE A 336 39.17 -3.80 22.10
C ILE A 336 39.15 -3.86 22.09
N GLN A 337 38.82 -3.98 23.37
CA GLN A 337 38.93 -2.83 24.29
C GLN A 337 40.41 -2.52 24.53
N GLY A 338 40.71 -1.23 24.57
CA GLY A 338 42.09 -0.77 24.68
C GLY A 338 42.89 -0.84 23.39
N THR A 339 42.26 -1.14 22.27
CA THR A 339 42.94 -1.19 20.99
C THR A 339 42.54 -0.02 20.11
N ARG A 340 43.24 0.11 18.99
CA ARG A 340 42.89 1.02 17.91
C ARG A 340 42.80 0.20 16.62
N GLY A 341 42.19 0.77 15.59
CA GLY A 341 42.12 0.13 14.29
C GLY A 341 43.49 -0.32 13.81
N GLY A 342 43.55 -1.53 13.24
CA GLY A 342 44.81 -2.15 12.93
C GLY A 342 45.44 -1.67 11.63
N VAL A 343 46.74 -1.94 11.50
CA VAL A 343 47.48 -1.42 10.35
C VAL A 343 47.02 -2.10 9.07
N VAL A 344 46.53 -3.34 9.14
CA VAL A 344 45.87 -3.96 7.99
C VAL A 344 44.39 -3.58 8.05
N THR A 345 43.93 -2.79 7.07
CA THR A 345 42.55 -2.31 7.09
C THR A 345 41.58 -3.43 6.71
N PRO A 346 40.28 -3.22 6.95
CA PRO A 346 39.33 -4.34 6.80
C PRO A 346 39.37 -4.99 5.42
N ARG A 347 39.25 -6.32 5.42
CA ARG A 347 39.19 -7.16 4.23
C ARG A 347 37.98 -8.09 4.34
N ASP A 348 37.67 -8.79 3.25
CA ASP A 348 36.50 -9.67 3.25
C ASP A 348 36.59 -10.74 4.35
N TRP A 349 37.81 -11.15 4.73
CA TRP A 349 37.97 -12.21 5.72
C TRP A 349 37.86 -11.74 7.16
N GLY A 350 37.93 -10.43 7.42
CA GLY A 350 37.96 -9.93 8.78
C GLY A 350 38.74 -8.62 8.85
N VAL A 351 39.24 -8.33 10.06
CA VAL A 351 39.84 -7.04 10.39
C VAL A 351 41.03 -7.26 11.32
N THR A 352 41.75 -6.18 11.60
CA THR A 352 42.79 -6.22 12.62
C THR A 352 42.60 -5.04 13.57
N THR A 353 43.03 -5.24 14.81
CA THR A 353 43.14 -4.19 15.83
C THR A 353 44.55 -4.26 16.38
N GLN A 354 44.95 -3.24 17.13
CA GLN A 354 46.32 -3.20 17.60
C GLN A 354 46.47 -2.41 18.88
N LYS A 355 47.57 -2.70 19.57
CA LYS A 355 47.95 -2.02 20.81
C LYS A 355 49.45 -2.23 20.94
N GLY A 356 50.22 -1.14 20.93
CA GLY A 356 51.67 -1.26 21.07
C GLY A 356 52.29 -1.99 19.89
N LYS A 357 52.97 -3.10 20.20
CA LYS A 357 53.59 -3.96 19.19
C LYS A 357 52.72 -5.17 18.83
N THR A 358 51.48 -5.19 19.30
CA THR A 358 50.60 -6.35 19.14
C THR A 358 49.52 -6.06 18.10
N LEU A 359 49.42 -6.96 17.12
CA LEU A 359 48.37 -6.93 16.12
C LEU A 359 47.43 -8.11 16.37
N TYR A 360 46.17 -7.82 16.65
CA TYR A 360 45.14 -8.84 16.76
C TYR A 360 44.49 -9.01 15.38
N VAL A 361 44.55 -10.22 14.84
CA VAL A 361 43.98 -10.56 13.54
C VAL A 361 42.66 -11.27 13.81
N HIS A 362 41.55 -10.62 13.44
CA HIS A 362 40.20 -11.10 13.71
C HIS A 362 39.66 -11.75 12.43
N VAL A 363 39.70 -13.08 12.37
CA VAL A 363 39.20 -13.80 11.19
C VAL A 363 37.71 -14.06 11.37
N LEU A 364 36.89 -13.35 10.60
CA LEU A 364 35.45 -13.36 10.71
C LEU A 364 34.77 -14.19 9.63
N ASN A 365 35.44 -14.44 8.51
CA ASN A 365 34.78 -15.07 7.38
C ASN A 365 35.81 -15.69 6.45
N LEU A 366 36.23 -16.93 6.75
CA LEU A 366 37.31 -17.57 6.01
C LEU A 366 37.19 -19.08 6.15
N ASP A 367 37.17 -19.77 5.02
CA ASP A 367 37.19 -21.22 5.00
C ASP A 367 38.57 -21.80 4.74
N ASP A 368 39.60 -20.99 4.56
CA ASP A 368 40.93 -21.52 4.28
C ASP A 368 41.71 -21.75 5.57
N LYS A 369 42.73 -22.62 5.49
CA LYS A 369 43.64 -22.85 6.61
C LYS A 369 44.91 -22.01 6.50
N ALA A 370 44.84 -20.89 5.79
CA ALA A 370 45.95 -19.95 5.70
C ALA A 370 45.38 -18.58 5.40
N LEU A 371 46.19 -17.55 5.67
CA LEU A 371 45.77 -16.17 5.54
C LEU A 371 46.97 -15.33 5.15
N PHE A 372 46.85 -14.63 4.04
CA PHE A 372 47.85 -13.66 3.61
C PHE A 372 47.54 -12.29 4.19
N LEU A 373 48.54 -11.68 4.82
CA LEU A 373 48.43 -10.33 5.37
C LEU A 373 49.35 -9.38 4.61
N PRO A 374 48.80 -8.34 3.95
CA PRO A 374 49.62 -7.39 3.17
C PRO A 374 50.30 -6.35 4.05
N TYR A 375 51.32 -6.78 4.80
CA TYR A 375 52.02 -5.89 5.72
C TYR A 375 53.51 -6.23 5.65
N ALA A 376 54.35 -5.19 5.54
CA ALA A 376 55.78 -5.38 5.41
C ALA A 376 56.50 -4.22 6.10
N GLY A 377 57.79 -4.45 6.40
CA GLY A 377 58.64 -3.45 7.01
C GLY A 377 58.72 -3.48 8.51
N ASN A 378 58.12 -4.49 9.15
CA ASN A 378 58.14 -4.65 10.60
C ASN A 378 58.27 -6.15 10.86
N LYS A 379 59.39 -6.55 11.47
CA LYS A 379 59.65 -7.97 11.66
C LYS A 379 58.63 -8.61 12.59
N LEU A 380 58.00 -9.69 12.13
CA LEU A 380 57.09 -10.47 12.96
C LEU A 380 57.89 -11.42 13.85
N LYS A 381 57.71 -11.30 15.16
CA LYS A 381 58.48 -12.12 16.10
C LYS A 381 57.75 -13.40 16.50
N SER A 382 56.42 -13.36 16.59
CA SER A 382 55.69 -14.57 16.97
C SER A 382 54.23 -14.40 16.59
N ALA A 383 53.55 -15.53 16.43
CA ALA A 383 52.11 -15.56 16.15
C ALA A 383 51.52 -16.73 16.94
N VAL A 384 50.47 -16.46 17.71
CA VAL A 384 49.78 -17.52 18.44
C VAL A 384 48.28 -17.34 18.26
N GLU A 385 47.56 -18.41 18.57
CA GLU A 385 46.11 -18.34 18.73
C GLU A 385 45.78 -17.62 20.02
N TYR A 386 44.90 -16.62 19.95
CA TYR A 386 44.70 -15.76 21.10
C TYR A 386 44.17 -16.54 22.30
N GLN A 387 43.18 -17.41 22.06
CA GLN A 387 42.52 -18.11 23.16
C GLN A 387 43.29 -19.34 23.65
N SER A 388 43.70 -20.21 22.72
CA SER A 388 44.41 -21.43 23.10
C SER A 388 45.87 -21.18 23.46
N ARG A 389 46.46 -20.11 22.93
CA ARG A 389 47.87 -19.73 23.08
C ARG A 389 48.82 -20.59 22.25
N LYS A 390 48.31 -21.49 21.42
CA LYS A 390 49.18 -22.32 20.61
C LYS A 390 49.85 -21.52 19.49
N SER A 391 51.07 -21.93 19.14
CA SER A 391 51.80 -21.23 18.08
C SER A 391 51.14 -21.45 16.73
N VAL A 392 51.27 -20.44 15.88
CA VAL A 392 50.77 -20.43 14.51
C VAL A 392 51.99 -20.28 13.62
N ARG A 393 52.16 -21.21 12.68
CA ARG A 393 53.27 -21.12 11.74
C ARG A 393 53.09 -19.91 10.82
N PHE A 394 54.18 -19.26 10.48
CA PHE A 394 54.11 -18.14 9.56
C PHE A 394 55.35 -18.04 8.67
N ILE A 395 55.14 -17.44 7.50
CA ILE A 395 56.20 -17.09 6.55
C ILE A 395 56.12 -15.58 6.35
N GLN A 396 57.24 -14.89 6.46
CA GLN A 396 57.27 -13.45 6.22
C GLN A 396 58.34 -13.11 5.19
N ASP A 397 57.98 -12.26 4.23
CA ASP A 397 58.95 -11.70 3.28
C ASP A 397 58.51 -10.29 2.91
N ARG A 398 59.18 -9.71 1.92
CA ARG A 398 58.95 -8.32 1.56
C ARG A 398 57.54 -8.09 1.01
N ASP A 399 56.85 -9.15 0.58
CA ASP A 399 55.52 -9.00 0.01
C ASP A 399 54.40 -9.08 1.05
N GLY A 400 54.68 -9.61 2.23
CA GLY A 400 53.67 -9.76 3.25
C GLY A 400 53.96 -10.96 4.13
N ILE A 401 52.91 -11.39 4.83
CA ILE A 401 52.98 -12.46 5.81
C ILE A 401 51.93 -13.50 5.44
N LEU A 402 52.30 -14.78 5.48
CA LEU A 402 51.35 -15.88 5.32
C LEU A 402 51.28 -16.66 6.62
N LEU A 403 50.08 -16.70 7.21
CA LEU A 403 49.82 -17.49 8.40
C LEU A 403 49.21 -18.82 8.00
N LYS A 404 49.54 -19.88 8.75
CA LYS A 404 48.96 -21.20 8.48
C LYS A 404 48.31 -21.75 9.75
N PHE A 405 47.13 -22.36 9.57
CA PHE A 405 46.31 -22.81 10.68
C PHE A 405 46.12 -24.32 10.63
N THR A 406 45.95 -24.94 11.79
CA THR A 406 45.74 -26.39 11.80
C THR A 406 44.32 -26.75 11.39
N ASP A 407 43.32 -25.94 11.74
CA ASP A 407 41.92 -26.20 11.41
C ASP A 407 41.28 -25.00 10.72
N LYS A 408 40.11 -25.24 10.13
CA LYS A 408 39.33 -24.14 9.57
C LYS A 408 38.99 -23.14 10.67
N PRO A 409 39.04 -21.84 10.39
CA PRO A 409 38.69 -20.86 11.44
C PRO A 409 37.28 -21.08 12.00
N HIS A 410 37.18 -21.02 13.31
CA HIS A 410 35.88 -21.17 13.96
C HIS A 410 35.17 -19.82 14.03
N SER A 411 33.90 -19.84 14.43
CA SER A 411 33.08 -18.65 14.56
C SER A 411 32.80 -18.33 16.02
N PRO A 412 32.41 -17.08 16.33
CA PRO A 412 32.20 -15.97 15.40
C PRO A 412 33.46 -15.18 15.02
N ASP A 413 34.59 -15.46 15.65
CA ASP A 413 35.82 -14.68 15.46
C ASP A 413 37.00 -15.57 15.85
N TYR A 414 37.83 -15.92 14.90
CA TYR A 414 39.06 -16.68 15.12
C TYR A 414 40.20 -15.67 15.22
N VAL A 415 40.74 -15.50 16.42
CA VAL A 415 41.67 -14.40 16.69
C VAL A 415 43.07 -14.95 16.83
N LEU A 416 44.00 -14.34 16.08
CA LEU A 416 45.42 -14.59 16.22
C LEU A 416 46.07 -13.37 16.88
N GLU A 417 47.07 -13.61 17.73
CA GLU A 417 47.83 -12.55 18.36
C GLU A 417 49.24 -12.57 17.77
N LEU A 418 49.58 -11.51 17.03
CA LEU A 418 50.88 -11.33 16.39
C LEU A 418 51.68 -10.29 17.16
N THR A 419 52.96 -10.57 17.39
CA THR A 419 53.84 -9.68 18.13
C THR A 419 54.96 -9.24 17.21
N PHE A 420 55.08 -7.93 16.99
CA PHE A 420 56.08 -7.38 16.07
C PHE A 420 57.26 -6.77 16.83
N ALA A 421 58.36 -6.57 16.08
CA ALA A 421 59.57 -6.02 16.68
C ALA A 421 59.40 -4.54 17.03
N ASN A 422 58.64 -3.80 16.21
CA ASN A 422 58.47 -2.37 16.35
C ASN A 422 57.01 -2.03 16.60
N GLU A 423 56.78 -0.90 17.26
CA GLU A 423 55.43 -0.40 17.49
C GLU A 423 54.67 -0.27 16.18
N LEU A 424 53.41 -0.69 16.20
CA LEU A 424 52.58 -0.59 15.00
C LEU A 424 52.15 0.86 14.78
N PRO A 425 52.17 1.35 13.56
CA PRO A 425 51.82 2.76 13.31
C PRO A 425 50.31 2.97 13.29
N LEU A 426 49.92 4.21 13.57
CA LEU A 426 48.56 4.70 13.40
C LEU A 426 48.54 5.71 12.27
N ASN A 427 47.82 5.39 11.19
CA ASN A 427 48.02 6.09 9.92
C ASN A 427 47.15 7.33 9.74
N TYR B 7 -15.20 39.60 -27.95
CA TYR B 7 -15.81 38.46 -28.63
C TYR B 7 -17.33 38.56 -28.63
N THR B 8 -17.91 38.53 -29.83
CA THR B 8 -19.35 38.38 -29.99
C THR B 8 -19.54 37.20 -30.92
N PRO B 9 -20.21 36.13 -30.49
CA PRO B 9 -20.32 34.94 -31.35
C PRO B 9 -21.12 35.24 -32.60
N SER B 10 -20.70 34.64 -33.71
CA SER B 10 -21.43 34.79 -34.94
C SER B 10 -22.84 34.22 -34.80
N ALA B 11 -23.68 34.54 -35.78
CA ALA B 11 -25.04 34.00 -35.78
C ALA B 11 -25.04 32.49 -35.97
N ASP B 12 -24.08 31.96 -36.74
CA ASP B 12 -23.97 30.51 -36.92
C ASP B 12 -23.59 29.84 -35.62
N ASN B 13 -22.74 30.48 -34.83
CA ASN B 13 -22.35 29.94 -33.54
C ASN B 13 -23.53 29.90 -32.56
N LEU B 14 -24.31 30.99 -32.50
CA LEU B 14 -25.48 30.99 -31.62
C LEU B 14 -26.46 29.90 -32.01
N LYS B 15 -26.70 29.74 -33.32
CA LYS B 15 -27.46 28.63 -33.86
C LYS B 15 -26.91 27.29 -33.40
N ALA B 16 -25.59 27.11 -33.48
CA ALA B 16 -24.99 25.84 -33.04
C ALA B 16 -25.16 25.65 -31.54
N ARG B 17 -25.15 26.74 -30.76
CA ARG B 17 -25.32 26.61 -29.31
C ARG B 17 -26.71 26.08 -28.96
N GLU B 18 -27.74 26.53 -29.69
CA GLU B 18 -29.10 26.05 -29.41
C GLU B 18 -29.26 24.60 -29.83
N THR B 19 -28.67 24.23 -30.98
CA THR B 19 -28.72 22.84 -31.41
C THR B 19 -28.01 21.93 -30.41
N PHE B 20 -26.84 22.36 -29.92
CA PHE B 20 -26.12 21.61 -28.89
C PHE B 20 -27.01 21.33 -27.69
N GLN B 21 -27.65 22.37 -27.16
CA GLN B 21 -28.51 22.22 -25.99
C GLN B 21 -29.71 21.35 -26.30
N ASP B 22 -30.27 21.48 -27.50
CA ASP B 22 -31.36 20.58 -27.92
C ASP B 22 -30.91 19.13 -27.89
N ASP B 23 -29.66 18.87 -28.28
CA ASP B 23 -29.19 17.51 -28.50
C ASP B 23 -29.03 16.75 -27.18
N LYS B 24 -28.58 17.44 -26.14
CA LYS B 24 -28.54 16.98 -24.75
C LYS B 24 -27.60 15.83 -24.41
N PHE B 25 -27.18 15.02 -25.38
CA PHE B 25 -26.54 13.74 -25.10
C PHE B 25 -25.48 13.45 -26.14
N GLY B 26 -24.22 13.30 -25.69
CA GLY B 26 -23.13 12.90 -26.56
C GLY B 26 -22.29 11.83 -25.89
N ILE B 27 -21.41 11.22 -26.70
CA ILE B 27 -20.54 10.15 -26.21
C ILE B 27 -19.08 10.59 -26.33
N PHE B 28 -18.36 10.54 -25.20
CA PHE B 28 -16.93 10.81 -25.12
C PHE B 28 -16.17 9.54 -25.49
N ILE B 29 -15.05 9.70 -26.21
CA ILE B 29 -14.19 8.57 -26.56
C ILE B 29 -12.76 8.96 -26.26
N HIS B 30 -12.12 8.26 -25.31
CA HIS B 30 -10.71 8.42 -25.00
C HIS B 30 -9.98 7.21 -25.56
N TRP B 31 -9.19 7.42 -26.61
CA TRP B 31 -8.49 6.34 -27.28
C TRP B 31 -7.09 6.79 -27.66
N GLY B 32 -6.11 5.94 -27.39
CA GLY B 32 -4.73 6.24 -27.71
C GLY B 32 -3.91 5.00 -27.43
N ILE B 33 -2.59 5.13 -27.60
CA ILE B 33 -1.74 3.98 -27.35
C ILE B 33 -1.71 3.60 -25.89
N TYR B 34 -2.17 4.49 -25.01
CA TYR B 34 -2.35 4.11 -23.62
C TYR B 34 -3.37 2.98 -23.47
N SER B 35 -4.23 2.77 -24.46
N SER B 35 -4.23 2.77 -24.46
CA SER B 35 -5.17 1.66 -24.40
CA SER B 35 -5.17 1.67 -24.40
C SER B 35 -4.44 0.32 -24.34
C SER B 35 -4.46 0.31 -24.39
N MET B 36 -3.23 0.24 -24.91
CA MET B 36 -2.48 -1.00 -24.85
C MET B 36 -2.09 -1.35 -23.41
N LEU B 37 -1.60 -0.36 -22.66
CA LEU B 37 -1.25 -0.62 -21.27
C LEU B 37 -2.49 -0.82 -20.40
N ALA B 38 -3.65 -0.34 -20.86
CA ALA B 38 -4.95 -0.63 -20.26
C ALA B 38 -4.98 -0.32 -18.77
N ASP B 39 -4.34 0.78 -18.39
CA ASP B 39 -4.35 1.25 -17.01
C ASP B 39 -4.66 2.73 -16.94
N GLY B 40 -5.46 3.24 -17.87
CA GLY B 40 -5.86 4.63 -17.84
C GLY B 40 -4.97 5.50 -18.73
N GLU B 41 -5.54 6.64 -19.13
CA GLU B 41 -4.86 7.56 -20.03
C GLU B 41 -3.73 8.33 -19.36
N TRP B 42 -3.70 8.39 -18.03
CA TRP B 42 -2.66 9.10 -17.29
C TRP B 42 -1.43 8.24 -17.01
N VAL B 43 -1.37 7.02 -17.52
CA VAL B 43 -0.36 6.07 -17.06
C VAL B 43 1.06 6.60 -17.26
N MET B 44 1.31 7.36 -18.33
CA MET B 44 2.66 7.84 -18.59
C MET B 44 3.18 8.75 -17.47
N HIS B 45 2.32 9.62 -16.95
CA HIS B 45 2.70 10.42 -15.80
C HIS B 45 2.62 9.62 -14.51
N ASN B 46 1.52 8.90 -14.31
CA ASN B 46 1.30 8.16 -13.07
C ASN B 46 2.47 7.24 -12.71
N LYS B 47 3.03 6.55 -13.71
CA LYS B 47 4.12 5.62 -13.50
C LYS B 47 5.46 6.16 -13.99
N ASN B 48 5.55 7.46 -14.22
CA ASN B 48 6.80 8.12 -14.63
C ASN B 48 7.51 7.33 -15.72
N LEU B 49 6.77 7.10 -16.79
CA LEU B 49 7.28 6.31 -17.91
C LEU B 49 8.15 7.20 -18.78
N ASN B 50 9.31 6.70 -19.16
CA ASN B 50 10.22 7.43 -20.03
C ASN B 50 9.58 7.68 -21.40
N TRP B 51 9.66 8.92 -21.88
CA TRP B 51 8.94 9.30 -23.10
C TRP B 51 9.38 8.45 -24.28
N GLU B 52 10.66 8.09 -24.35
CA GLU B 52 11.17 7.25 -25.45
C GLU B 52 10.71 5.81 -25.32
N GLU B 53 10.73 5.26 -24.10
CA GLU B 53 10.26 3.89 -23.89
C GLU B 53 8.76 3.76 -24.18
N TYR B 54 7.98 4.73 -23.70
CA TYR B 54 6.54 4.73 -23.99
C TYR B 54 6.28 4.79 -25.49
N ALA B 55 7.06 5.60 -26.20
CA ALA B 55 6.84 5.76 -27.64
C ALA B 55 7.09 4.45 -28.39
N LYS B 56 7.91 3.56 -27.85
CA LYS B 56 8.13 2.28 -28.51
C LYS B 56 6.84 1.46 -28.61
N LEU B 57 5.84 1.75 -27.77
CA LEU B 57 4.57 1.04 -27.87
C LEU B 57 3.89 1.26 -29.22
N ALA B 58 4.08 2.44 -29.82
CA ALA B 58 3.34 2.78 -31.03
C ALA B 58 3.58 1.75 -32.13
N SER B 59 4.80 1.24 -32.27
CA SER B 59 5.09 0.30 -33.35
C SER B 59 4.51 -1.09 -33.10
N GLY B 60 3.83 -1.30 -31.98
CA GLY B 60 3.03 -2.48 -31.76
C GLY B 60 1.54 -2.23 -31.69
N PHE B 61 1.07 -1.03 -32.01
CA PHE B 61 -0.34 -0.67 -31.89
C PHE B 61 -1.07 -1.08 -33.15
N TYR B 62 -2.02 -2.00 -33.03
CA TYR B 62 -2.72 -2.55 -34.19
C TYR B 62 -4.14 -2.93 -33.80
N PRO B 63 -5.04 -1.93 -33.72
CA PRO B 63 -6.43 -2.22 -33.35
C PRO B 63 -7.22 -2.87 -34.47
N ALA B 64 -6.93 -4.14 -34.74
CA ALA B 64 -7.38 -4.77 -35.96
C ALA B 64 -8.91 -4.86 -36.05
N LYS B 65 -9.62 -4.89 -34.92
CA LYS B 65 -11.08 -4.98 -34.96
C LYS B 65 -11.76 -3.61 -34.98
N PHE B 66 -11.01 -2.54 -35.16
CA PHE B 66 -11.61 -1.22 -35.31
C PHE B 66 -12.51 -1.18 -36.54
N ASN B 67 -13.68 -0.58 -36.39
CA ASN B 67 -14.59 -0.37 -37.51
C ASN B 67 -15.39 0.89 -37.20
N ALA B 68 -15.09 1.96 -37.95
CA ALA B 68 -15.73 3.23 -37.65
C ALA B 68 -17.25 3.16 -37.83
N ALA B 69 -17.73 2.38 -38.79
CA ALA B 69 -19.18 2.31 -38.99
C ALA B 69 -19.87 1.67 -37.79
N GLU B 70 -19.27 0.60 -37.25
CA GLU B 70 -19.85 -0.07 -36.10
C GLU B 70 -19.83 0.82 -34.86
N TRP B 71 -18.73 1.55 -34.66
CA TRP B 71 -18.65 2.47 -33.53
C TRP B 71 -19.77 3.51 -33.61
N VAL B 72 -19.91 4.17 -34.77
CA VAL B 72 -20.86 5.25 -34.89
C VAL B 72 -22.28 4.73 -34.77
N ALA B 73 -22.53 3.54 -35.32
CA ALA B 73 -23.87 2.96 -35.23
C ALA B 73 -24.23 2.58 -33.80
N ALA B 74 -23.28 2.03 -33.04
CA ALA B 74 -23.55 1.69 -31.65
C ALA B 74 -23.85 2.94 -30.83
N ILE B 75 -23.17 4.04 -31.15
CA ILE B 75 -23.39 5.31 -30.44
C ILE B 75 -24.70 5.94 -30.89
N LYS B 76 -24.96 5.95 -32.20
CA LYS B 76 -26.24 6.50 -32.67
C LYS B 76 -27.41 5.76 -32.05
N ALA B 77 -27.26 4.46 -31.80
CA ALA B 77 -28.38 3.67 -31.30
C ALA B 77 -28.77 4.03 -29.87
N SER B 78 -27.93 4.79 -29.15
CA SER B 78 -28.22 5.23 -27.80
C SER B 78 -29.12 6.45 -27.72
N GLY B 79 -29.39 7.11 -28.85
CA GLY B 79 -30.00 8.42 -28.87
C GLY B 79 -29.02 9.57 -28.85
N ALA B 80 -27.74 9.32 -28.59
CA ALA B 80 -26.73 10.37 -28.60
C ALA B 80 -26.64 11.00 -29.98
N LYS B 81 -26.32 12.30 -29.99
CA LYS B 81 -26.33 13.09 -31.21
C LYS B 81 -24.94 13.54 -31.65
N TYR B 82 -23.92 13.35 -30.80
CA TYR B 82 -22.57 13.79 -31.14
C TYR B 82 -21.55 12.94 -30.40
N ILE B 83 -20.33 12.96 -30.93
CA ILE B 83 -19.19 12.25 -30.37
C ILE B 83 -18.06 13.24 -30.14
N THR B 84 -17.40 13.12 -28.99
CA THR B 84 -16.20 13.89 -28.70
C THR B 84 -15.05 12.91 -28.57
N ILE B 85 -14.07 13.00 -29.46
CA ILE B 85 -12.98 12.03 -29.46
C ILE B 85 -11.63 12.72 -29.26
N THR B 86 -10.74 12.02 -28.57
CA THR B 86 -9.39 12.53 -28.30
C THR B 86 -8.57 12.55 -29.59
N SER B 87 -8.32 13.75 -30.12
CA SER B 87 -7.38 13.88 -31.24
C SER B 87 -5.94 13.74 -30.78
N ARG B 88 -5.66 14.16 -29.54
CA ARG B 88 -4.32 14.10 -28.96
C ARG B 88 -4.49 14.35 -27.46
N HIS B 89 -4.04 13.45 -26.60
CA HIS B 89 -4.18 13.59 -25.17
C HIS B 89 -2.84 13.99 -24.55
N HIS B 90 -2.73 13.87 -23.22
CA HIS B 90 -1.57 14.42 -22.52
C HIS B 90 -0.28 13.76 -22.95
N ASP B 91 -0.33 12.49 -23.38
CA ASP B 91 0.88 11.79 -23.81
C ASP B 91 1.42 12.30 -25.13
N GLY B 92 0.71 13.20 -25.81
CA GLY B 92 1.24 13.82 -27.00
C GLY B 92 1.15 13.02 -28.28
N PHE B 93 0.52 11.86 -28.24
CA PHE B 93 0.36 11.04 -29.45
C PHE B 93 -0.85 11.51 -30.24
N SER B 94 -0.66 11.78 -31.53
CA SER B 94 -1.73 12.27 -32.39
C SER B 94 -2.46 11.11 -33.06
N MET B 95 -3.77 11.03 -32.84
CA MET B 95 -4.63 10.00 -33.41
C MET B 95 -5.16 10.36 -34.80
N TYR B 96 -4.41 11.17 -35.55
CA TYR B 96 -4.83 11.61 -36.88
C TYR B 96 -3.58 11.87 -37.71
N ALA B 97 -3.77 12.09 -39.00
CA ALA B 97 -2.63 12.20 -39.93
C ALA B 97 -2.05 13.62 -39.92
N THR B 98 -1.49 13.98 -38.76
CA THR B 98 -0.83 15.26 -38.64
C THR B 98 0.48 15.27 -39.43
N GLN B 99 0.84 16.45 -39.93
CA GLN B 99 2.16 16.69 -40.51
C GLN B 99 3.04 17.51 -39.60
N GLN B 100 2.64 17.72 -38.35
CA GLN B 100 3.42 18.49 -37.40
C GLN B 100 4.34 17.63 -36.55
N SER B 101 4.13 16.31 -36.55
CA SER B 101 4.96 15.39 -35.80
C SER B 101 4.77 14.01 -36.41
N ASP B 102 5.85 13.24 -36.47
CA ASP B 102 5.75 11.86 -36.93
C ASP B 102 5.20 10.91 -35.88
N TYR B 103 4.95 11.40 -34.67
CA TYR B 103 4.42 10.61 -33.57
C TYR B 103 2.90 10.61 -33.71
N ASN B 104 2.41 9.82 -34.67
CA ASN B 104 0.97 9.78 -34.92
C ASN B 104 0.54 8.39 -35.40
N ILE B 105 -0.78 8.17 -35.39
CA ILE B 105 -1.37 6.87 -35.71
C ILE B 105 -1.00 6.39 -37.10
N VAL B 106 -0.76 7.31 -38.05
CA VAL B 106 -0.49 6.87 -39.41
C VAL B 106 0.97 6.48 -39.59
N ASP B 107 1.88 7.32 -39.12
CA ASP B 107 3.30 7.17 -39.40
C ASP B 107 4.02 6.28 -38.40
N ALA B 108 3.54 6.20 -37.17
CA ALA B 108 4.30 5.57 -36.09
C ALA B 108 3.81 4.18 -35.72
N THR B 109 2.69 3.73 -36.27
CA THR B 109 2.14 2.43 -35.93
C THR B 109 2.00 1.58 -37.19
N PRO B 110 1.96 0.25 -37.04
CA PRO B 110 1.67 -0.61 -38.19
C PRO B 110 0.22 -0.53 -38.65
N PHE B 111 -0.67 0.10 -37.86
CA PHE B 111 -2.07 0.23 -38.27
C PHE B 111 -2.20 1.14 -39.47
N LYS B 112 -1.41 2.22 -39.51
CA LYS B 112 -1.22 3.05 -40.70
C LYS B 112 -2.49 3.74 -41.17
N ARG B 113 -3.48 3.93 -40.30
CA ARG B 113 -4.79 4.44 -40.69
C ARG B 113 -5.21 5.61 -39.82
N ASP B 114 -5.76 6.64 -40.46
CA ASP B 114 -6.23 7.84 -39.77
C ASP B 114 -7.63 7.57 -39.25
N VAL B 115 -7.70 7.12 -37.99
CA VAL B 115 -8.98 6.71 -37.41
C VAL B 115 -9.93 7.88 -37.28
N ILE B 116 -9.41 9.09 -37.05
CA ILE B 116 -10.30 10.24 -36.93
C ILE B 116 -10.94 10.55 -38.28
N HIS B 117 -10.22 10.31 -39.38
CA HIS B 117 -10.82 10.59 -40.67
C HIS B 117 -11.87 9.53 -41.01
N GLU B 118 -11.62 8.29 -40.60
CA GLU B 118 -12.62 7.24 -40.82
C GLU B 118 -13.87 7.50 -39.99
N LEU B 119 -13.70 7.99 -38.76
CA LEU B 119 -14.86 8.32 -37.94
C LEU B 119 -15.59 9.54 -38.47
N ALA B 120 -14.87 10.57 -38.91
CA ALA B 120 -15.53 11.76 -39.44
C ALA B 120 -16.43 11.38 -40.60
N ASP B 121 -15.97 10.47 -41.46
CA ASP B 121 -16.73 10.02 -42.62
C ASP B 121 -18.01 9.30 -42.19
N GLU B 122 -17.91 8.40 -41.22
CA GLU B 122 -19.11 7.69 -40.76
C GLU B 122 -20.03 8.61 -39.98
N CYS B 123 -19.47 9.50 -39.17
CA CYS B 123 -20.30 10.48 -38.48
C CYS B 123 -21.16 11.26 -39.47
N ARG B 124 -20.54 11.72 -40.57
CA ARG B 124 -21.28 12.53 -41.52
C ARG B 124 -22.34 11.71 -42.23
N LYS B 125 -22.00 10.46 -42.60
CA LYS B 125 -22.94 9.59 -43.29
C LYS B 125 -24.11 9.18 -42.40
N GLN B 126 -23.90 9.02 -41.10
CA GLN B 126 -24.95 8.55 -40.21
C GLN B 126 -25.67 9.67 -39.46
N GLY B 127 -25.28 10.93 -39.69
CA GLY B 127 -25.97 12.05 -39.08
C GLY B 127 -25.58 12.36 -37.65
N ILE B 128 -24.32 12.10 -37.29
CA ILE B 128 -23.81 12.35 -35.94
C ILE B 128 -22.74 13.43 -36.05
N ARG B 129 -22.77 14.38 -35.13
CA ARG B 129 -21.81 15.49 -35.16
C ARG B 129 -20.51 15.10 -34.46
N LEU B 130 -19.40 15.66 -34.94
CA LEU B 130 -18.08 15.28 -34.46
C LEU B 130 -17.41 16.45 -33.73
N HIS B 131 -17.06 16.21 -32.47
CA HIS B 131 -16.32 17.15 -31.63
C HIS B 131 -14.93 16.58 -31.35
N LEU B 132 -13.94 17.46 -31.26
CA LEU B 132 -12.55 17.04 -31.10
C LEU B 132 -11.97 17.55 -29.79
N TYR B 133 -11.54 16.62 -28.94
CA TYR B 133 -10.75 16.92 -27.76
C TYR B 133 -9.30 17.18 -28.17
N TYR B 134 -8.69 18.20 -27.58
CA TYR B 134 -7.30 18.57 -27.86
C TYR B 134 -6.62 19.01 -26.57
N SER B 135 -5.50 18.37 -26.22
CA SER B 135 -4.80 18.64 -24.97
C SER B 135 -3.85 19.84 -25.10
N HIS B 136 -4.03 20.83 -24.22
CA HIS B 136 -3.00 21.85 -24.05
C HIS B 136 -1.75 21.28 -23.38
N LEU B 137 -1.88 20.21 -22.61
CA LEU B 137 -0.79 19.64 -21.84
C LEU B 137 -0.06 18.59 -22.68
N ASP B 138 1.27 18.55 -22.55
CA ASP B 138 2.09 17.62 -23.32
C ASP B 138 3.22 17.09 -22.45
N TRP B 139 3.22 15.77 -22.24
CA TRP B 139 4.22 15.10 -21.41
C TRP B 139 5.44 14.64 -22.21
N ARG B 140 5.40 14.77 -23.54
CA ARG B 140 6.45 14.29 -24.40
C ARG B 140 7.34 15.41 -24.93
N ARG B 141 6.75 16.50 -25.40
CA ARG B 141 7.50 17.50 -26.16
C ARG B 141 8.42 18.30 -25.25
N ASP B 142 9.66 18.53 -25.69
CA ASP B 142 10.57 19.30 -24.89
C ASP B 142 10.29 20.81 -24.95
N ASP B 143 9.51 21.27 -25.94
CA ASP B 143 9.16 22.69 -26.01
C ASP B 143 7.92 23.03 -25.17
N TYR B 144 7.35 22.05 -24.47
CA TYR B 144 6.42 22.31 -23.37
C TYR B 144 7.30 22.66 -22.16
N TYR B 145 7.75 23.92 -22.12
CA TYR B 145 8.69 24.37 -21.11
C TYR B 145 8.40 25.82 -20.81
N PRO B 146 8.44 26.24 -19.54
CA PRO B 146 8.71 25.45 -18.33
C PRO B 146 7.65 24.39 -18.06
N LEU B 147 7.95 23.42 -17.21
CA LEU B 147 6.99 22.40 -16.83
C LEU B 147 5.99 22.95 -15.82
N GLY B 148 4.80 22.35 -15.80
CA GLY B 148 3.82 22.58 -14.76
C GLY B 148 3.95 21.52 -13.68
N ARG B 149 2.84 21.07 -13.09
CA ARG B 149 2.97 20.13 -11.97
C ARG B 149 3.04 18.67 -12.38
N THR B 150 2.59 18.32 -13.59
CA THR B 150 2.66 16.95 -14.06
C THR B 150 3.80 16.78 -15.06
N GLY B 151 4.06 15.51 -15.40
CA GLY B 151 5.05 15.19 -16.41
C GLY B 151 6.49 15.42 -15.99
N LYS B 152 6.76 15.62 -14.70
CA LYS B 152 8.14 15.85 -14.30
C LYS B 152 8.97 14.57 -14.36
N GLY B 153 8.32 13.41 -14.37
CA GLY B 153 9.02 12.14 -14.34
C GLY B 153 9.14 11.42 -15.66
N THR B 154 8.82 12.05 -16.77
CA THR B 154 8.81 11.36 -18.06
C THR B 154 10.16 11.43 -18.78
N GLY B 155 11.22 11.85 -18.11
CA GLY B 155 12.56 11.67 -18.62
C GLY B 155 13.04 12.66 -19.65
N ARG B 156 12.35 13.80 -19.81
CA ARG B 156 12.85 14.82 -20.71
C ARG B 156 14.13 15.44 -20.16
N THR B 157 15.11 15.64 -21.05
CA THR B 157 16.39 16.22 -20.65
C THR B 157 16.85 17.35 -21.56
N THR B 158 16.07 17.72 -22.56
CA THR B 158 16.32 18.88 -23.40
C THR B 158 15.21 19.89 -23.17
N GLN B 159 15.49 21.15 -23.50
CA GLN B 159 14.54 22.24 -23.27
C GLN B 159 14.33 23.03 -24.55
N GLY B 160 13.07 23.16 -24.97
CA GLY B 160 12.68 24.02 -26.05
C GLY B 160 11.98 25.27 -25.58
N LYS B 161 11.27 25.91 -26.51
CA LYS B 161 10.65 27.22 -26.29
C LYS B 161 9.14 27.16 -26.38
N TRP B 162 8.47 27.73 -25.37
CA TRP B 162 7.01 27.74 -25.33
C TRP B 162 6.40 28.31 -26.60
N GLU B 163 7.07 29.28 -27.21
CA GLU B 163 6.55 29.91 -28.42
C GLU B 163 6.43 28.89 -29.55
N ASP B 164 7.37 27.95 -29.64
CA ASP B 164 7.33 26.91 -30.65
C ASP B 164 6.27 25.85 -30.33
N TYR B 165 6.02 25.60 -29.04
CA TYR B 165 4.94 24.70 -28.68
C TYR B 165 3.59 25.33 -29.02
N CYS B 166 3.43 26.62 -28.75
CA CYS B 166 2.19 27.30 -29.12
C CYS B 166 1.97 27.28 -30.63
N ALA B 167 3.04 27.48 -31.41
CA ALA B 167 2.92 27.39 -32.87
C ALA B 167 2.55 25.97 -33.29
N PHE B 168 3.11 24.97 -32.63
CA PHE B 168 2.70 23.58 -32.87
C PHE B 168 1.19 23.40 -32.69
N MET B 169 0.65 23.90 -31.57
CA MET B 169 -0.77 23.71 -31.30
C MET B 169 -1.61 24.42 -32.36
N ASN B 170 -1.23 25.64 -32.75
CA ASN B 170 -1.94 26.34 -33.80
C ASN B 170 -1.96 25.54 -35.10
N ASN B 171 -0.81 24.98 -35.48
CA ASN B 171 -0.72 24.24 -36.72
C ASN B 171 -1.55 22.97 -36.69
N GLN B 172 -1.63 22.32 -35.54
CA GLN B 172 -2.48 21.14 -35.43
C GLN B 172 -3.96 21.52 -35.49
N LEU B 173 -4.35 22.56 -34.73
CA LEU B 173 -5.73 23.01 -34.78
C LEU B 173 -6.15 23.33 -36.21
N THR B 174 -5.25 23.94 -36.99
CA THR B 174 -5.55 24.24 -38.39
C THR B 174 -5.81 22.97 -39.19
N GLU B 175 -4.98 21.94 -38.99
CA GLU B 175 -5.22 20.67 -39.66
C GLU B 175 -6.59 20.12 -39.32
N LEU B 176 -6.91 20.07 -38.02
CA LEU B 176 -8.15 19.46 -37.57
C LEU B 176 -9.38 20.18 -38.11
N LEU B 177 -9.30 21.50 -38.27
CA LEU B 177 -10.45 22.32 -38.64
C LEU B 177 -10.51 22.56 -40.13
N THR B 178 -9.66 21.87 -40.90
CA THR B 178 -9.53 22.03 -42.34
C THR B 178 -9.73 20.73 -43.10
N ASN B 179 -9.23 19.62 -42.57
CA ASN B 179 -9.12 18.37 -43.31
C ASN B 179 -10.14 17.32 -42.89
N TYR B 180 -11.05 17.64 -41.97
CA TYR B 180 -11.95 16.65 -41.41
C TYR B 180 -13.41 17.11 -41.49
N GLY B 181 -13.73 17.99 -42.44
CA GLY B 181 -15.10 18.44 -42.58
C GLY B 181 -15.53 19.35 -41.44
N LEU B 182 -16.85 19.49 -41.29
CA LEU B 182 -17.39 20.35 -40.24
C LEU B 182 -17.15 19.75 -38.87
N ILE B 183 -16.65 20.57 -37.96
CA ILE B 183 -16.31 20.15 -36.60
C ILE B 183 -17.24 20.91 -35.66
N GLY B 184 -17.97 20.16 -34.83
CA GLY B 184 -18.95 20.79 -33.97
C GLY B 184 -18.37 21.51 -32.78
N ALA B 185 -17.21 21.06 -32.28
CA ALA B 185 -16.60 21.69 -31.13
C ALA B 185 -15.14 21.28 -31.01
N ILE B 186 -14.34 22.20 -30.48
CA ILE B 186 -13.01 21.92 -29.96
C ILE B 186 -13.11 21.93 -28.44
N TRP B 187 -12.60 20.88 -27.81
CA TRP B 187 -12.76 20.60 -26.38
C TRP B 187 -11.34 20.58 -25.80
N PHE B 188 -10.92 21.70 -25.23
CA PHE B 188 -9.57 21.84 -24.71
C PHE B 188 -9.49 21.30 -23.28
N ASP B 189 -8.30 20.84 -22.90
CA ASP B 189 -8.05 20.28 -21.57
C ASP B 189 -6.57 20.43 -21.24
N GLY B 190 -6.27 20.61 -19.96
CA GLY B 190 -4.91 20.51 -19.46
C GLY B 190 -4.29 21.81 -18.99
N MET B 191 -4.91 22.96 -19.23
CA MET B 191 -4.36 24.24 -18.79
C MET B 191 -4.17 24.33 -17.29
N TRP B 192 -4.95 23.58 -16.50
CA TRP B 192 -4.75 23.52 -15.07
C TRP B 192 -3.36 23.01 -14.67
N ASP B 193 -2.61 22.42 -15.59
CA ASP B 193 -1.27 21.92 -15.25
C ASP B 193 -0.37 23.02 -14.71
N LYS B 194 -0.64 24.28 -15.05
CA LYS B 194 0.25 25.36 -14.66
C LYS B 194 -0.39 26.26 -13.61
N ASP B 195 -1.47 25.79 -12.97
CA ASP B 195 -2.07 26.55 -11.88
C ASP B 195 -1.14 26.73 -10.69
N ILE B 196 0.03 26.11 -10.70
CA ILE B 196 1.00 26.32 -9.62
C ILE B 196 1.73 27.65 -9.73
N TYR B 197 1.73 28.28 -10.89
CA TYR B 197 2.39 29.54 -11.15
C TYR B 197 1.42 30.70 -11.02
N PRO B 198 1.91 31.87 -10.61
CA PRO B 198 0.99 33.03 -10.48
C PRO B 198 0.21 33.37 -11.73
N ASP B 199 0.87 33.48 -12.88
CA ASP B 199 0.20 33.71 -14.16
C ASP B 199 -0.13 32.40 -14.89
N GLY B 200 -0.20 31.28 -14.17
CA GLY B 200 -0.33 29.99 -14.83
C GLY B 200 -1.66 29.73 -15.49
N MET B 201 -2.73 30.41 -15.05
CA MET B 201 -4.07 30.17 -15.56
C MET B 201 -4.61 31.38 -16.34
N THR B 202 -3.73 32.15 -16.96
CA THR B 202 -4.13 33.33 -17.72
C THR B 202 -4.26 32.97 -19.20
N ALA B 203 -5.10 33.74 -19.90
CA ALA B 203 -5.24 33.56 -21.34
C ALA B 203 -3.94 33.85 -22.07
N LYS B 204 -3.17 34.83 -21.58
CA LYS B 204 -1.87 35.14 -22.17
C LYS B 204 -0.94 33.94 -22.09
N THR B 205 -0.81 33.33 -20.91
CA THR B 205 0.10 32.20 -20.77
C THR B 205 -0.21 31.10 -21.79
N TRP B 206 -1.49 30.83 -22.04
CA TRP B 206 -1.88 29.68 -22.86
C TRP B 206 -2.24 30.06 -24.30
N ASN B 207 -2.00 31.31 -24.69
CA ASN B 207 -2.22 31.78 -26.06
C ASN B 207 -3.68 31.60 -26.50
N LEU B 208 -4.61 31.70 -25.56
CA LEU B 208 -5.98 31.31 -25.85
C LEU B 208 -6.63 32.23 -26.88
N ASN B 209 -6.37 33.54 -26.82
CA ASN B 209 -7.06 34.45 -27.73
C ASN B 209 -6.68 34.13 -29.17
N GLU B 210 -5.38 33.95 -29.44
CA GLU B 210 -4.97 33.58 -30.79
C GLU B 210 -5.57 32.24 -31.19
N GLN B 211 -5.62 31.29 -30.25
CA GLN B 211 -6.20 29.97 -30.54
C GLN B 211 -7.69 30.08 -30.85
N TYR B 212 -8.45 30.76 -29.98
CA TYR B 212 -9.89 30.85 -30.17
C TYR B 212 -10.23 31.57 -31.48
N THR B 213 -9.53 32.67 -31.78
CA THR B 213 -9.80 33.40 -33.02
C THR B 213 -9.52 32.52 -34.24
N LEU B 214 -8.45 31.73 -34.19
CA LEU B 214 -8.14 30.82 -35.28
C LEU B 214 -9.27 29.83 -35.50
N ILE B 215 -9.74 29.21 -34.41
CA ILE B 215 -10.82 28.23 -34.53
C ILE B 215 -12.04 28.87 -35.20
N HIS B 216 -12.50 30.00 -34.67
CA HIS B 216 -13.71 30.62 -35.17
C HIS B 216 -13.51 31.21 -36.56
N ARG B 217 -12.27 31.51 -36.94
CA ARG B 217 -11.99 31.97 -38.30
C ARG B 217 -12.20 30.85 -39.31
N LEU B 218 -11.69 29.66 -39.01
CA LEU B 218 -11.81 28.54 -39.94
C LEU B 218 -13.24 27.98 -39.96
N GLN B 219 -13.86 27.84 -38.78
CA GLN B 219 -15.23 27.31 -38.68
C GLN B 219 -16.02 28.14 -37.68
N PRO B 220 -16.62 29.24 -38.14
CA PRO B 220 -17.33 30.14 -37.20
C PRO B 220 -18.36 29.44 -36.33
N ALA B 221 -19.00 28.38 -36.81
CA ALA B 221 -20.02 27.69 -36.04
C ALA B 221 -19.45 26.71 -35.03
N CYS B 222 -18.14 26.48 -35.03
CA CYS B 222 -17.54 25.54 -34.10
C CYS B 222 -17.58 26.10 -32.69
N LEU B 223 -18.05 25.29 -31.75
CA LEU B 223 -18.10 25.68 -30.35
C LEU B 223 -16.79 25.37 -29.66
N ILE B 224 -16.39 26.24 -28.73
CA ILE B 224 -15.14 26.07 -27.98
C ILE B 224 -15.46 25.81 -26.52
N GLY B 225 -14.97 24.70 -26.00
CA GLY B 225 -15.00 24.43 -24.57
C GLY B 225 -13.57 24.27 -24.07
N ASN B 226 -13.37 24.59 -22.78
CA ASN B 226 -12.06 24.50 -22.14
C ASN B 226 -12.28 23.98 -20.72
N ASN B 227 -11.77 22.77 -20.43
CA ASN B 227 -11.98 22.11 -19.14
C ASN B 227 -11.00 22.61 -18.08
N HIS B 228 -11.07 23.92 -17.82
CA HIS B 228 -10.21 24.55 -16.84
C HIS B 228 -10.80 24.62 -15.45
N HIS B 229 -12.09 24.30 -15.30
CA HIS B 229 -12.74 24.25 -13.99
C HIS B 229 -12.95 25.64 -13.38
N ILE B 230 -12.86 26.71 -14.18
CA ILE B 230 -13.06 28.06 -13.66
C ILE B 230 -14.00 28.86 -14.55
N THR B 231 -14.06 30.18 -14.35
CA THR B 231 -14.92 31.02 -15.15
C THR B 231 -14.52 30.93 -16.63
N PRO B 232 -15.46 30.69 -17.55
CA PRO B 232 -15.06 30.58 -18.96
C PRO B 232 -14.40 31.84 -19.46
N PHE B 233 -13.37 31.66 -20.29
CA PHE B 233 -12.68 32.79 -20.91
C PHE B 233 -13.48 33.28 -22.11
N ALA B 234 -13.43 34.60 -22.34
CA ALA B 234 -14.02 35.17 -23.55
C ALA B 234 -13.56 34.37 -24.77
N GLY B 235 -14.52 34.01 -25.62
CA GLY B 235 -14.26 33.18 -26.77
C GLY B 235 -14.79 31.77 -26.65
N GLU B 236 -14.96 31.28 -25.43
CA GLU B 236 -15.57 29.97 -25.20
C GLU B 236 -17.08 30.04 -25.42
N ASP B 237 -17.63 28.94 -25.95
CA ASP B 237 -19.04 28.84 -26.26
C ASP B 237 -19.78 27.79 -25.44
N ILE B 238 -19.07 26.91 -24.75
CA ILE B 238 -19.70 25.99 -23.81
C ILE B 238 -18.90 25.98 -22.52
N GLN B 239 -19.58 25.64 -21.44
CA GLN B 239 -18.94 25.48 -20.13
C GLN B 239 -19.01 24.03 -19.69
N ILE B 240 -17.90 23.53 -19.19
CA ILE B 240 -17.73 22.11 -18.87
C ILE B 240 -17.68 21.94 -17.36
N PHE B 241 -18.46 20.98 -16.86
CA PHE B 241 -18.39 20.50 -15.48
C PHE B 241 -17.95 19.05 -15.51
N GLU B 242 -16.81 18.77 -14.87
CA GLU B 242 -16.20 17.44 -14.92
C GLU B 242 -16.68 16.59 -13.75
N ARG B 243 -17.39 15.51 -14.06
CA ARG B 243 -17.90 14.54 -13.10
C ARG B 243 -18.87 15.15 -12.08
N ASP B 244 -19.52 16.25 -12.43
CA ASP B 244 -20.56 16.78 -11.58
C ASP B 244 -21.59 17.51 -12.44
N LEU B 245 -22.83 17.49 -11.98
CA LEU B 245 -23.84 18.37 -12.53
C LEU B 245 -23.51 19.82 -12.17
N PRO B 246 -23.93 20.78 -12.97
CA PRO B 246 -23.69 22.18 -12.62
C PRO B 246 -24.23 22.46 -11.22
N GLY B 247 -23.45 23.17 -10.42
CA GLY B 247 -23.83 23.51 -9.06
C GLY B 247 -23.51 22.46 -8.01
N GLU B 248 -23.03 21.29 -8.40
CA GLU B 248 -22.63 20.24 -7.47
C GLU B 248 -21.12 20.05 -7.53
N ASN B 249 -20.56 19.47 -6.47
CA ASN B 249 -19.12 19.26 -6.40
C ASN B 249 -18.78 17.99 -5.62
N LYS B 250 -19.55 16.93 -5.86
CA LYS B 250 -19.31 15.67 -5.16
C LYS B 250 -17.99 15.05 -5.56
N ALA B 251 -17.50 15.32 -6.77
CA ALA B 251 -16.25 14.77 -7.26
C ALA B 251 -15.05 15.68 -7.01
N GLY B 252 -15.27 16.90 -6.54
CA GLY B 252 -14.16 17.75 -6.16
C GLY B 252 -13.45 18.46 -7.29
N LEU B 253 -13.94 18.37 -8.52
CA LEU B 253 -13.31 19.04 -9.65
C LEU B 253 -14.10 20.25 -10.14
N SER B 254 -15.09 20.72 -9.39
CA SER B 254 -15.95 21.81 -9.81
C SER B 254 -15.90 22.92 -8.76
N GLY B 255 -17.05 23.49 -8.44
CA GLY B 255 -17.13 24.62 -7.54
C GLY B 255 -17.16 25.97 -8.23
N GLN B 256 -16.98 26.01 -9.54
CA GLN B 256 -17.01 27.26 -10.26
C GLN B 256 -18.45 27.72 -10.48
N ASP B 257 -18.63 29.03 -10.62
CA ASP B 257 -19.96 29.56 -10.86
C ASP B 257 -20.52 29.05 -12.20
N ILE B 258 -21.84 28.93 -12.26
CA ILE B 258 -22.52 28.54 -13.49
C ILE B 258 -22.62 29.77 -14.39
N SER B 259 -22.08 29.67 -15.60
CA SER B 259 -22.12 30.78 -16.53
C SER B 259 -23.42 30.75 -17.34
N ARG B 260 -23.54 31.64 -18.33
CA ARG B 260 -24.68 31.66 -19.25
C ARG B 260 -24.41 30.90 -20.53
N LEU B 261 -23.23 30.34 -20.70
CA LEU B 261 -22.97 29.49 -21.85
C LEU B 261 -23.75 28.19 -21.73
N PRO B 262 -23.97 27.50 -22.86
CA PRO B 262 -24.45 26.12 -22.80
C PRO B 262 -23.59 25.27 -21.89
N LEU B 263 -24.26 24.41 -21.11
CA LEU B 263 -23.59 23.62 -20.08
C LEU B 263 -23.49 22.16 -20.51
N GLU B 264 -22.37 21.54 -20.15
CA GLU B 264 -22.11 20.13 -20.47
C GLU B 264 -21.38 19.50 -19.29
N THR B 265 -21.94 18.41 -18.77
CA THR B 265 -21.31 17.58 -17.74
C THR B 265 -20.72 16.35 -18.42
N CYS B 266 -19.46 16.03 -18.11
CA CYS B 266 -18.85 14.81 -18.62
C CYS B 266 -18.65 13.81 -17.48
N GLU B 267 -18.73 12.53 -17.83
CA GLU B 267 -18.68 11.47 -16.84
C GLU B 267 -18.25 10.17 -17.51
N THR B 268 -17.74 9.26 -16.71
CA THR B 268 -17.30 7.95 -17.18
C THR B 268 -18.41 6.93 -16.98
N MET B 269 -18.49 5.97 -17.90
CA MET B 269 -19.48 4.89 -17.77
C MET B 269 -19.03 3.87 -16.72
N ASN B 270 -17.77 3.41 -16.78
CA ASN B 270 -17.13 2.80 -15.61
C ASN B 270 -16.47 3.93 -14.82
N GLY B 271 -15.29 3.73 -14.25
CA GLY B 271 -14.66 4.78 -13.47
C GLY B 271 -13.58 5.59 -14.16
N MET B 272 -13.20 5.25 -15.39
CA MET B 272 -12.00 5.80 -16.00
C MET B 272 -12.29 6.20 -17.45
N TRP B 273 -11.54 7.20 -17.93
CA TRP B 273 -11.74 7.71 -19.29
C TRP B 273 -11.10 6.76 -20.31
N GLY B 274 -9.80 6.52 -20.21
CA GLY B 274 -9.18 5.52 -21.06
C GLY B 274 -9.54 4.10 -20.63
N TYR B 275 -9.36 3.17 -21.56
CA TYR B 275 -9.61 1.76 -21.24
C TYR B 275 -8.75 1.34 -20.05
N LYS B 276 -9.35 0.56 -19.15
CA LYS B 276 -8.68 0.13 -17.92
C LYS B 276 -9.13 -1.30 -17.62
N ILE B 277 -8.23 -2.27 -17.82
CA ILE B 277 -8.64 -3.67 -17.81
C ILE B 277 -9.11 -4.11 -16.43
N THR B 278 -8.62 -3.48 -15.36
CA THR B 278 -9.09 -3.83 -14.01
C THR B 278 -10.45 -3.23 -13.67
N ASP B 279 -10.98 -2.30 -14.46
CA ASP B 279 -12.23 -1.62 -14.13
C ASP B 279 -13.32 -2.05 -15.11
N GLN B 280 -14.08 -3.07 -14.71
CA GLN B 280 -15.20 -3.59 -15.49
C GLN B 280 -16.53 -3.27 -14.80
N ASP B 281 -16.55 -2.26 -13.94
CA ASP B 281 -17.73 -1.91 -13.14
C ASP B 281 -18.47 -0.78 -13.85
N TYR B 282 -19.30 -1.18 -14.83
CA TYR B 282 -20.07 -0.21 -15.62
C TYR B 282 -21.38 0.12 -14.92
N LYS B 283 -21.66 1.42 -14.81
CA LYS B 283 -22.92 1.86 -14.23
C LYS B 283 -24.10 1.18 -14.91
N SER B 284 -25.10 0.83 -14.11
CA SER B 284 -26.31 0.21 -14.64
C SER B 284 -27.02 1.13 -15.63
N THR B 285 -27.84 0.52 -16.49
CA THR B 285 -28.64 1.30 -17.42
C THR B 285 -29.57 2.27 -16.68
N LYS B 286 -30.17 1.82 -15.58
CA LYS B 286 -30.99 2.73 -14.79
C LYS B 286 -30.22 3.95 -14.35
N ILE B 287 -29.02 3.76 -13.81
CA ILE B 287 -28.25 4.89 -13.30
C ILE B 287 -27.83 5.81 -14.45
N LEU B 288 -27.51 5.24 -15.62
CA LEU B 288 -27.12 6.06 -16.76
C LEU B 288 -28.29 6.90 -17.27
N ILE B 289 -29.47 6.28 -17.41
CA ILE B 289 -30.65 7.03 -17.83
C ILE B 289 -30.94 8.16 -16.83
N GLN B 290 -30.89 7.85 -15.53
CA GLN B 290 -31.17 8.88 -14.52
C GLN B 290 -30.12 9.99 -14.55
N TYR B 291 -28.88 9.66 -14.89
CA TYR B 291 -27.84 10.69 -14.97
C TYR B 291 -28.13 11.67 -16.12
N LEU B 292 -28.53 11.14 -17.28
CA LEU B 292 -28.92 11.97 -18.41
C LEU B 292 -30.11 12.86 -18.04
N VAL B 293 -31.12 12.30 -17.38
CA VAL B 293 -32.30 13.06 -17.02
C VAL B 293 -31.94 14.14 -16.01
N LYS B 294 -31.12 13.81 -15.02
CA LYS B 294 -30.74 14.80 -14.02
C LYS B 294 -29.93 15.93 -14.65
N ALA B 295 -29.06 15.62 -15.61
CA ALA B 295 -28.35 16.68 -16.34
C ALA B 295 -29.33 17.56 -17.08
N ALA B 296 -30.22 16.97 -17.87
CA ALA B 296 -31.23 17.75 -18.58
C ALA B 296 -32.01 18.63 -17.62
N GLY B 297 -32.39 18.09 -16.45
CA GLY B 297 -33.16 18.86 -15.49
C GLY B 297 -32.42 20.03 -14.89
N LYS B 298 -31.09 20.02 -14.96
CA LYS B 298 -30.23 21.12 -14.55
C LYS B 298 -29.77 21.94 -15.74
N ASN B 299 -30.44 21.77 -16.88
CA ASN B 299 -30.16 22.51 -18.10
C ASN B 299 -28.78 22.23 -18.66
N ALA B 300 -28.34 20.97 -18.59
CA ALA B 300 -27.01 20.60 -19.05
C ALA B 300 -27.05 19.37 -19.94
N ASN B 301 -26.11 19.32 -20.89
CA ASN B 301 -25.85 18.12 -21.66
C ASN B 301 -25.09 17.10 -20.80
N LEU B 302 -25.23 15.82 -21.17
CA LEU B 302 -24.39 14.76 -20.61
C LEU B 302 -23.49 14.20 -21.72
N LEU B 303 -22.18 14.23 -21.47
CA LEU B 303 -21.15 13.65 -22.34
C LEU B 303 -20.61 12.44 -21.59
N MET B 304 -21.07 11.25 -21.99
CA MET B 304 -20.83 10.00 -21.26
C MET B 304 -19.72 9.25 -22.01
N ASN B 305 -18.74 8.73 -21.28
CA ASN B 305 -17.51 8.25 -21.88
C ASN B 305 -17.48 6.75 -22.11
N VAL B 306 -16.78 6.34 -23.19
CA VAL B 306 -16.37 4.96 -23.42
C VAL B 306 -14.88 4.95 -23.73
N GLY B 307 -14.16 3.97 -23.17
CA GLY B 307 -12.74 3.81 -23.45
C GLY B 307 -12.45 2.60 -24.30
N PRO B 308 -12.17 2.79 -25.58
CA PRO B 308 -12.02 1.64 -26.48
C PRO B 308 -10.81 0.78 -26.15
N GLN B 309 -10.90 -0.50 -26.51
CA GLN B 309 -9.89 -1.52 -26.23
C GLN B 309 -8.71 -1.38 -27.19
N PRO B 310 -7.55 -1.96 -26.84
CA PRO B 310 -6.42 -1.90 -27.78
C PRO B 310 -6.62 -2.75 -29.03
N ASN B 311 -7.60 -3.65 -29.05
CA ASN B 311 -7.93 -4.39 -30.27
C ASN B 311 -8.90 -3.60 -31.15
N GLY B 312 -9.34 -2.43 -30.72
CA GLY B 312 -10.17 -1.56 -31.54
C GLY B 312 -11.67 -1.70 -31.34
N GLU B 313 -12.12 -2.54 -30.41
CA GLU B 313 -13.55 -2.66 -30.16
C GLU B 313 -13.96 -1.76 -29.00
N LEU B 314 -15.17 -1.21 -29.09
CA LEU B 314 -15.80 -0.62 -27.92
C LEU B 314 -16.12 -1.73 -26.93
N PRO B 315 -15.94 -1.52 -25.63
CA PRO B 315 -16.31 -2.57 -24.66
C PRO B 315 -17.73 -3.07 -24.88
N THR B 316 -17.88 -4.39 -24.92
CA THR B 316 -19.19 -4.97 -25.22
C THR B 316 -20.22 -4.57 -24.17
N VAL B 317 -19.83 -4.47 -22.90
CA VAL B 317 -20.80 -4.06 -21.89
C VAL B 317 -21.25 -2.62 -22.14
N ALA B 318 -20.32 -1.74 -22.55
CA ALA B 318 -20.71 -0.38 -22.86
C ALA B 318 -21.65 -0.31 -24.05
N VAL B 319 -21.41 -1.12 -25.07
CA VAL B 319 -22.33 -1.15 -26.22
C VAL B 319 -23.71 -1.59 -25.76
N GLN B 320 -23.79 -2.57 -24.87
CA GLN B 320 -25.06 -3.01 -24.30
C GLN B 320 -25.76 -1.87 -23.57
N ARG B 321 -25.04 -1.16 -22.69
CA ARG B 321 -25.64 -0.04 -21.98
C ARG B 321 -26.16 1.01 -22.95
N LEU B 322 -25.34 1.36 -23.95
CA LEU B 322 -25.78 2.33 -24.95
C LEU B 322 -27.05 1.86 -25.64
N ARG B 323 -27.09 0.59 -26.03
CA ARG B 323 -28.26 0.06 -26.71
C ARG B 323 -29.50 0.18 -25.83
N GLU B 324 -29.37 -0.11 -24.54
CA GLU B 324 -30.52 -0.07 -23.63
C GLU B 324 -30.95 1.36 -23.34
N MET B 325 -29.99 2.29 -23.24
CA MET B 325 -30.36 3.70 -23.15
C MET B 325 -31.20 4.10 -24.37
N GLY B 326 -30.83 3.59 -25.54
CA GLY B 326 -31.53 3.93 -26.76
C GLY B 326 -32.95 3.40 -26.81
N GLU B 327 -33.19 2.24 -26.20
CA GLU B 327 -34.54 1.70 -26.10
C GLU B 327 -35.42 2.60 -25.23
N TRP B 328 -34.84 3.17 -24.17
CA TRP B 328 -35.58 4.15 -23.37
C TRP B 328 -35.83 5.43 -24.17
N MET B 329 -34.79 5.92 -24.84
CA MET B 329 -34.87 7.15 -25.61
C MET B 329 -35.92 7.03 -26.71
N LYS B 330 -36.08 5.83 -27.27
CA LYS B 330 -37.09 5.64 -28.31
C LYS B 330 -38.48 6.02 -27.81
N ILE B 331 -38.74 5.86 -26.51
CA ILE B 331 -40.01 6.26 -25.92
C ILE B 331 -39.96 7.69 -25.40
N TYR B 332 -38.87 8.09 -24.75
CA TYR B 332 -38.86 9.28 -23.93
C TYR B 332 -38.04 10.44 -24.48
N ALA B 333 -37.39 10.27 -25.63
CA ALA B 333 -36.50 11.32 -26.11
C ALA B 333 -37.13 12.71 -26.14
N PRO B 334 -38.39 12.89 -26.55
CA PRO B 334 -38.96 14.25 -26.61
C PRO B 334 -39.09 14.92 -25.25
N THR B 335 -38.98 14.17 -24.14
CA THR B 335 -39.04 14.76 -22.82
C THR B 335 -37.69 15.28 -22.35
N ILE B 336 -36.61 15.04 -23.10
CA ILE B 336 -35.34 15.64 -22.71
C ILE B 336 -34.67 16.33 -23.91
N GLN B 337 -34.60 15.71 -25.09
CA GLN B 337 -34.05 16.41 -26.25
C GLN B 337 -35.01 17.52 -26.70
N GLY B 338 -34.44 18.68 -27.06
CA GLY B 338 -35.24 19.84 -27.40
C GLY B 338 -35.79 20.60 -26.22
N THR B 339 -35.41 20.25 -24.99
CA THR B 339 -35.86 20.92 -23.78
C THR B 339 -34.74 21.74 -23.15
N ARG B 340 -35.11 22.50 -22.14
CA ARG B 340 -34.18 23.18 -21.26
C ARG B 340 -34.53 22.81 -19.83
N GLY B 341 -33.62 23.10 -18.91
CA GLY B 341 -33.91 22.90 -17.50
C GLY B 341 -35.22 23.54 -17.08
N GLY B 342 -36.01 22.79 -16.30
CA GLY B 342 -37.35 23.23 -15.97
C GLY B 342 -37.42 24.26 -14.84
N VAL B 343 -38.58 24.92 -14.77
CA VAL B 343 -38.75 26.00 -13.82
C VAL B 343 -38.68 25.50 -12.39
N VAL B 344 -39.05 24.24 -12.16
CA VAL B 344 -38.85 23.59 -10.86
C VAL B 344 -37.47 22.93 -10.89
N THR B 345 -36.53 23.44 -10.10
CA THR B 345 -35.16 22.97 -10.11
C THR B 345 -35.06 21.62 -9.40
N PRO B 346 -33.93 20.92 -9.55
CA PRO B 346 -33.86 19.53 -9.09
C PRO B 346 -34.19 19.38 -7.61
N ARG B 347 -34.93 18.31 -7.30
CA ARG B 347 -35.29 17.92 -5.95
C ARG B 347 -34.91 16.46 -5.73
N ASP B 348 -35.06 15.98 -4.49
CA ASP B 348 -34.71 14.60 -4.17
C ASP B 348 -35.53 13.59 -4.98
N TRP B 349 -36.78 13.94 -5.33
CA TRP B 349 -37.66 13.03 -6.05
C TRP B 349 -37.39 13.00 -7.55
N GLY B 350 -36.70 13.99 -8.11
CA GLY B 350 -36.49 14.06 -9.54
C GLY B 350 -36.30 15.50 -9.98
N VAL B 351 -36.60 15.75 -11.26
CA VAL B 351 -36.28 17.00 -11.93
C VAL B 351 -37.42 17.36 -12.88
N THR B 352 -37.35 18.56 -13.44
CA THR B 352 -38.24 18.94 -14.54
C THR B 352 -37.45 19.50 -15.70
N THR B 353 -38.00 19.34 -16.90
CA THR B 353 -37.50 19.96 -18.12
C THR B 353 -38.68 20.66 -18.78
N GLN B 354 -38.41 21.54 -19.74
CA GLN B 354 -39.49 22.31 -20.33
C GLN B 354 -39.22 22.66 -21.78
N LYS B 355 -40.32 22.92 -22.49
CA LYS B 355 -40.31 23.34 -23.90
C LYS B 355 -41.60 24.11 -24.12
N GLY B 356 -41.49 25.38 -24.47
CA GLY B 356 -42.68 26.18 -24.71
C GLY B 356 -43.56 26.26 -23.46
N LYS B 357 -44.77 25.74 -23.55
CA LYS B 357 -45.72 25.74 -22.45
C LYS B 357 -45.79 24.39 -21.75
N THR B 358 -44.90 23.46 -22.11
CA THR B 358 -44.93 22.10 -21.59
C THR B 358 -43.86 21.92 -20.52
N LEU B 359 -44.25 21.42 -19.36
CA LEU B 359 -43.32 21.03 -18.30
C LEU B 359 -43.37 19.51 -18.20
N TYR B 360 -42.21 18.86 -18.41
CA TYR B 360 -42.09 17.44 -18.18
C TYR B 360 -41.58 17.22 -16.76
N VAL B 361 -42.34 16.48 -15.96
CA VAL B 361 -41.97 16.17 -14.58
C VAL B 361 -41.38 14.77 -14.57
N HIS B 362 -40.09 14.66 -14.29
CA HIS B 362 -39.39 13.38 -14.26
C HIS B 362 -39.24 12.88 -12.82
N VAL B 363 -40.08 11.91 -12.46
CA VAL B 363 -40.07 11.35 -11.11
C VAL B 363 -39.09 10.18 -11.10
N LEU B 364 -37.94 10.40 -10.46
CA LEU B 364 -36.85 9.43 -10.43
C LEU B 364 -36.79 8.63 -9.14
N ASN B 365 -37.39 9.12 -8.07
CA ASN B 365 -37.13 8.51 -6.77
C ASN B 365 -38.26 8.91 -5.81
N LEU B 366 -39.38 8.18 -5.87
CA LEU B 366 -40.54 8.56 -5.09
C LEU B 366 -41.41 7.33 -4.88
N ASP B 367 -41.73 7.04 -3.62
CA ASP B 367 -42.67 5.97 -3.27
C ASP B 367 -44.12 6.45 -3.17
N ASP B 368 -44.34 7.75 -2.93
CA ASP B 368 -45.70 8.25 -2.71
C ASP B 368 -46.52 8.26 -4.00
N LYS B 369 -47.85 8.29 -3.84
CA LYS B 369 -48.77 8.44 -4.97
C LYS B 369 -49.26 9.88 -5.12
N ALA B 370 -48.48 10.85 -4.64
CA ALA B 370 -48.73 12.25 -4.89
C ALA B 370 -47.40 12.99 -4.90
N LEU B 371 -47.42 14.17 -5.51
CA LEU B 371 -46.20 14.97 -5.66
C LEU B 371 -46.57 16.45 -5.60
N PHE B 372 -45.91 17.17 -4.70
CA PHE B 372 -46.06 18.61 -4.59
C PHE B 372 -45.02 19.30 -5.47
N LEU B 373 -45.47 20.27 -6.26
CA LEU B 373 -44.60 21.06 -7.12
C LEU B 373 -44.66 22.53 -6.70
N PRO B 374 -43.54 23.13 -6.28
CA PRO B 374 -43.54 24.54 -5.85
C PRO B 374 -43.48 25.50 -7.02
N TYR B 375 -44.60 25.65 -7.73
CA TYR B 375 -44.69 26.54 -8.87
C TYR B 375 -46.06 27.20 -8.83
N ALA B 376 -46.09 28.52 -9.04
CA ALA B 376 -47.32 29.29 -9.01
C ALA B 376 -47.23 30.46 -9.98
N GLY B 377 -48.39 31.00 -10.34
CA GLY B 377 -48.49 32.15 -11.23
C GLY B 377 -48.71 31.81 -12.68
N ASN B 378 -48.90 30.54 -13.02
CA ASN B 378 -49.12 30.09 -14.39
C ASN B 378 -50.13 28.97 -14.33
N LYS B 379 -51.33 29.20 -14.88
CA LYS B 379 -52.42 28.24 -14.74
C LYS B 379 -52.09 26.91 -15.42
N LEU B 380 -52.23 25.82 -14.67
CA LEU B 380 -52.08 24.48 -15.21
C LEU B 380 -53.36 24.07 -15.92
N LYS B 381 -53.26 23.75 -17.22
CA LYS B 381 -54.45 23.40 -18.00
C LYS B 381 -54.68 21.89 -18.06
N SER B 382 -53.61 21.09 -18.06
CA SER B 382 -53.78 19.64 -18.12
C SER B 382 -52.53 18.95 -17.61
N ALA B 383 -52.70 17.71 -17.16
CA ALA B 383 -51.60 16.88 -16.70
C ALA B 383 -51.90 15.46 -17.13
N VAL B 384 -50.95 14.82 -17.82
CA VAL B 384 -51.12 13.44 -18.25
C VAL B 384 -49.82 12.68 -18.01
N GLU B 385 -49.95 11.35 -17.94
CA GLU B 385 -48.79 10.46 -18.01
C GLU B 385 -48.21 10.48 -19.40
N TYR B 386 -46.91 10.75 -19.50
CA TYR B 386 -46.32 10.98 -20.81
C TYR B 386 -46.48 9.77 -21.72
N GLN B 387 -46.27 8.57 -21.18
CA GLN B 387 -46.23 7.37 -22.01
C GLN B 387 -47.61 6.79 -22.24
N SER B 388 -48.42 6.63 -21.19
CA SER B 388 -49.76 6.08 -21.36
C SER B 388 -50.76 7.07 -21.94
N ARG B 389 -50.51 8.37 -21.77
CA ARG B 389 -51.41 9.48 -22.09
C ARG B 389 -52.60 9.60 -21.14
N LYS B 390 -52.68 8.80 -20.09
CA LYS B 390 -53.81 8.89 -19.18
C LYS B 390 -53.78 10.19 -18.38
N SER B 391 -54.95 10.70 -18.01
CA SER B 391 -54.98 11.92 -17.23
C SER B 391 -54.51 11.66 -15.79
N VAL B 392 -53.96 12.72 -15.19
CA VAL B 392 -53.46 12.72 -13.83
C VAL B 392 -54.23 13.80 -13.07
N ARG B 393 -54.85 13.44 -11.95
CA ARG B 393 -55.59 14.44 -11.18
C ARG B 393 -54.62 15.44 -10.56
N PHE B 394 -55.04 16.71 -10.50
CA PHE B 394 -54.19 17.73 -9.90
C PHE B 394 -55.03 18.79 -9.19
N ILE B 395 -54.37 19.43 -8.22
CA ILE B 395 -54.93 20.52 -7.43
C ILE B 395 -53.92 21.66 -7.53
N GLN B 396 -54.39 22.85 -7.90
CA GLN B 396 -53.51 24.00 -8.03
C GLN B 396 -54.03 25.18 -7.22
N ASP B 397 -53.16 25.81 -6.44
CA ASP B 397 -53.49 27.05 -5.76
C ASP B 397 -52.25 27.94 -5.72
N ARG B 398 -52.33 29.03 -4.97
CA ARG B 398 -51.23 29.99 -4.95
C ARG B 398 -49.97 29.46 -4.29
N ASP B 399 -50.07 28.35 -3.53
CA ASP B 399 -48.90 27.75 -2.90
C ASP B 399 -48.17 26.76 -3.79
N GLY B 400 -48.82 26.26 -4.83
CA GLY B 400 -48.20 25.29 -5.71
C GLY B 400 -49.23 24.35 -6.31
N ILE B 401 -48.72 23.20 -6.77
CA ILE B 401 -49.49 22.18 -7.48
C ILE B 401 -49.30 20.86 -6.77
N LEU B 402 -50.40 20.13 -6.56
CA LEU B 402 -50.33 18.75 -6.06
C LEU B 402 -50.87 17.81 -7.12
N LEU B 403 -50.01 16.89 -7.58
CA LEU B 403 -50.37 15.85 -8.53
C LEU B 403 -50.68 14.57 -7.76
N LYS B 404 -51.65 13.79 -8.23
CA LYS B 404 -52.02 12.53 -7.61
C LYS B 404 -51.96 11.41 -8.64
N PHE B 405 -51.37 10.28 -8.25
CA PHE B 405 -51.12 9.18 -9.17
C PHE B 405 -51.91 7.93 -8.76
N THR B 406 -52.24 7.09 -9.75
CA THR B 406 -52.98 5.87 -9.47
C THR B 406 -52.09 4.79 -8.84
N ASP B 407 -50.83 4.71 -9.24
CA ASP B 407 -49.90 3.70 -8.74
C ASP B 407 -48.62 4.39 -8.30
N LYS B 408 -47.81 3.69 -7.52
CA LYS B 408 -46.54 4.28 -7.16
C LYS B 408 -45.68 4.40 -8.41
N PRO B 409 -44.85 5.43 -8.49
CA PRO B 409 -44.08 5.69 -9.72
C PRO B 409 -43.19 4.50 -10.07
N HIS B 410 -43.15 4.18 -11.36
CA HIS B 410 -42.29 3.11 -11.85
C HIS B 410 -40.90 3.65 -12.17
N SER B 411 -39.97 2.74 -12.42
CA SER B 411 -38.60 3.05 -12.78
C SER B 411 -38.32 2.81 -14.25
N PRO B 412 -37.28 3.45 -14.79
CA PRO B 412 -36.33 4.37 -14.14
C PRO B 412 -36.79 5.82 -14.07
N ASP B 413 -37.89 6.17 -14.73
CA ASP B 413 -38.33 7.57 -14.80
C ASP B 413 -39.82 7.57 -15.08
N TYR B 414 -40.60 8.04 -14.12
CA TYR B 414 -42.04 8.18 -14.28
C TYR B 414 -42.32 9.61 -14.71
N VAL B 415 -42.70 9.80 -15.98
CA VAL B 415 -42.75 11.14 -16.56
C VAL B 415 -44.20 11.60 -16.71
N LEU B 416 -44.49 12.79 -16.18
CA LEU B 416 -45.78 13.44 -16.38
C LEU B 416 -45.58 14.60 -17.36
N GLU B 417 -46.56 14.82 -18.24
CA GLU B 417 -46.53 15.95 -19.17
C GLU B 417 -47.57 16.97 -18.70
N LEU B 418 -47.12 18.15 -18.26
CA LEU B 418 -47.99 19.22 -17.79
C LEU B 418 -48.04 20.33 -18.82
N THR B 419 -49.24 20.83 -19.13
CA THR B 419 -49.42 21.89 -20.12
C THR B 419 -49.96 23.14 -19.44
N PHE B 420 -49.23 24.25 -19.55
CA PHE B 420 -49.60 25.48 -18.89
C PHE B 420 -50.19 26.49 -19.87
N ALA B 421 -50.87 27.50 -19.30
CA ALA B 421 -51.51 28.52 -20.12
C ALA B 421 -50.48 29.41 -20.78
N ASN B 422 -49.37 29.70 -20.08
CA ASN B 422 -48.37 30.62 -20.58
C ASN B 422 -47.01 29.93 -20.68
N GLU B 423 -46.17 30.51 -21.53
CA GLU B 423 -44.83 29.99 -21.73
C GLU B 423 -44.07 29.91 -20.41
N LEU B 424 -43.37 28.81 -20.22
CA LEU B 424 -42.60 28.64 -18.99
C LEU B 424 -41.37 29.53 -19.04
N PRO B 425 -41.03 30.21 -17.95
CA PRO B 425 -39.89 31.13 -17.96
C PRO B 425 -38.56 30.40 -17.96
N LEU B 426 -37.54 31.09 -18.45
CA LEU B 426 -36.18 30.57 -18.38
C LEU B 426 -35.26 31.57 -17.69
N PRO C 2 -44.67 -16.80 18.59
CA PRO C 2 -43.34 -16.43 19.09
C PRO C 2 -42.35 -16.11 17.98
N ALA C 3 -41.67 -14.97 18.07
CA ALA C 3 -40.63 -14.63 17.10
C ALA C 3 -39.64 -15.76 16.94
N GLN C 4 -39.37 -16.49 18.02
CA GLN C 4 -38.33 -17.52 18.06
C GLN C 4 -38.88 -18.77 18.72
N PRO C 5 -39.10 -19.86 17.98
CA PRO C 5 -39.68 -21.07 18.59
C PRO C 5 -38.85 -21.59 19.76
N GLY C 6 -39.48 -22.41 20.59
CA GLY C 6 -38.83 -22.98 21.76
C GLY C 6 -38.57 -21.96 22.85
N TYR C 7 -37.98 -20.83 22.47
CA TYR C 7 -37.74 -19.75 23.41
C TYR C 7 -39.00 -18.92 23.61
N THR C 8 -39.39 -18.75 24.88
CA THR C 8 -40.45 -17.83 25.24
C THR C 8 -39.88 -16.80 26.21
N PRO C 9 -39.80 -15.52 25.85
CA PRO C 9 -39.25 -14.54 26.79
C PRO C 9 -40.16 -14.36 28.00
N SER C 10 -39.54 -14.14 29.15
CA SER C 10 -40.31 -13.95 30.37
C SER C 10 -41.03 -12.60 30.31
N ALA C 11 -42.03 -12.45 31.18
CA ALA C 11 -42.73 -11.17 31.26
C ALA C 11 -41.75 -10.04 31.58
N ASP C 12 -40.77 -10.32 32.45
CA ASP C 12 -39.79 -9.31 32.81
C ASP C 12 -38.89 -8.95 31.64
N ASN C 13 -38.54 -9.93 30.80
CA ASN C 13 -37.78 -9.63 29.59
C ASN C 13 -38.59 -8.77 28.63
N LEU C 14 -39.86 -9.11 28.42
CA LEU C 14 -40.70 -8.30 27.53
C LEU C 14 -40.79 -6.86 28.02
N LYS C 15 -40.94 -6.67 29.34
CA LYS C 15 -40.92 -5.33 29.92
C LYS C 15 -39.60 -4.62 29.61
N ALA C 16 -38.48 -5.32 29.76
CA ALA C 16 -37.19 -4.71 29.44
C ALA C 16 -37.11 -4.36 27.96
N ARG C 17 -37.70 -5.18 27.09
CA ARG C 17 -37.68 -4.85 25.66
C ARG C 17 -38.38 -3.52 25.41
N GLU C 18 -39.53 -3.31 26.05
CA GLU C 18 -40.28 -2.07 25.85
C GLU C 18 -39.53 -0.87 26.40
N THR C 19 -38.94 -0.99 27.59
CA THR C 19 -38.13 0.09 28.14
C THR C 19 -36.94 0.41 27.21
N PHE C 20 -36.29 -0.62 26.68
CA PHE C 20 -35.17 -0.43 25.76
C PHE C 20 -35.59 0.40 24.55
N GLN C 21 -36.73 0.05 23.95
CA GLN C 21 -37.21 0.80 22.79
C GLN C 21 -37.65 2.21 23.17
N ASP C 22 -38.18 2.39 24.39
CA ASP C 22 -38.54 3.73 24.85
C ASP C 22 -37.29 4.60 24.99
N ASP C 23 -36.18 4.01 25.45
CA ASP C 23 -34.97 4.75 25.74
C ASP C 23 -34.33 5.36 24.49
N LYS C 24 -34.29 4.61 23.40
CA LYS C 24 -33.88 5.04 22.06
C LYS C 24 -32.40 5.36 21.83
N PHE C 25 -31.62 5.62 22.87
CA PHE C 25 -30.30 6.23 22.70
C PHE C 25 -29.37 5.67 23.78
N GLY C 26 -28.28 5.03 23.36
CA GLY C 26 -27.25 4.59 24.28
C GLY C 26 -25.86 4.95 23.75
N ILE C 27 -24.87 4.87 24.63
CA ILE C 27 -23.49 5.17 24.28
C ILE C 27 -22.65 3.88 24.35
N PHE C 28 -21.98 3.55 23.26
CA PHE C 28 -21.03 2.44 23.15
C PHE C 28 -19.68 2.92 23.68
N ILE C 29 -18.99 2.06 24.43
CA ILE C 29 -17.64 2.36 24.90
C ILE C 29 -16.73 1.19 24.56
N HIS C 30 -15.73 1.43 23.70
CA HIS C 30 -14.71 0.44 23.36
C HIS C 30 -13.41 0.85 24.07
N TRP C 31 -13.04 0.11 25.11
CA TRP C 31 -11.86 0.46 25.89
C TRP C 31 -11.07 -0.79 26.25
N GLY C 32 -9.76 -0.72 26.07
CA GLY C 32 -8.91 -1.84 26.37
C GLY C 32 -7.46 -1.41 26.27
N ILE C 33 -6.56 -2.39 26.38
CA ILE C 33 -5.16 -2.00 26.28
C ILE C 33 -4.81 -1.62 24.84
N TYR C 34 -5.65 -1.98 23.86
CA TYR C 34 -5.48 -1.43 22.52
C TYR C 34 -5.54 0.09 22.50
N SER C 35 -6.13 0.71 23.53
N SER C 35 -6.10 0.71 23.54
CA SER C 35 -6.15 2.18 23.58
CA SER C 35 -6.17 2.16 23.60
C SER C 35 -4.75 2.76 23.69
C SER C 35 -4.78 2.78 23.73
N MET C 36 -3.84 2.06 24.36
CA MET C 36 -2.45 2.56 24.45
C MET C 36 -1.82 2.68 23.05
N LEU C 37 -2.01 1.68 22.19
CA LEU C 37 -1.45 1.73 20.85
C LEU C 37 -2.19 2.73 19.97
N ALA C 38 -3.44 3.05 20.33
CA ALA C 38 -4.18 4.18 19.74
C ALA C 38 -4.29 4.05 18.23
N ASP C 39 -4.48 2.82 17.75
CA ASP C 39 -4.65 2.58 16.33
C ASP C 39 -5.81 1.63 16.09
N GLY C 40 -6.79 1.65 16.96
CA GLY C 40 -7.98 0.84 16.76
C GLY C 40 -7.92 -0.48 17.49
N GLU C 41 -9.09 -1.01 17.81
CA GLU C 41 -9.22 -2.24 18.59
C GLU C 41 -8.80 -3.48 17.83
N TRP C 42 -8.68 -3.42 16.51
CA TRP C 42 -8.25 -4.55 15.70
C TRP C 42 -6.73 -4.64 15.53
N VAL C 43 -5.97 -3.78 16.21
CA VAL C 43 -4.55 -3.66 15.88
C VAL C 43 -3.81 -5.00 16.05
N MET C 44 -4.18 -5.80 17.03
CA MET C 44 -3.44 -7.05 17.25
C MET C 44 -3.56 -7.99 16.05
N HIS C 45 -4.72 -8.02 15.40
CA HIS C 45 -4.85 -8.79 14.16
C HIS C 45 -4.29 -8.04 12.95
N ASN C 46 -4.60 -6.74 12.84
CA ASN C 46 -4.25 -5.99 11.64
C ASN C 46 -2.75 -5.98 11.43
N LYS C 47 -1.97 -5.88 12.51
CA LYS C 47 -0.52 -5.83 12.40
C LYS C 47 0.14 -7.13 12.84
N ASN C 48 -0.62 -8.19 13.00
CA ASN C 48 -0.06 -9.51 13.34
C ASN C 48 0.89 -9.41 14.52
N LEU C 49 0.41 -8.82 15.59
CA LEU C 49 1.21 -8.70 16.80
C LEU C 49 1.23 -10.00 17.59
N ASN C 50 2.43 -10.39 18.03
CA ASN C 50 2.60 -11.60 18.80
C ASN C 50 1.83 -11.50 20.12
N TRP C 51 1.07 -12.56 20.45
CA TRP C 51 0.19 -12.48 21.61
C TRP C 51 0.97 -12.23 22.90
N GLU C 52 2.17 -12.77 23.00
CA GLU C 52 2.97 -12.55 24.21
C GLU C 52 3.52 -11.13 24.26
N GLU C 53 3.97 -10.61 23.12
CA GLU C 53 4.50 -9.25 23.07
C GLU C 53 3.41 -8.23 23.37
N TYR C 54 2.22 -8.43 22.79
CA TYR C 54 1.09 -7.54 23.06
C TYR C 54 0.70 -7.57 24.53
N ALA C 55 0.74 -8.75 25.16
CA ALA C 55 0.37 -8.83 26.58
C ALA C 55 1.31 -8.03 27.47
N LYS C 56 2.56 -7.82 27.02
CA LYS C 56 3.50 -7.01 27.78
C LYS C 56 3.01 -5.57 27.96
N LEU C 57 2.11 -5.12 27.10
CA LEU C 57 1.53 -3.79 27.25
C LEU C 57 0.76 -3.62 28.55
N ALA C 58 0.14 -4.70 29.04
CA ALA C 58 -0.76 -4.57 30.18
C ALA C 58 -0.03 -4.04 31.41
N SER C 59 1.23 -4.44 31.61
CA SER C 59 1.96 -4.00 32.79
C SER C 59 2.43 -2.55 32.68
N GLY C 60 2.11 -1.88 31.59
CA GLY C 60 2.25 -0.44 31.45
C GLY C 60 0.95 0.31 31.32
N PHE C 61 -0.19 -0.32 31.58
CA PHE C 61 -1.50 0.31 31.37
C PHE C 61 -1.94 0.97 32.67
N TYR C 62 -2.13 2.28 32.62
CA TYR C 62 -2.41 3.06 33.83
C TYR C 62 -3.20 4.30 33.46
N PRO C 63 -4.51 4.15 33.23
CA PRO C 63 -5.36 5.30 32.83
C PRO C 63 -5.73 6.19 34.01
N ALA C 64 -4.74 6.98 34.45
CA ALA C 64 -4.80 7.64 35.76
C ALA C 64 -5.90 8.69 35.83
N LYS C 65 -6.32 9.25 34.71
CA LYS C 65 -7.41 10.23 34.72
C LYS C 65 -8.79 9.60 34.57
N PHE C 66 -8.89 8.28 34.60
CA PHE C 66 -10.20 7.63 34.58
C PHE C 66 -11.04 8.07 35.77
N ASN C 67 -12.30 8.40 35.51
CA ASN C 67 -13.24 8.77 36.57
C ASN C 67 -14.63 8.30 36.14
N ALA C 68 -15.08 7.20 36.74
CA ALA C 68 -16.38 6.63 36.36
C ALA C 68 -17.49 7.65 36.49
N ALA C 69 -17.49 8.43 37.58
CA ALA C 69 -18.56 9.40 37.78
C ALA C 69 -18.59 10.41 36.65
N GLU C 70 -17.42 10.89 36.22
CA GLU C 70 -17.36 11.88 35.14
C GLU C 70 -17.82 11.29 33.81
N TRP C 71 -17.42 10.04 33.52
CA TRP C 71 -17.87 9.39 32.31
C TRP C 71 -19.39 9.29 32.27
N VAL C 72 -19.97 8.74 33.34
CA VAL C 72 -21.41 8.48 33.34
C VAL C 72 -22.17 9.80 33.29
N ALA C 73 -21.65 10.84 33.95
CA ALA C 73 -22.30 12.15 33.92
C ALA C 73 -22.26 12.75 32.51
N ALA C 74 -21.13 12.62 31.80
CA ALA C 74 -21.03 13.20 30.46
C ALA C 74 -21.95 12.49 29.50
N ILE C 75 -22.20 11.19 29.74
CA ILE C 75 -23.08 10.40 28.91
C ILE C 75 -24.53 10.67 29.26
N LYS C 76 -24.84 10.76 30.55
CA LYS C 76 -26.21 11.11 30.95
C LYS C 76 -26.62 12.46 30.38
N ALA C 77 -25.66 13.39 30.30
CA ALA C 77 -25.98 14.75 29.85
C ALA C 77 -26.45 14.78 28.41
N SER C 78 -26.18 13.75 27.63
CA SER C 78 -26.60 13.72 26.23
C SER C 78 -28.06 13.33 26.04
N GLY C 79 -28.73 12.88 27.09
CA GLY C 79 -30.03 12.24 26.98
C GLY C 79 -29.98 10.74 26.83
N ALA C 80 -28.78 10.18 26.62
CA ALA C 80 -28.65 8.73 26.54
C ALA C 80 -29.07 8.06 27.85
N LYS C 81 -29.64 6.86 27.73
CA LYS C 81 -30.21 6.16 28.87
C LYS C 81 -29.44 4.90 29.27
N TYR C 82 -28.49 4.46 28.46
CA TYR C 82 -27.74 3.25 28.76
C TYR C 82 -26.35 3.34 28.14
N ILE C 83 -25.47 2.50 28.65
CA ILE C 83 -24.09 2.37 28.20
C ILE C 83 -23.84 0.90 27.86
N THR C 84 -23.17 0.65 26.74
CA THR C 84 -22.66 -0.68 26.38
C THR C 84 -21.14 -0.61 26.38
N ILE C 85 -20.49 -1.38 27.27
CA ILE C 85 -19.04 -1.32 27.41
C ILE C 85 -18.42 -2.68 27.12
N THR C 86 -17.25 -2.67 26.49
CA THR C 86 -16.50 -3.89 26.20
C THR C 86 -15.96 -4.50 27.48
N SER C 87 -16.50 -5.65 27.90
CA SER C 87 -15.93 -6.39 29.02
C SER C 87 -14.68 -7.16 28.60
N ARG C 88 -14.62 -7.56 27.33
CA ARG C 88 -13.53 -8.33 26.75
C ARG C 88 -13.75 -8.31 25.25
N HIS C 89 -12.79 -7.75 24.50
CA HIS C 89 -12.86 -7.66 23.05
C HIS C 89 -12.02 -8.78 22.41
N HIS C 90 -11.75 -8.66 21.11
CA HIS C 90 -11.15 -9.79 20.39
C HIS C 90 -9.73 -10.10 20.90
N ASP C 91 -9.02 -9.11 21.42
CA ASP C 91 -7.67 -9.37 21.92
C ASP C 91 -7.67 -10.23 23.18
N GLY C 92 -8.84 -10.56 23.72
CA GLY C 92 -8.91 -11.49 24.84
C GLY C 92 -8.61 -10.91 26.21
N PHE C 93 -8.37 -9.62 26.33
CA PHE C 93 -8.07 -9.00 27.62
C PHE C 93 -9.35 -8.62 28.36
N SER C 94 -9.46 -9.06 29.61
CA SER C 94 -10.67 -8.84 30.39
C SER C 94 -10.56 -7.56 31.21
N MET C 95 -11.55 -6.68 31.03
CA MET C 95 -11.58 -5.36 31.66
C MET C 95 -12.28 -5.41 33.03
N TYR C 96 -12.27 -6.57 33.70
CA TYR C 96 -12.96 -6.74 34.97
C TYR C 96 -12.22 -7.84 35.74
N ALA C 97 -12.61 -8.04 37.00
CA ALA C 97 -11.90 -8.94 37.91
C ALA C 97 -12.37 -10.40 37.75
N THR C 98 -11.96 -11.00 36.63
CA THR C 98 -12.30 -12.38 36.32
C THR C 98 -11.36 -13.34 37.05
N GLN C 99 -11.89 -14.50 37.47
CA GLN C 99 -11.07 -15.60 37.98
C GLN C 99 -10.79 -16.65 36.91
N GLN C 100 -11.22 -16.43 35.67
CA GLN C 100 -10.97 -17.37 34.58
C GLN C 100 -9.62 -17.17 33.91
N SER C 101 -8.95 -16.05 34.17
CA SER C 101 -7.68 -15.73 33.53
C SER C 101 -7.02 -14.60 34.30
N ASP C 102 -5.70 -14.69 34.49
CA ASP C 102 -4.98 -13.58 35.10
C ASP C 102 -4.75 -12.43 34.13
N TYR C 103 -5.17 -12.55 32.87
CA TYR C 103 -4.95 -11.51 31.86
C TYR C 103 -6.14 -10.55 31.92
N ASN C 104 -6.10 -9.69 32.92
CA ASN C 104 -7.25 -8.83 33.19
C ASN C 104 -6.74 -7.55 33.85
N ILE C 105 -7.63 -6.55 33.91
CA ILE C 105 -7.21 -5.23 34.34
C ILE C 105 -6.80 -5.20 35.81
N VAL C 106 -7.33 -6.11 36.63
CA VAL C 106 -6.96 -6.08 38.05
C VAL C 106 -5.60 -6.71 38.27
N ASP C 107 -5.38 -7.87 37.67
CA ASP C 107 -4.21 -8.67 38.01
C ASP C 107 -3.01 -8.38 37.11
N ALA C 108 -3.23 -7.89 35.89
CA ALA C 108 -2.13 -7.78 34.93
C ALA C 108 -1.65 -6.36 34.69
N THR C 109 -2.27 -5.34 35.28
CA THR C 109 -1.88 -3.96 35.08
C THR C 109 -1.52 -3.31 36.42
N PRO C 110 -0.72 -2.23 36.39
CA PRO C 110 -0.49 -1.46 37.62
C PRO C 110 -1.71 -0.66 38.08
N PHE C 111 -2.72 -0.50 37.23
CA PHE C 111 -3.93 0.24 37.61
C PHE C 111 -4.72 -0.51 38.69
N LYS C 112 -4.81 -1.83 38.57
CA LYS C 112 -5.30 -2.71 39.63
C LYS C 112 -6.71 -2.38 40.11
N ARG C 113 -7.55 -1.87 39.23
CA ARG C 113 -8.90 -1.46 39.58
C ARG C 113 -9.87 -2.08 38.59
N ASP C 114 -11.01 -2.56 39.10
CA ASP C 114 -12.03 -3.19 38.26
C ASP C 114 -12.90 -2.07 37.70
N VAL C 115 -12.59 -1.62 36.48
CA VAL C 115 -13.27 -0.44 35.97
C VAL C 115 -14.74 -0.72 35.62
N ILE C 116 -15.08 -1.97 35.29
CA ILE C 116 -16.49 -2.30 35.05
C ILE C 116 -17.29 -2.18 36.34
N HIS C 117 -16.69 -2.60 37.47
CA HIS C 117 -17.34 -2.45 38.75
C HIS C 117 -17.57 -0.98 39.07
N GLU C 118 -16.54 -0.15 38.87
CA GLU C 118 -16.67 1.28 39.14
C GLU C 118 -17.74 1.91 38.26
N LEU C 119 -17.79 1.54 36.99
CA LEU C 119 -18.84 2.05 36.12
C LEU C 119 -20.22 1.53 36.51
N ALA C 120 -20.33 0.26 36.87
CA ALA C 120 -21.64 -0.26 37.27
C ALA C 120 -22.19 0.48 38.48
N ASP C 121 -21.32 0.78 39.46
CA ASP C 121 -21.76 1.50 40.64
C ASP C 121 -22.27 2.89 40.29
N GLU C 122 -21.56 3.59 39.40
CA GLU C 122 -21.98 4.95 39.04
C GLU C 122 -23.19 4.95 38.12
N CYS C 123 -23.32 3.94 37.26
CA CYS C 123 -24.55 3.81 36.46
C CYS C 123 -25.76 3.66 37.37
N ARG C 124 -25.65 2.80 38.39
CA ARG C 124 -26.77 2.61 39.32
C ARG C 124 -27.07 3.92 40.04
N LYS C 125 -26.02 4.59 40.54
CA LYS C 125 -26.21 5.86 41.24
C LYS C 125 -26.94 6.89 40.37
N GLN C 126 -26.57 7.00 39.10
CA GLN C 126 -27.06 8.09 38.23
C GLN C 126 -28.24 7.70 37.35
N GLY C 127 -28.75 6.47 37.48
CA GLY C 127 -29.93 6.09 36.72
C GLY C 127 -29.68 5.73 35.28
N ILE C 128 -28.50 5.20 34.96
CA ILE C 128 -28.13 4.77 33.61
C ILE C 128 -28.01 3.26 33.63
N ARG C 129 -28.58 2.59 32.64
CA ARG C 129 -28.52 1.13 32.56
C ARG C 129 -27.20 0.69 31.93
N LEU C 130 -26.68 -0.45 32.36
CA LEU C 130 -25.38 -0.95 31.92
C LEU C 130 -25.56 -2.21 31.08
N HIS C 131 -25.06 -2.17 29.84
CA HIS C 131 -25.02 -3.31 28.95
C HIS C 131 -23.56 -3.74 28.78
N LEU C 132 -23.33 -5.03 28.57
CA LEU C 132 -21.96 -5.54 28.48
C LEU C 132 -21.71 -6.20 27.13
N TYR C 133 -20.73 -5.66 26.38
CA TYR C 133 -20.20 -6.30 25.19
C TYR C 133 -19.27 -7.44 25.59
N TYR C 134 -19.38 -8.59 24.90
CA TYR C 134 -18.55 -9.76 25.18
C TYR C 134 -18.18 -10.44 23.87
N SER C 135 -16.90 -10.67 23.63
CA SER C 135 -16.44 -11.18 22.34
C SER C 135 -16.43 -12.71 22.32
N HIS C 136 -17.17 -13.31 21.37
CA HIS C 136 -17.03 -14.72 21.00
C HIS C 136 -15.68 -15.04 20.39
N LEU C 137 -15.01 -14.05 19.79
CA LEU C 137 -13.74 -14.25 19.11
C LEU C 137 -12.58 -13.93 20.05
N ASP C 138 -11.52 -14.74 19.97
CA ASP C 138 -10.36 -14.59 20.84
C ASP C 138 -9.08 -14.80 20.03
N TRP C 139 -8.22 -13.78 19.99
CA TRP C 139 -6.96 -13.87 19.25
C TRP C 139 -5.77 -14.32 20.11
N ARG C 140 -5.97 -14.52 21.41
CA ARG C 140 -4.93 -14.90 22.34
C ARG C 140 -4.99 -16.37 22.74
N ARG C 141 -6.17 -16.86 23.09
CA ARG C 141 -6.27 -18.17 23.73
C ARG C 141 -6.03 -19.29 22.73
N ASP C 142 -5.29 -20.31 23.17
CA ASP C 142 -4.99 -21.41 22.27
C ASP C 142 -6.13 -22.43 22.20
N ASP C 143 -7.15 -22.33 23.07
CA ASP C 143 -8.32 -23.20 22.94
C ASP C 143 -9.42 -22.60 22.05
N TYR C 144 -9.19 -21.39 21.51
CA TYR C 144 -9.96 -20.92 20.35
C TYR C 144 -9.39 -21.69 19.16
N TYR C 145 -9.88 -22.94 18.99
CA TYR C 145 -9.30 -23.86 18.02
C TYR C 145 -10.39 -24.77 17.46
N PRO C 146 -10.46 -24.98 16.13
CA PRO C 146 -9.59 -24.41 15.08
C PRO C 146 -9.82 -22.90 14.91
N LEU C 147 -8.87 -22.21 14.27
CA LEU C 147 -9.04 -20.79 14.01
C LEU C 147 -10.07 -20.59 12.89
N GLY C 148 -10.60 -19.37 12.83
CA GLY C 148 -11.42 -18.86 11.73
C GLY C 148 -10.59 -18.06 10.76
N ARG C 149 -11.16 -16.96 10.28
CA ARG C 149 -10.42 -16.20 9.28
C ARG C 149 -9.45 -15.17 9.86
N THR C 150 -9.65 -14.73 11.11
CA THR C 150 -8.75 -13.75 11.72
C THR C 150 -7.82 -14.41 12.73
N GLY C 151 -6.87 -13.60 13.23
CA GLY C 151 -5.96 -14.05 14.28
C GLY C 151 -4.94 -15.07 13.87
N LYS C 152 -4.81 -15.38 12.58
CA LYS C 152 -3.84 -16.39 12.19
C LYS C 152 -2.40 -15.91 12.36
N GLY C 153 -2.17 -14.62 12.48
CA GLY C 153 -0.83 -14.07 12.59
C GLY C 153 -0.38 -13.67 13.97
N THR C 154 -1.11 -14.02 15.03
CA THR C 154 -0.78 -13.55 16.37
C THR C 154 0.17 -14.48 17.13
N GLY C 155 0.74 -15.48 16.46
CA GLY C 155 1.86 -16.22 17.03
C GLY C 155 1.50 -17.41 17.90
N ARG C 156 0.25 -17.85 17.91
CA ARG C 156 -0.07 -19.02 18.70
C ARG C 156 0.58 -20.25 18.08
N THR C 157 1.23 -21.05 18.92
CA THR C 157 1.92 -22.26 18.47
C THR C 157 1.49 -23.51 19.23
N THR C 158 0.50 -23.41 20.11
CA THR C 158 -0.09 -24.53 20.82
C THR C 158 -1.58 -24.53 20.50
N GLN C 159 -2.26 -25.64 20.81
CA GLN C 159 -3.68 -25.74 20.48
C GLN C 159 -4.42 -26.45 21.60
N GLY C 160 -5.54 -25.86 22.01
CA GLY C 160 -6.42 -26.43 23.02
C GLY C 160 -7.71 -26.94 22.43
N LYS C 161 -8.71 -27.14 23.32
CA LYS C 161 -9.97 -27.74 22.95
C LYS C 161 -11.09 -26.70 22.94
N TRP C 162 -11.90 -26.71 21.89
CA TRP C 162 -13.01 -25.76 21.80
C TRP C 162 -13.96 -25.92 22.98
N GLU C 163 -14.11 -27.14 23.51
CA GLU C 163 -15.00 -27.32 24.65
C GLU C 163 -14.50 -26.54 25.86
N ASP C 164 -13.18 -26.47 26.05
CA ASP C 164 -12.64 -25.67 27.14
C ASP C 164 -12.81 -24.18 26.89
N TYR C 165 -12.74 -23.74 25.63
CA TYR C 165 -13.03 -22.33 25.34
C TYR C 165 -14.48 -22.01 25.66
N CYS C 166 -15.40 -22.91 25.32
CA CYS C 166 -16.82 -22.67 25.59
C CYS C 166 -17.09 -22.60 27.09
N ALA C 167 -16.44 -23.48 27.87
CA ALA C 167 -16.57 -23.42 29.32
C ALA C 167 -16.05 -22.09 29.87
N PHE C 168 -14.90 -21.63 29.33
CA PHE C 168 -14.35 -20.34 29.72
C PHE C 168 -15.37 -19.23 29.53
N MET C 169 -16.01 -19.16 28.35
CA MET C 169 -16.98 -18.11 28.11
C MET C 169 -18.18 -18.22 29.05
N ASN C 170 -18.69 -19.45 29.26
CA ASN C 170 -19.80 -19.63 30.18
C ASN C 170 -19.46 -19.07 31.57
N ASN C 171 -18.26 -19.36 32.05
CA ASN C 171 -17.87 -18.94 33.39
C ASN C 171 -17.61 -17.45 33.44
N GLN C 172 -17.14 -16.84 32.36
CA GLN C 172 -17.03 -15.38 32.35
C GLN C 172 -18.39 -14.71 32.32
N LEU C 173 -19.31 -15.20 31.48
CA LEU C 173 -20.66 -14.65 31.48
C LEU C 173 -21.29 -14.75 32.86
N THR C 174 -21.04 -15.87 33.54
CA THR C 174 -21.60 -16.08 34.87
C THR C 174 -21.08 -15.01 35.83
N GLU C 175 -19.77 -14.74 35.79
CA GLU C 175 -19.19 -13.72 36.66
C GLU C 175 -19.85 -12.38 36.39
N LEU C 176 -19.99 -12.03 35.10
CA LEU C 176 -20.50 -10.72 34.70
C LEU C 176 -21.93 -10.52 35.17
N LEU C 177 -22.69 -11.61 35.29
CA LEU C 177 -24.09 -11.55 35.68
C LEU C 177 -24.30 -11.89 37.15
N THR C 178 -23.22 -12.10 37.89
CA THR C 178 -23.27 -12.31 39.34
C THR C 178 -22.75 -11.12 40.12
N ASN C 179 -21.66 -10.48 39.70
CA ASN C 179 -20.90 -9.62 40.59
C ASN C 179 -21.08 -8.12 40.32
N TYR C 180 -21.91 -7.72 39.34
CA TYR C 180 -22.00 -6.35 38.87
C TYR C 180 -23.42 -5.80 38.91
N GLY C 181 -24.30 -6.38 39.72
CA GLY C 181 -25.66 -5.91 39.80
C GLY C 181 -26.50 -6.30 38.57
N LEU C 182 -27.62 -5.60 38.43
CA LEU C 182 -28.48 -5.85 37.28
C LEU C 182 -27.82 -5.36 36.00
N ILE C 183 -27.86 -6.20 34.97
CA ILE C 183 -27.23 -5.93 33.69
C ILE C 183 -28.33 -5.93 32.64
N GLY C 184 -28.37 -4.88 31.83
CA GLY C 184 -29.48 -4.72 30.90
C GLY C 184 -29.39 -5.54 29.63
N ALA C 185 -28.18 -5.87 29.20
CA ALA C 185 -28.03 -6.67 27.99
C ALA C 185 -26.64 -7.29 27.98
N ILE C 186 -26.53 -8.46 27.35
CA ILE C 186 -25.26 -8.97 26.84
C ILE C 186 -25.25 -8.79 25.32
N TRP C 187 -24.16 -8.25 24.80
CA TRP C 187 -24.02 -7.85 23.39
C TRP C 187 -22.85 -8.65 22.85
N PHE C 188 -23.16 -9.78 22.23
CA PHE C 188 -22.14 -10.66 21.66
C PHE C 188 -21.63 -10.16 20.31
N ASP C 189 -20.40 -10.55 19.96
CA ASP C 189 -19.78 -10.15 18.71
C ASP C 189 -18.69 -11.16 18.37
N GLY C 190 -18.47 -11.38 17.08
CA GLY C 190 -17.33 -12.14 16.62
C GLY C 190 -17.61 -13.49 15.99
N MET C 191 -18.85 -14.01 16.06
CA MET C 191 -19.08 -15.36 15.54
C MET C 191 -18.94 -15.44 14.02
N TRP C 192 -19.04 -14.30 13.32
CA TRP C 192 -18.74 -14.25 11.88
C TRP C 192 -17.32 -14.69 11.56
N ASP C 193 -16.43 -14.79 12.57
CA ASP C 193 -15.06 -15.23 12.32
C ASP C 193 -15.00 -16.59 11.63
N LYS C 194 -15.96 -17.47 11.89
CA LYS C 194 -15.94 -18.82 11.35
C LYS C 194 -16.92 -19.00 10.21
N ASP C 195 -17.36 -17.90 9.60
CA ASP C 195 -18.21 -17.98 8.41
C ASP C 195 -17.50 -18.57 7.20
N ILE C 196 -16.21 -18.90 7.30
CA ILE C 196 -15.50 -19.62 6.24
C ILE C 196 -15.76 -21.11 6.24
N TYR C 197 -16.39 -21.63 7.27
CA TYR C 197 -16.69 -23.04 7.42
C TYR C 197 -18.18 -23.30 7.19
N PRO C 198 -18.53 -24.47 6.65
CA PRO C 198 -19.94 -24.72 6.32
C PRO C 198 -20.87 -24.64 7.52
N ASP C 199 -20.45 -25.18 8.67
CA ASP C 199 -21.23 -25.10 9.90
C ASP C 199 -20.78 -23.95 10.80
N GLY C 200 -20.03 -22.99 10.25
CA GLY C 200 -19.39 -21.99 11.09
C GLY C 200 -20.31 -20.96 11.70
N MET C 201 -21.55 -20.85 11.23
CA MET C 201 -22.48 -19.85 11.73
C MET C 201 -23.69 -20.50 12.41
N THR C 202 -23.51 -21.71 12.92
CA THR C 202 -24.61 -22.42 13.55
C THR C 202 -24.61 -22.15 15.06
N ALA C 203 -25.81 -22.26 15.67
CA ALA C 203 -25.91 -22.20 17.12
C ALA C 203 -25.09 -23.31 17.78
N LYS C 204 -25.02 -24.47 17.15
CA LYS C 204 -24.29 -25.57 17.77
C LYS C 204 -22.80 -25.29 17.81
N THR C 205 -22.24 -24.71 16.75
CA THR C 205 -20.81 -24.44 16.75
C THR C 205 -20.43 -23.47 17.86
N TRP C 206 -21.28 -22.48 18.11
CA TRP C 206 -20.98 -21.38 19.03
C TRP C 206 -21.60 -21.59 20.41
N ASN C 207 -22.20 -22.75 20.65
CA ASN C 207 -22.78 -23.08 21.95
C ASN C 207 -23.81 -22.03 22.39
N LEU C 208 -24.58 -21.50 21.42
CA LEU C 208 -25.45 -20.37 21.73
C LEU C 208 -26.59 -20.75 22.68
N ASN C 209 -27.21 -21.91 22.48
CA ASN C 209 -28.37 -22.26 23.30
C ASN C 209 -28.01 -22.35 24.78
N GLU C 210 -26.87 -22.98 25.09
CA GLU C 210 -26.42 -23.07 26.48
C GLU C 210 -26.12 -21.68 27.04
N GLN C 211 -25.46 -20.83 26.24
CA GLN C 211 -25.10 -19.48 26.66
C GLN C 211 -26.33 -18.64 26.94
N TYR C 212 -27.26 -18.63 25.98
CA TYR C 212 -28.47 -17.82 26.13
C TYR C 212 -29.30 -18.30 27.31
N THR C 213 -29.46 -19.61 27.45
CA THR C 213 -30.22 -20.16 28.56
C THR C 213 -29.58 -19.78 29.89
N LEU C 214 -28.24 -19.77 29.94
CA LEU C 214 -27.53 -19.43 31.17
C LEU C 214 -27.74 -17.96 31.52
N ILE C 215 -27.61 -17.07 30.54
CA ILE C 215 -27.83 -15.65 30.77
C ILE C 215 -29.22 -15.41 31.34
N HIS C 216 -30.25 -15.97 30.70
CA HIS C 216 -31.62 -15.71 31.10
C HIS C 216 -31.99 -16.41 32.40
N ARG C 217 -31.27 -17.47 32.77
CA ARG C 217 -31.45 -18.08 34.07
C ARG C 217 -30.88 -17.21 35.18
N LEU C 218 -29.70 -16.62 34.94
CA LEU C 218 -29.10 -15.73 35.92
C LEU C 218 -29.87 -14.41 36.03
N GLN C 219 -30.30 -13.83 34.90
CA GLN C 219 -30.99 -12.55 34.91
C GLN C 219 -32.06 -12.56 33.83
N PRO C 220 -33.27 -13.02 34.17
CA PRO C 220 -34.30 -13.19 33.12
C PRO C 220 -34.59 -11.93 32.34
N ALA C 221 -34.45 -10.75 32.94
CA ALA C 221 -34.73 -9.49 32.26
C ALA C 221 -33.59 -9.01 31.39
N CYS C 222 -32.44 -9.67 31.44
CA CYS C 222 -31.31 -9.28 30.62
C CYS C 222 -31.59 -9.57 29.15
N LEU C 223 -31.40 -8.56 28.30
CA LEU C 223 -31.59 -8.72 26.87
C LEU C 223 -30.33 -9.27 26.21
N ILE C 224 -30.49 -10.11 25.19
CA ILE C 224 -29.36 -10.68 24.47
C ILE C 224 -29.37 -10.16 23.04
N GLY C 225 -28.23 -9.62 22.61
CA GLY C 225 -28.00 -9.29 21.21
C GLY C 225 -26.76 -10.00 20.73
N ASN C 226 -26.70 -10.26 19.41
CA ASN C 226 -25.55 -10.95 18.83
C ASN C 226 -25.28 -10.32 17.47
N ASN C 227 -24.10 -9.71 17.31
CA ASN C 227 -23.75 -8.95 16.10
C ASN C 227 -23.22 -9.87 15.02
N HIS C 228 -24.08 -10.78 14.56
CA HIS C 228 -23.74 -11.74 13.52
C HIS C 228 -24.17 -11.31 12.13
N HIS C 229 -24.94 -10.23 12.02
CA HIS C 229 -25.40 -9.68 10.74
C HIS C 229 -26.34 -10.60 9.99
N ILE C 230 -26.99 -11.56 10.64
CA ILE C 230 -27.91 -12.48 9.96
C ILE C 230 -29.22 -12.54 10.74
N THR C 231 -30.11 -13.47 10.40
CA THR C 231 -31.38 -13.52 11.09
C THR C 231 -31.16 -13.93 12.55
N PRO C 232 -31.81 -13.25 13.51
CA PRO C 232 -31.51 -13.53 14.93
C PRO C 232 -31.80 -14.97 15.31
N PHE C 233 -30.91 -15.54 16.14
CA PHE C 233 -31.14 -16.87 16.64
C PHE C 233 -32.16 -16.84 17.79
N ALA C 234 -32.91 -17.93 17.93
CA ALA C 234 -33.85 -18.07 19.04
C ALA C 234 -33.13 -17.85 20.37
N GLY C 235 -33.70 -16.98 21.21
CA GLY C 235 -33.10 -16.61 22.48
C GLY C 235 -32.53 -15.20 22.48
N GLU C 236 -32.31 -14.62 21.31
CA GLU C 236 -31.90 -13.22 21.24
C GLU C 236 -33.12 -12.34 21.42
N ASP C 237 -32.91 -11.18 22.04
CA ASP C 237 -33.98 -10.26 22.38
C ASP C 237 -33.88 -8.93 21.66
N ILE C 238 -32.75 -8.64 21.04
CA ILE C 238 -32.58 -7.43 20.24
C ILE C 238 -31.84 -7.82 18.98
N GLN C 239 -32.10 -7.07 17.91
CA GLN C 239 -31.41 -7.25 16.64
C GLN C 239 -30.52 -6.06 16.37
N ILE C 240 -29.29 -6.33 15.95
CA ILE C 240 -28.25 -5.33 15.77
C ILE C 240 -28.01 -5.12 14.28
N PHE C 241 -27.96 -3.85 13.87
CA PHE C 241 -27.50 -3.43 12.55
C PHE C 241 -26.26 -2.58 12.73
N GLU C 242 -25.14 -3.01 12.15
CA GLU C 242 -23.85 -2.37 12.39
C GLU C 242 -23.59 -1.34 11.29
N ARG C 243 -23.49 -0.07 11.68
CA ARG C 243 -23.18 1.05 10.79
C ARG C 243 -24.23 1.26 9.70
N ASP C 244 -25.46 0.82 9.93
CA ASP C 244 -26.55 1.15 9.01
C ASP C 244 -27.84 1.17 9.81
N LEU C 245 -28.77 2.02 9.37
CA LEU C 245 -30.15 1.91 9.79
C LEU C 245 -30.76 0.61 9.26
N PRO C 246 -31.72 0.03 9.98
CA PRO C 246 -32.35 -1.20 9.47
C PRO C 246 -32.91 -0.95 8.06
N GLY C 247 -32.72 -1.93 7.18
CA GLY C 247 -33.14 -1.81 5.80
C GLY C 247 -32.15 -1.14 4.87
N GLU C 248 -31.05 -0.61 5.39
CA GLU C 248 -30.03 0.03 4.57
C GLU C 248 -28.75 -0.78 4.69
N ASN C 249 -27.86 -0.57 3.72
CA ASN C 249 -26.60 -1.32 3.66
C ASN C 249 -25.51 -0.48 3.00
N LYS C 250 -25.44 0.81 3.34
CA LYS C 250 -24.41 1.68 2.77
C LYS C 250 -23.01 1.28 3.23
N ALA C 251 -22.88 0.69 4.42
CA ALA C 251 -21.59 0.31 4.95
C ALA C 251 -21.22 -1.14 4.65
N GLY C 252 -22.13 -1.91 4.06
CA GLY C 252 -21.81 -3.24 3.58
C GLY C 252 -21.77 -4.32 4.64
N LEU C 253 -22.16 -4.02 5.86
CA LEU C 253 -22.16 -5.01 6.93
C LEU C 253 -23.56 -5.51 7.29
N SER C 254 -24.57 -5.15 6.50
CA SER C 254 -25.95 -5.51 6.80
C SER C 254 -26.57 -6.28 5.64
N GLY C 255 -27.81 -5.96 5.27
CA GLY C 255 -28.52 -6.69 4.24
C GLY C 255 -29.46 -7.75 4.76
N GLN C 256 -29.43 -8.03 6.06
CA GLN C 256 -30.28 -9.04 6.67
C GLN C 256 -31.70 -8.52 6.87
N ASP C 257 -32.66 -9.44 6.87
CA ASP C 257 -34.04 -9.01 7.03
C ASP C 257 -34.26 -8.39 8.41
N ILE C 258 -35.19 -7.45 8.48
CA ILE C 258 -35.59 -6.83 9.73
C ILE C 258 -36.51 -7.80 10.47
N SER C 259 -36.10 -8.19 11.68
CA SER C 259 -36.87 -9.11 12.49
C SER C 259 -37.95 -8.36 13.28
N ARG C 260 -38.67 -9.09 14.12
CA ARG C 260 -39.66 -8.51 15.03
C ARG C 260 -39.08 -8.16 16.39
N LEU C 261 -37.78 -8.35 16.59
CA LEU C 261 -37.14 -7.98 17.83
C LEU C 261 -36.88 -6.48 17.89
N PRO C 262 -36.78 -5.91 19.09
CA PRO C 262 -36.26 -4.55 19.22
C PRO C 262 -34.98 -4.36 18.41
N LEU C 263 -34.89 -3.22 17.74
CA LEU C 263 -33.82 -2.93 16.79
C LEU C 263 -32.86 -1.89 17.34
N GLU C 264 -31.57 -2.05 17.04
CA GLU C 264 -30.54 -1.13 17.50
C GLU C 264 -29.48 -0.99 16.40
N THR C 265 -29.23 0.25 15.98
CA THR C 265 -28.15 0.56 15.05
C THR C 265 -26.94 1.05 15.86
N CYS C 266 -25.75 0.53 15.58
CA CYS C 266 -24.56 1.05 16.24
C CYS C 266 -23.67 1.77 15.23
N GLU C 267 -22.93 2.78 15.72
CA GLU C 267 -22.17 3.66 14.84
C GLU C 267 -21.07 4.33 15.65
N THR C 268 -20.01 4.74 14.96
CA THR C 268 -18.90 5.46 15.59
C THR C 268 -19.11 6.96 15.47
N MET C 269 -18.61 7.70 16.46
CA MET C 269 -18.74 9.15 16.41
C MET C 269 -17.67 9.77 15.51
N ASN C 270 -16.42 9.29 15.60
CA ASN C 270 -15.43 9.47 14.53
C ASN C 270 -15.59 8.24 13.64
N GLY C 271 -14.50 7.72 13.07
CA GLY C 271 -14.57 6.56 12.23
C GLY C 271 -14.27 5.21 12.86
N MET C 272 -13.89 5.16 14.13
CA MET C 272 -13.34 3.94 14.73
C MET C 272 -13.97 3.67 16.09
N TRP C 273 -13.97 2.39 16.48
CA TRP C 273 -14.57 2.02 17.76
C TRP C 273 -13.61 2.28 18.90
N GLY C 274 -12.43 1.67 18.87
CA GLY C 274 -11.38 2.02 19.81
C GLY C 274 -10.75 3.37 19.50
N TYR C 275 -10.13 3.96 20.53
CA TYR C 275 -9.42 5.22 20.37
C TYR C 275 -8.39 5.12 19.25
N LYS C 276 -8.31 6.15 18.42
CA LYS C 276 -7.40 6.13 17.28
C LYS C 276 -6.83 7.53 17.14
N ILE C 277 -5.53 7.67 17.42
CA ILE C 277 -4.97 9.00 17.59
C ILE C 277 -4.95 9.77 16.28
N THR C 278 -4.89 9.07 15.14
CA THR C 278 -4.91 9.77 13.86
C THR C 278 -6.32 10.19 13.42
N ASP C 279 -7.37 9.71 14.08
CA ASP C 279 -8.75 9.95 13.64
C ASP C 279 -9.41 10.92 14.62
N GLN C 280 -9.32 12.22 14.32
CA GLN C 280 -9.98 13.23 15.13
C GLN C 280 -11.17 13.87 14.39
N ASP C 281 -11.74 13.16 13.42
CA ASP C 281 -12.84 13.68 12.59
C ASP C 281 -14.16 13.23 13.19
N TYR C 282 -14.65 13.99 14.16
CA TYR C 282 -15.90 13.65 14.83
C TYR C 282 -17.07 14.28 14.09
N LYS C 283 -18.09 13.46 13.81
CA LYS C 283 -19.29 13.94 13.14
C LYS C 283 -19.87 15.16 13.87
N SER C 284 -20.46 16.07 13.10
CA SER C 284 -21.05 17.27 13.68
C SER C 284 -22.25 16.92 14.56
N THR C 285 -22.55 17.83 15.51
CA THR C 285 -23.76 17.70 16.31
C THR C 285 -24.99 17.56 15.43
N LYS C 286 -25.07 18.32 14.34
CA LYS C 286 -26.22 18.24 13.44
C LYS C 286 -26.36 16.83 12.86
N ILE C 287 -25.24 16.26 12.39
CA ILE C 287 -25.28 14.92 11.82
C ILE C 287 -25.65 13.90 12.89
N LEU C 288 -25.14 14.07 14.11
CA LEU C 288 -25.44 13.11 15.17
C LEU C 288 -26.91 13.17 15.56
N ILE C 289 -27.45 14.38 15.73
CA ILE C 289 -28.87 14.53 16.04
C ILE C 289 -29.72 13.88 14.95
N GLN C 290 -29.42 14.19 13.69
CA GLN C 290 -30.21 13.61 12.61
C GLN C 290 -30.08 12.09 12.58
N TYR C 291 -28.92 11.55 12.97
CA TYR C 291 -28.75 10.10 12.97
C TYR C 291 -29.68 9.45 14.00
N LEU C 292 -29.76 10.06 15.19
CA LEU C 292 -30.67 9.58 16.22
C LEU C 292 -32.11 9.66 15.77
N VAL C 293 -32.49 10.77 15.13
CA VAL C 293 -33.87 10.91 14.65
C VAL C 293 -34.17 9.89 13.56
N LYS C 294 -33.24 9.68 12.62
CA LYS C 294 -33.51 8.72 11.57
C LYS C 294 -33.66 7.31 12.13
N ALA C 295 -32.84 6.96 13.13
CA ALA C 295 -33.00 5.66 13.76
C ALA C 295 -34.38 5.53 14.39
N ALA C 296 -34.77 6.52 15.20
CA ALA C 296 -36.08 6.50 15.83
C ALA C 296 -37.20 6.40 14.80
N GLY C 297 -37.03 7.08 13.66
CA GLY C 297 -38.04 7.02 12.61
C GLY C 297 -38.14 5.67 11.93
N LYS C 298 -37.09 4.85 12.02
CA LYS C 298 -37.10 3.48 11.52
C LYS C 298 -37.33 2.47 12.64
N ASN C 299 -37.85 2.93 13.78
CA ASN C 299 -38.19 2.08 14.93
C ASN C 299 -36.96 1.41 15.54
N ALA C 300 -35.84 2.15 15.58
CA ALA C 300 -34.58 1.61 16.08
C ALA C 300 -33.93 2.55 17.08
N ASN C 301 -33.22 1.94 18.04
CA ASN C 301 -32.31 2.66 18.92
C ASN C 301 -31.03 3.02 18.16
N LEU C 302 -30.34 4.06 18.64
CA LEU C 302 -28.99 4.39 18.20
C LEU C 302 -28.02 4.17 19.35
N LEU C 303 -26.99 3.36 19.11
CA LEU C 303 -25.89 3.11 20.04
C LEU C 303 -24.66 3.77 19.44
N MET C 304 -24.32 4.97 19.94
CA MET C 304 -23.26 5.81 19.39
C MET C 304 -21.98 5.63 20.21
N ASN C 305 -20.85 5.44 19.54
CA ASN C 305 -19.63 5.04 20.22
C ASN C 305 -18.71 6.21 20.60
N VAL C 306 -17.99 6.00 21.70
CA VAL C 306 -16.82 6.80 22.08
C VAL C 306 -15.70 5.83 22.46
N GLY C 307 -14.47 6.16 22.06
CA GLY C 307 -13.33 5.34 22.38
C GLY C 307 -12.40 6.04 23.34
N PRO C 308 -12.41 5.63 24.60
CA PRO C 308 -11.61 6.35 25.61
C PRO C 308 -10.11 6.28 25.36
N GLN C 309 -9.41 7.31 25.85
CA GLN C 309 -7.98 7.47 25.69
C GLN C 309 -7.19 6.57 26.63
N PRO C 310 -5.92 6.33 26.33
CA PRO C 310 -5.09 5.53 27.25
C PRO C 310 -4.86 6.19 28.62
N ASN C 311 -5.07 7.50 28.74
CA ASN C 311 -4.99 8.14 30.05
C ASN C 311 -6.32 8.08 30.82
N GLY C 312 -7.34 7.44 30.25
CA GLY C 312 -8.59 7.24 30.96
C GLY C 312 -9.65 8.29 30.73
N GLU C 313 -9.38 9.31 29.93
CA GLU C 313 -10.39 10.33 29.66
C GLU C 313 -11.20 9.99 28.42
N LEU C 314 -12.48 10.38 28.43
CA LEU C 314 -13.23 10.42 27.18
C LEU C 314 -12.74 11.58 26.32
N PRO C 315 -12.65 11.40 25.01
CA PRO C 315 -12.20 12.51 24.15
C PRO C 315 -13.01 13.78 24.39
N THR C 316 -12.30 14.91 24.53
CA THR C 316 -12.98 16.16 24.84
C THR C 316 -14.00 16.53 23.78
N VAL C 317 -13.67 16.30 22.51
CA VAL C 317 -14.62 16.65 21.46
C VAL C 317 -15.87 15.78 21.55
N ALA C 318 -15.69 14.49 21.89
CA ALA C 318 -16.86 13.63 22.03
C ALA C 318 -17.74 14.10 23.18
N VAL C 319 -17.12 14.54 24.28
CA VAL C 319 -17.90 15.04 25.40
C VAL C 319 -18.67 16.29 25.00
N GLN C 320 -18.06 17.13 24.18
CA GLN C 320 -18.75 18.34 23.72
C GLN C 320 -19.93 17.99 22.81
N ARG C 321 -19.74 17.05 21.88
CA ARG C 321 -20.86 16.63 21.04
C ARG C 321 -22.00 16.10 21.90
N LEU C 322 -21.68 15.22 22.86
CA LEU C 322 -22.71 14.67 23.73
C LEU C 322 -23.46 15.77 24.46
N ARG C 323 -22.73 16.76 24.98
CA ARG C 323 -23.36 17.88 25.67
C ARG C 323 -24.33 18.60 24.76
N GLU C 324 -23.92 18.85 23.51
CA GLU C 324 -24.76 19.58 22.57
C GLU C 324 -25.94 18.75 22.09
N MET C 325 -25.77 17.43 21.95
CA MET C 325 -26.94 16.59 21.70
C MET C 325 -27.93 16.72 22.85
N GLY C 326 -27.44 16.76 24.10
CA GLY C 326 -28.34 16.85 25.23
C GLY C 326 -29.09 18.17 25.29
N GLU C 327 -28.44 19.25 24.83
CA GLU C 327 -29.12 20.54 24.72
C GLU C 327 -30.32 20.44 23.78
N TRP C 328 -30.19 19.67 22.69
CA TRP C 328 -31.32 19.44 21.79
C TRP C 328 -32.36 18.54 22.46
N MET C 329 -31.91 17.47 23.13
CA MET C 329 -32.85 16.56 23.80
C MET C 329 -33.64 17.23 24.90
N LYS C 330 -33.06 18.23 25.57
CA LYS C 330 -33.81 18.95 26.59
C LYS C 330 -35.11 19.49 26.01
N ILE C 331 -35.10 19.90 24.75
CA ILE C 331 -36.31 20.39 24.11
C ILE C 331 -37.11 19.27 23.44
N TYR C 332 -36.44 18.34 22.76
CA TYR C 332 -37.09 17.44 21.81
C TYR C 332 -37.18 15.98 22.26
N ALA C 333 -36.67 15.62 23.44
CA ALA C 333 -36.71 14.22 23.85
C ALA C 333 -38.10 13.59 23.74
N PRO C 334 -39.20 14.27 24.07
CA PRO C 334 -40.52 13.63 23.98
C PRO C 334 -40.95 13.24 22.56
N THR C 335 -40.30 13.80 21.54
CA THR C 335 -40.60 13.44 20.17
C THR C 335 -39.80 12.22 19.69
N ILE C 336 -38.92 11.66 20.54
N ILE C 336 -38.96 11.63 20.56
CA ILE C 336 -38.19 10.46 20.15
CA ILE C 336 -38.13 10.50 20.18
C ILE C 336 -38.20 9.42 21.27
C ILE C 336 -38.19 9.43 21.27
N GLN C 337 -37.85 9.79 22.50
CA GLN C 337 -37.94 8.82 23.59
C GLN C 337 -39.41 8.55 23.90
N GLY C 338 -39.72 7.28 24.15
CA GLY C 338 -41.09 6.88 24.37
C GLY C 338 -41.91 6.70 23.10
N THR C 339 -41.30 6.80 21.93
CA THR C 339 -42.00 6.64 20.67
C THR C 339 -41.57 5.34 19.99
N ARG C 340 -42.28 5.02 18.91
CA ARG C 340 -41.93 3.96 17.97
C ARG C 340 -41.91 4.57 16.57
N GLY C 341 -41.34 3.84 15.62
CA GLY C 341 -41.33 4.27 14.24
C GLY C 341 -42.72 4.60 13.75
N GLY C 342 -42.87 5.69 13.00
CA GLY C 342 -44.18 6.21 12.68
C GLY C 342 -44.80 5.54 11.48
N VAL C 343 -46.12 5.75 11.32
CA VAL C 343 -46.86 5.09 10.25
C VAL C 343 -46.32 5.49 8.89
N VAL C 344 -45.75 6.69 8.77
CA VAL C 344 -45.09 7.10 7.53
C VAL C 344 -43.62 6.72 7.69
N THR C 345 -43.16 5.76 6.90
CA THR C 345 -41.79 5.25 7.01
C THR C 345 -40.82 6.26 6.41
N PRO C 346 -39.51 6.07 6.64
CA PRO C 346 -38.55 7.12 6.30
C PRO C 346 -38.54 7.51 4.82
N ARG C 347 -38.37 8.81 4.58
CA ARG C 347 -38.33 9.37 3.25
C ARG C 347 -37.19 10.38 3.16
N ASP C 348 -36.94 10.85 1.94
CA ASP C 348 -35.80 11.74 1.73
C ASP C 348 -35.91 13.01 2.60
N TRP C 349 -37.14 13.49 2.84
CA TRP C 349 -37.31 14.73 3.61
C TRP C 349 -37.19 14.53 5.12
N GLY C 350 -37.29 13.31 5.61
CA GLY C 350 -37.25 13.06 7.04
C GLY C 350 -38.02 11.80 7.39
N VAL C 351 -38.51 11.76 8.63
CA VAL C 351 -39.11 10.56 9.22
C VAL C 351 -40.30 10.98 10.09
N THR C 352 -41.03 9.98 10.58
CA THR C 352 -42.04 10.21 11.61
C THR C 352 -41.85 9.22 12.76
N THR C 353 -42.22 9.67 13.96
CA THR C 353 -42.30 8.80 15.12
C THR C 353 -43.69 8.95 15.71
N GLN C 354 -44.08 8.01 16.57
CA GLN C 354 -45.45 8.07 17.08
C GLN C 354 -45.55 7.53 18.50
N LYS C 355 -46.61 7.96 19.17
CA LYS C 355 -46.95 7.51 20.52
C LYS C 355 -48.43 7.83 20.70
N GLY C 356 -49.22 6.82 21.03
CA GLY C 356 -50.64 7.09 21.28
C GLY C 356 -51.37 7.54 20.01
N LYS C 357 -52.03 8.69 20.11
CA LYS C 357 -52.68 9.33 18.97
C LYS C 357 -51.81 10.41 18.33
N THR C 358 -50.53 10.46 18.69
CA THR C 358 -49.63 11.54 18.31
C THR C 358 -48.62 11.05 17.28
N LEU C 359 -48.50 11.80 16.20
CA LEU C 359 -47.50 11.56 15.15
C LEU C 359 -46.56 12.77 15.11
N TYR C 360 -45.28 12.52 15.36
CA TYR C 360 -44.27 13.57 15.24
C TYR C 360 -43.64 13.49 13.85
N VAL C 361 -43.72 14.60 13.12
CA VAL C 361 -43.16 14.69 11.78
C VAL C 361 -41.83 15.43 11.89
N HIS C 362 -40.76 14.71 11.62
CA HIS C 362 -39.40 15.21 11.77
C HIS C 362 -38.88 15.58 10.38
N VAL C 363 -38.89 16.87 10.06
CA VAL C 363 -38.45 17.34 8.75
C VAL C 363 -36.95 17.66 8.84
N LEU C 364 -36.14 16.81 8.22
CA LEU C 364 -34.70 16.87 8.29
C LEU C 364 -34.04 17.48 7.05
N ASN C 365 -34.72 17.50 5.91
CA ASN C 365 -34.09 17.84 4.64
C ASN C 365 -35.14 18.27 3.62
N LEU C 366 -35.59 19.53 3.73
CA LEU C 366 -36.68 20.01 2.87
C LEU C 366 -36.59 21.53 2.82
N ASP C 367 -36.46 22.10 1.63
CA ASP C 367 -36.45 23.55 1.51
C ASP C 367 -37.81 24.12 1.10
N ASP C 368 -38.72 23.30 0.63
CA ASP C 368 -40.04 23.75 0.18
C ASP C 368 -40.97 23.90 1.38
N LYS C 369 -42.10 24.57 1.13
CA LYS C 369 -43.00 25.00 2.19
C LYS C 369 -44.31 24.20 2.18
N ALA C 370 -44.23 22.96 1.71
CA ALA C 370 -45.35 22.03 1.84
C ALA C 370 -44.77 20.63 1.91
N LEU C 371 -45.55 19.73 2.52
CA LEU C 371 -45.14 18.35 2.71
C LEU C 371 -46.36 17.44 2.61
N PHE C 372 -46.28 16.46 1.72
CA PHE C 372 -47.32 15.45 1.57
C PHE C 372 -47.01 14.27 2.48
N LEU C 373 -48.02 13.79 3.21
CA LEU C 373 -47.89 12.63 4.09
C LEU C 373 -48.84 11.53 3.62
N PRO C 374 -48.32 10.36 3.24
CA PRO C 374 -49.17 9.24 2.76
C PRO C 374 -49.80 8.46 3.92
N TYR C 375 -50.83 9.04 4.53
CA TYR C 375 -51.57 8.39 5.60
C TYR C 375 -53.02 8.79 5.48
N ALA C 376 -53.92 7.82 5.59
CA ALA C 376 -55.35 8.08 5.51
C ALA C 376 -56.09 7.08 6.38
N GLY C 377 -57.35 7.40 6.67
CA GLY C 377 -58.20 6.55 7.50
C GLY C 377 -58.29 6.97 8.95
N ASN C 378 -57.63 8.05 9.34
CA ASN C 378 -57.61 8.50 10.73
C ASN C 378 -57.69 10.03 10.72
N LYS C 379 -58.78 10.58 11.22
CA LYS C 379 -59.00 12.03 11.15
C LYS C 379 -57.92 12.80 11.90
N LEU C 380 -57.30 13.75 11.20
CA LEU C 380 -56.32 14.63 11.82
C LEU C 380 -57.04 15.79 12.50
N LYS C 381 -56.85 15.92 13.81
CA LYS C 381 -57.54 16.94 14.58
C LYS C 381 -56.78 18.26 14.64
N SER C 382 -55.45 18.20 14.74
CA SER C 382 -54.66 19.42 14.83
C SER C 382 -53.24 19.13 14.38
N ALA C 383 -52.56 20.18 13.94
CA ALA C 383 -51.14 20.10 13.61
C ALA C 383 -50.50 21.39 14.09
N VAL C 384 -49.42 21.27 14.88
CA VAL C 384 -48.73 22.45 15.40
C VAL C 384 -47.23 22.23 15.31
N GLU C 385 -46.50 23.34 15.29
CA GLU C 385 -45.06 23.28 15.44
C GLU C 385 -44.72 22.84 16.85
N TYR C 386 -43.88 21.82 16.98
CA TYR C 386 -43.70 21.18 18.27
C TYR C 386 -43.18 22.16 19.33
N GLN C 387 -42.24 23.02 18.95
CA GLN C 387 -41.59 23.92 19.91
C GLN C 387 -42.41 25.19 20.09
N SER C 388 -42.69 25.92 19.00
CA SER C 388 -43.40 27.19 19.13
C SER C 388 -44.87 27.00 19.47
N ARG C 389 -45.46 25.86 19.13
CA ARG C 389 -46.88 25.53 19.29
C ARG C 389 -47.78 26.25 18.29
N LYS C 390 -47.22 26.97 17.33
CA LYS C 390 -48.01 27.63 16.30
C LYS C 390 -48.74 26.61 15.43
N SER C 391 -49.99 26.90 15.08
CA SER C 391 -50.74 26.00 14.21
C SER C 391 -50.13 25.91 12.82
N VAL C 392 -50.24 24.72 12.24
CA VAL C 392 -49.76 24.42 10.89
C VAL C 392 -50.98 24.13 10.00
N ARG C 393 -51.10 24.87 8.91
CA ARG C 393 -52.23 24.70 8.01
C ARG C 393 -52.13 23.32 7.34
N PHE C 394 -53.28 22.65 7.20
CA PHE C 394 -53.26 21.37 6.52
C PHE C 394 -54.57 21.13 5.78
N ILE C 395 -54.49 20.23 4.80
CA ILE C 395 -55.62 19.68 4.05
C ILE C 395 -55.55 18.17 4.17
N GLN C 396 -56.66 17.52 4.50
CA GLN C 396 -56.70 16.07 4.58
C GLN C 396 -57.79 15.50 3.68
N ASP C 397 -57.47 14.47 2.92
CA ASP C 397 -58.50 13.78 2.16
C ASP C 397 -58.15 12.29 2.11
N ARG C 398 -58.93 11.54 1.31
CA ARG C 398 -58.77 10.09 1.31
C ARG C 398 -57.40 9.64 0.80
N ASP C 399 -56.66 10.53 0.12
CA ASP C 399 -55.34 10.19 -0.42
C ASP C 399 -54.18 10.51 0.52
N GLY C 400 -54.39 11.32 1.54
CA GLY C 400 -53.31 11.67 2.43
C GLY C 400 -53.52 13.06 3.02
N ILE C 401 -52.43 13.61 3.54
CA ILE C 401 -52.41 14.88 4.26
C ILE C 401 -51.39 15.78 3.59
N LEU C 402 -51.74 17.04 3.38
CA LEU C 402 -50.80 18.04 2.91
C LEU C 402 -50.64 19.13 3.95
N LEU C 403 -49.44 19.26 4.49
CA LEU C 403 -49.11 20.34 5.42
C LEU C 403 -48.52 21.51 4.64
N LYS C 404 -48.80 22.73 5.11
CA LYS C 404 -48.19 23.92 4.52
C LYS C 404 -47.51 24.75 5.60
N PHE C 405 -46.31 25.24 5.28
CA PHE C 405 -45.46 25.92 6.23
C PHE C 405 -45.28 27.39 5.85
N THR C 406 -45.17 28.25 6.86
CA THR C 406 -44.99 29.67 6.61
C THR C 406 -43.55 29.99 6.23
N ASP C 407 -42.59 29.20 6.70
CA ASP C 407 -41.17 29.44 6.45
C ASP C 407 -40.50 28.14 6.01
N LYS C 408 -39.36 28.28 5.35
CA LYS C 408 -38.53 27.12 5.04
C LYS C 408 -38.22 26.38 6.35
N PRO C 409 -38.27 25.04 6.34
CA PRO C 409 -37.97 24.31 7.58
C PRO C 409 -36.58 24.64 8.14
N HIS C 410 -36.50 24.84 9.46
CA HIS C 410 -35.22 25.14 10.11
C HIS C 410 -34.45 23.85 10.39
N SER C 411 -33.19 24.01 10.81
CA SER C 411 -32.32 22.87 11.13
C SER C 411 -32.03 22.82 12.63
N PRO C 412 -31.64 21.66 13.16
CA PRO C 412 -31.39 20.38 12.49
C PRO C 412 -32.62 19.49 12.28
N ASP C 413 -33.75 19.88 12.84
CA ASP C 413 -34.97 19.06 12.77
C ASP C 413 -36.14 20.00 12.99
N TYR C 414 -36.98 20.14 11.99
CA TYR C 414 -38.20 20.95 12.06
C TYR C 414 -39.34 19.97 12.37
N VAL C 415 -39.78 19.98 13.62
CA VAL C 415 -40.71 18.97 14.12
C VAL C 415 -42.12 19.53 14.18
N LEU C 416 -43.07 18.79 13.59
CA LEU C 416 -44.50 19.08 13.71
C LEU C 416 -45.14 18.01 14.59
N GLU C 417 -46.11 18.41 15.40
CA GLU C 417 -46.87 17.49 16.23
C GLU C 417 -48.30 17.42 15.71
N LEU C 418 -48.68 16.24 15.23
CA LEU C 418 -49.99 15.98 14.63
C LEU C 418 -50.79 15.10 15.59
N THR C 419 -52.03 15.49 15.86
CA THR C 419 -52.87 14.78 16.82
C THR C 419 -54.08 14.24 16.09
N PHE C 420 -54.26 12.93 16.16
CA PHE C 420 -55.32 12.22 15.44
C PHE C 420 -56.45 11.81 16.37
N ALA C 421 -57.59 11.46 15.76
CA ALA C 421 -58.75 11.05 16.54
C ALA C 421 -58.58 9.65 17.12
N ASN C 422 -57.85 8.78 16.43
CA ASN C 422 -57.71 7.37 16.81
C ASN C 422 -56.25 7.03 17.06
N GLU C 423 -56.01 5.98 17.83
CA GLU C 423 -54.63 5.53 18.05
C GLU C 423 -53.97 5.20 16.71
N LEU C 424 -52.69 5.54 16.61
CA LEU C 424 -51.94 5.22 15.39
C LEU C 424 -51.56 3.75 15.38
N PRO C 425 -51.66 3.08 14.24
CA PRO C 425 -51.35 1.64 14.19
C PRO C 425 -49.86 1.39 14.30
N LEU C 426 -49.52 0.17 14.73
CA LEU C 426 -48.12 -0.19 14.92
C LEU C 426 -47.63 -1.26 13.94
N TYR D 7 14.58 -44.80 -13.69
CA TYR D 7 15.02 -43.99 -14.82
C TYR D 7 16.51 -44.15 -15.08
N THR D 8 16.86 -44.51 -16.31
CA THR D 8 18.26 -44.56 -16.71
C THR D 8 18.39 -43.73 -17.98
N PRO D 9 19.11 -42.61 -17.96
CA PRO D 9 19.20 -41.78 -19.17
C PRO D 9 19.90 -42.52 -20.30
N SER D 10 19.45 -42.26 -21.52
CA SER D 10 20.07 -42.87 -22.69
C SER D 10 21.45 -42.28 -22.95
N ALA D 11 22.22 -42.99 -23.77
CA ALA D 11 23.55 -42.50 -24.13
C ALA D 11 23.47 -41.12 -24.78
N ASP D 12 22.48 -40.92 -25.66
CA ASP D 12 22.32 -39.62 -26.30
C ASP D 12 21.97 -38.54 -25.28
N ASN D 13 21.14 -38.88 -24.29
CA ASN D 13 20.84 -37.92 -23.22
C ASN D 13 22.11 -37.54 -22.47
N LEU D 14 22.92 -38.53 -22.11
CA LEU D 14 24.15 -38.25 -21.37
C LEU D 14 25.09 -37.35 -22.17
N LYS D 15 25.22 -37.62 -23.47
CA LYS D 15 25.96 -36.73 -24.37
C LYS D 15 25.40 -35.31 -24.33
N ALA D 16 24.08 -35.17 -24.39
CA ALA D 16 23.49 -33.84 -24.33
C ALA D 16 23.77 -33.16 -23.00
N ARG D 17 23.78 -33.93 -21.90
CA ARG D 17 24.12 -33.33 -20.62
C ARG D 17 25.52 -32.73 -20.65
N GLU D 18 26.48 -33.45 -21.24
CA GLU D 18 27.85 -32.95 -21.30
C GLU D 18 27.94 -31.70 -22.17
N THR D 19 27.27 -31.70 -23.33
CA THR D 19 27.24 -30.52 -24.18
C THR D 19 26.63 -29.33 -23.45
N PHE D 20 25.53 -29.56 -22.74
CA PHE D 20 24.86 -28.50 -21.99
C PHE D 20 25.83 -27.87 -21.00
N GLN D 21 26.58 -28.69 -20.26
CA GLN D 21 27.48 -28.14 -19.26
C GLN D 21 28.65 -27.42 -19.94
N ASP D 22 29.12 -27.96 -21.07
CA ASP D 22 30.15 -27.27 -21.86
C ASP D 22 29.68 -25.88 -22.28
N ASP D 23 28.40 -25.76 -22.68
CA ASP D 23 27.89 -24.51 -23.25
C ASP D 23 27.91 -23.37 -22.23
N LYS D 24 27.55 -23.66 -20.99
CA LYS D 24 27.55 -22.74 -19.84
C LYS D 24 26.59 -21.55 -19.88
N PHE D 25 26.13 -21.11 -21.04
CA PHE D 25 25.48 -19.80 -21.12
C PHE D 25 24.31 -19.84 -22.10
N GLY D 26 23.12 -19.51 -21.61
CA GLY D 26 21.95 -19.44 -22.46
C GLY D 26 21.14 -18.20 -22.14
N ILE D 27 20.22 -17.87 -23.05
CA ILE D 27 19.36 -16.69 -22.90
C ILE D 27 17.90 -17.14 -22.75
N PHE D 28 17.28 -16.71 -21.65
CA PHE D 28 15.85 -16.90 -21.37
C PHE D 28 15.06 -15.85 -22.13
N ILE D 29 13.91 -16.23 -22.68
CA ILE D 29 13.01 -15.26 -23.31
C ILE D 29 11.59 -15.50 -22.79
N HIS D 30 11.03 -14.49 -22.11
CA HIS D 30 9.65 -14.52 -21.64
C HIS D 30 8.85 -13.60 -22.55
N TRP D 31 8.02 -14.17 -23.41
CA TRP D 31 7.24 -13.39 -24.36
C TRP D 31 5.83 -13.94 -24.46
N GLY D 32 4.86 -13.02 -24.45
CA GLY D 32 3.47 -13.41 -24.49
C GLY D 32 2.62 -12.16 -24.57
N ILE D 33 1.30 -12.34 -24.49
CA ILE D 33 0.49 -11.13 -24.61
C ILE D 33 0.58 -10.28 -23.36
N TYR D 34 1.08 -10.81 -22.24
CA TYR D 34 1.39 -9.94 -21.12
C TYR D 34 2.38 -8.85 -21.48
N SER D 35 3.13 -9.01 -22.58
N SER D 35 3.17 -9.05 -22.54
CA SER D 35 4.07 -7.97 -22.97
CA SER D 35 4.14 -8.05 -22.96
C SER D 35 3.37 -6.68 -23.35
C SER D 35 3.48 -6.79 -23.49
N MET D 36 2.13 -6.76 -23.87
N MET D 36 2.19 -6.83 -23.79
CA MET D 36 1.39 -5.54 -24.20
CA MET D 36 1.46 -5.62 -24.16
C MET D 36 1.04 -4.75 -22.95
C MET D 36 1.11 -4.78 -22.94
N LEU D 37 0.71 -5.45 -21.85
CA LEU D 37 0.42 -4.74 -20.61
C LEU D 37 1.70 -4.24 -19.95
N ALA D 38 2.84 -4.83 -20.29
CA ALA D 38 4.16 -4.29 -19.90
C ALA D 38 4.27 -4.08 -18.39
N ASP D 39 3.68 -5.00 -17.62
CA ASP D 39 3.81 -5.01 -16.17
C ASP D 39 4.13 -6.39 -15.63
N GLY D 40 4.87 -7.18 -16.40
CA GLY D 40 5.29 -8.48 -15.93
C GLY D 40 4.34 -9.60 -16.33
N GLU D 41 4.90 -10.80 -16.38
CA GLU D 41 4.17 -11.98 -16.81
C GLU D 41 3.13 -12.45 -15.79
N TRP D 42 3.20 -12.00 -14.54
CA TRP D 42 2.22 -12.37 -13.52
C TRP D 42 0.99 -11.47 -13.48
N VAL D 43 0.87 -10.52 -14.40
CA VAL D 43 -0.14 -9.47 -14.28
C VAL D 43 -1.54 -10.05 -14.18
N MET D 44 -1.83 -11.13 -14.91
CA MET D 44 -3.18 -11.68 -14.91
C MET D 44 -3.60 -12.02 -13.46
N HIS D 45 -2.68 -12.67 -12.72
CA HIS D 45 -2.96 -13.07 -11.34
C HIS D 45 -2.82 -11.87 -10.39
N ASN D 46 -1.73 -11.08 -10.54
CA ASN D 46 -1.47 -10.00 -9.59
C ASN D 46 -2.61 -8.99 -9.52
N LYS D 47 -3.24 -8.70 -10.66
CA LYS D 47 -4.31 -7.71 -10.71
C LYS D 47 -5.68 -8.36 -10.86
N ASN D 48 -5.77 -9.68 -10.68
CA ASN D 48 -7.05 -10.40 -10.76
C ASN D 48 -7.82 -10.04 -12.02
N LEU D 49 -7.16 -10.17 -13.17
CA LEU D 49 -7.78 -9.85 -14.44
C LEU D 49 -8.72 -10.97 -14.87
N ASN D 50 -9.93 -10.60 -15.28
CA ASN D 50 -10.89 -11.57 -15.78
C ASN D 50 -10.31 -12.33 -17.00
N TRP D 51 -10.45 -13.66 -17.01
CA TRP D 51 -9.83 -14.45 -18.08
C TRP D 51 -10.39 -14.08 -19.46
N GLU D 52 -11.69 -13.78 -19.55
CA GLU D 52 -12.23 -13.39 -20.85
C GLU D 52 -11.77 -12.00 -21.27
N GLU D 53 -11.69 -11.07 -20.31
CA GLU D 53 -11.26 -9.72 -20.63
C GLU D 53 -9.80 -9.70 -21.06
N TYR D 54 -8.94 -10.43 -20.34
CA TYR D 54 -7.54 -10.55 -20.74
C TYR D 54 -7.40 -11.13 -22.13
N ALA D 55 -8.19 -12.17 -22.46
CA ALA D 55 -8.08 -12.78 -23.76
C ALA D 55 -8.40 -11.81 -24.89
N LYS D 56 -9.22 -10.79 -24.62
CA LYS D 56 -9.51 -9.79 -25.65
C LYS D 56 -8.25 -9.07 -26.12
N LEU D 57 -7.19 -9.06 -25.30
CA LEU D 57 -5.93 -8.46 -25.73
C LEU D 57 -5.36 -9.15 -26.95
N ALA D 58 -5.61 -10.46 -27.10
CA ALA D 58 -4.94 -11.22 -28.15
C ALA D 58 -5.24 -10.63 -29.53
N SER D 59 -6.49 -10.21 -29.75
CA SER D 59 -6.86 -9.70 -31.07
C SER D 59 -6.30 -8.31 -31.35
N GLY D 60 -5.56 -7.71 -30.41
CA GLY D 60 -4.75 -6.55 -30.68
C GLY D 60 -3.26 -6.77 -30.62
N PHE D 61 -2.79 -8.02 -30.56
CA PHE D 61 -1.37 -8.31 -30.39
C PHE D 61 -0.72 -8.42 -31.77
N TYR D 62 0.24 -7.54 -32.02
CA TYR D 62 0.83 -7.40 -33.36
C TYR D 62 2.26 -6.90 -33.22
N PRO D 63 3.20 -7.77 -32.87
CA PRO D 63 4.61 -7.35 -32.71
C PRO D 63 5.32 -7.19 -34.05
N ALA D 64 4.95 -6.11 -34.75
CA ALA D 64 5.32 -5.93 -36.16
C ALA D 64 6.82 -5.90 -36.39
N LYS D 65 7.61 -5.56 -35.39
CA LYS D 65 9.04 -5.47 -35.56
C LYS D 65 9.76 -6.75 -35.17
N PHE D 66 9.02 -7.81 -34.87
CA PHE D 66 9.65 -9.10 -34.60
C PHE D 66 10.47 -9.58 -35.79
N ASN D 67 11.69 -10.05 -35.52
CA ASN D 67 12.54 -10.61 -36.57
C ASN D 67 13.37 -11.71 -35.93
N ALA D 68 13.07 -12.96 -36.24
CA ALA D 68 13.73 -14.07 -35.56
C ALA D 68 15.22 -14.10 -35.88
N ALA D 69 15.60 -13.80 -37.13
CA ALA D 69 17.01 -13.75 -37.47
C ALA D 69 17.75 -12.77 -36.59
N GLU D 70 17.17 -11.58 -36.40
CA GLU D 70 17.82 -10.56 -35.58
C GLU D 70 17.93 -10.98 -34.13
N TRP D 71 16.87 -11.58 -33.57
CA TRP D 71 16.90 -12.04 -32.20
C TRP D 71 18.02 -13.04 -31.98
N VAL D 72 18.07 -14.07 -32.84
CA VAL D 72 19.05 -15.14 -32.66
C VAL D 72 20.46 -14.59 -32.89
N ALA D 73 20.62 -13.70 -33.86
CA ALA D 73 21.93 -13.08 -34.09
C ALA D 73 22.40 -12.30 -32.87
N ALA D 74 21.50 -11.51 -32.27
CA ALA D 74 21.88 -10.72 -31.11
C ALA D 74 22.26 -11.60 -29.92
N ILE D 75 21.60 -12.74 -29.77
CA ILE D 75 21.88 -13.65 -28.68
C ILE D 75 23.17 -14.43 -28.96
N LYS D 76 23.37 -14.86 -30.19
CA LYS D 76 24.60 -15.56 -30.55
C LYS D 76 25.82 -14.67 -30.33
N ALA D 77 25.68 -13.37 -30.60
CA ALA D 77 26.78 -12.45 -30.46
C ALA D 77 27.25 -12.31 -29.01
N SER D 78 26.46 -12.78 -28.05
CA SER D 78 26.86 -12.71 -26.64
C SER D 78 27.78 -13.83 -26.24
N GLY D 79 27.93 -14.86 -27.07
CA GLY D 79 28.57 -16.10 -26.68
C GLY D 79 27.61 -17.17 -26.21
N ALA D 80 26.35 -16.82 -25.96
CA ALA D 80 25.37 -17.80 -25.54
C ALA D 80 25.20 -18.88 -26.60
N LYS D 81 24.88 -20.09 -26.15
CA LYS D 81 24.78 -21.24 -27.05
C LYS D 81 23.38 -21.79 -27.18
N TYR D 82 22.43 -21.30 -26.39
CA TYR D 82 21.08 -21.82 -26.44
C TYR D 82 20.10 -20.76 -25.97
N ILE D 83 18.83 -20.98 -26.32
CA ILE D 83 17.73 -20.10 -25.97
C ILE D 83 16.63 -20.93 -25.34
N THR D 84 16.08 -20.46 -24.23
CA THR D 84 14.88 -21.05 -23.62
C THR D 84 13.74 -20.05 -23.76
N ILE D 85 12.69 -20.43 -24.49
CA ILE D 85 11.58 -19.53 -24.77
C ILE D 85 10.28 -20.09 -24.19
N THR D 86 9.43 -19.18 -23.70
CA THR D 86 8.13 -19.52 -23.16
C THR D 86 7.19 -19.96 -24.29
N SER D 87 6.93 -21.26 -24.39
CA SER D 87 5.92 -21.74 -25.33
C SER D 87 4.51 -21.47 -24.81
N ARG D 88 4.34 -21.46 -23.50
CA ARG D 88 3.06 -21.18 -22.87
C ARG D 88 3.34 -20.92 -21.39
N HIS D 89 2.94 -19.75 -20.89
CA HIS D 89 3.19 -19.37 -19.51
C HIS D 89 1.89 -19.51 -18.70
N HIS D 90 1.86 -18.93 -17.50
CA HIS D 90 0.75 -19.22 -16.59
C HIS D 90 -0.58 -18.70 -17.11
N ASP D 91 -0.58 -17.65 -17.96
CA ASP D 91 -1.86 -17.12 -18.45
C ASP D 91 -2.49 -18.06 -19.46
N GLY D 92 -1.82 -19.14 -19.81
CA GLY D 92 -2.40 -20.17 -20.63
C GLY D 92 -2.42 -19.89 -22.12
N PHE D 93 -1.80 -18.80 -22.57
CA PHE D 93 -1.76 -18.47 -24.00
C PHE D 93 -0.60 -19.22 -24.67
N SER D 94 -0.89 -19.91 -25.77
CA SER D 94 0.12 -20.68 -26.49
C SER D 94 0.78 -19.82 -27.57
N MET D 95 2.12 -19.76 -27.55
CA MET D 95 2.87 -18.98 -28.53
C MET D 95 3.29 -19.81 -29.74
N TYR D 96 2.49 -20.80 -30.13
CA TYR D 96 2.81 -21.64 -31.27
C TYR D 96 1.48 -22.19 -31.79
N ALA D 97 1.52 -22.84 -32.95
CA ALA D 97 0.32 -23.31 -33.64
C ALA D 97 -0.16 -24.65 -33.06
N THR D 98 -0.76 -24.56 -31.88
CA THR D 98 -1.33 -25.74 -31.24
C THR D 98 -2.72 -26.03 -31.78
N GLN D 99 -3.06 -27.33 -31.89
CA GLN D 99 -4.43 -27.75 -32.18
C GLN D 99 -5.23 -28.10 -30.93
N GLN D 100 -4.66 -27.90 -29.73
CA GLN D 100 -5.36 -28.19 -28.48
C GLN D 100 -6.20 -27.02 -27.98
N SER D 101 -6.02 -25.82 -28.54
CA SER D 101 -6.76 -24.63 -28.12
C SER D 101 -6.62 -23.57 -29.20
N ASP D 102 -7.71 -22.86 -29.48
CA ASP D 102 -7.62 -21.73 -30.41
C ASP D 102 -7.00 -20.50 -29.77
N TYR D 103 -6.66 -20.55 -28.48
CA TYR D 103 -6.08 -19.41 -27.77
C TYR D 103 -4.57 -19.46 -27.95
N ASN D 104 -4.13 -19.02 -29.14
CA ASN D 104 -2.74 -19.15 -29.51
C ASN D 104 -2.38 -18.04 -30.50
N ILE D 105 -1.07 -17.90 -30.73
CA ILE D 105 -0.58 -16.74 -31.48
C ILE D 105 -1.03 -16.78 -32.94
N VAL D 106 -1.30 -17.98 -33.47
CA VAL D 106 -1.70 -18.05 -34.87
C VAL D 106 -3.18 -17.72 -35.04
N ASP D 107 -4.04 -18.36 -34.26
CA ASP D 107 -5.49 -18.31 -34.48
C ASP D 107 -6.16 -17.12 -33.78
N ALA D 108 -5.58 -16.59 -32.71
CA ALA D 108 -6.26 -15.60 -31.89
C ALA D 108 -5.73 -14.17 -32.04
N THR D 109 -4.67 -13.97 -32.84
CA THR D 109 -4.05 -12.66 -33.00
C THR D 109 -4.03 -12.27 -34.47
N PRO D 110 -3.98 -10.97 -34.77
CA PRO D 110 -3.81 -10.54 -36.17
C PRO D 110 -2.40 -10.79 -36.67
N PHE D 111 -1.47 -11.14 -35.79
CA PHE D 111 -0.10 -11.41 -36.23
C PHE D 111 -0.02 -12.70 -37.01
N LYS D 112 -0.75 -13.72 -36.59
CA LYS D 112 -1.04 -14.88 -37.43
C LYS D 112 0.20 -15.70 -37.76
N ARG D 113 1.24 -15.63 -36.95
CA ARG D 113 2.52 -16.27 -37.26
C ARG D 113 3.00 -17.09 -36.07
N ASP D 114 3.50 -18.30 -36.36
CA ASP D 114 4.02 -19.20 -35.33
C ASP D 114 5.44 -18.76 -34.99
N VAL D 115 5.59 -17.97 -33.93
CA VAL D 115 6.89 -17.40 -33.63
C VAL D 115 7.87 -18.46 -33.15
N ILE D 116 7.38 -19.52 -32.49
CA ILE D 116 8.28 -20.60 -32.09
C ILE D 116 8.84 -21.29 -33.32
N HIS D 117 7.99 -21.49 -34.34
CA HIS D 117 8.47 -22.07 -35.60
C HIS D 117 9.56 -21.20 -36.21
N GLU D 118 9.31 -19.89 -36.29
CA GLU D 118 10.29 -18.99 -36.90
C GLU D 118 11.60 -18.98 -36.13
N LEU D 119 11.52 -19.00 -34.79
CA LEU D 119 12.75 -19.06 -34.00
C LEU D 119 13.46 -20.40 -34.15
N ALA D 120 12.71 -21.50 -34.18
CA ALA D 120 13.35 -22.80 -34.34
C ALA D 120 14.17 -22.83 -35.62
N ASP D 121 13.60 -22.27 -36.70
CA ASP D 121 14.27 -22.30 -38.00
C ASP D 121 15.57 -21.52 -37.94
N GLU D 122 15.55 -20.33 -37.33
CA GLU D 122 16.75 -19.50 -37.27
C GLU D 122 17.76 -20.05 -36.28
N CYS D 123 17.30 -20.66 -35.18
CA CYS D 123 18.23 -21.32 -34.27
C CYS D 123 19.01 -22.41 -34.98
N ARG D 124 18.30 -23.26 -35.73
CA ARG D 124 18.95 -24.32 -36.48
C ARG D 124 19.95 -23.74 -37.48
N LYS D 125 19.54 -22.69 -38.19
CA LYS D 125 20.40 -22.10 -39.21
C LYS D 125 21.64 -21.47 -38.60
N GLN D 126 21.53 -20.89 -37.40
CA GLN D 126 22.65 -20.18 -36.79
C GLN D 126 23.42 -21.02 -35.77
N GLY D 127 23.05 -22.27 -35.54
CA GLY D 127 23.81 -23.11 -34.63
C GLY D 127 23.50 -22.89 -33.16
N ILE D 128 22.29 -22.45 -32.84
CA ILE D 128 21.86 -22.19 -31.48
C ILE D 128 20.80 -23.23 -31.13
N ARG D 129 20.92 -23.85 -29.95
CA ARG D 129 19.98 -24.88 -29.52
C ARG D 129 18.75 -24.23 -28.90
N LEU D 130 17.60 -24.86 -29.11
CA LEU D 130 16.32 -24.32 -28.67
C LEU D 130 15.75 -25.17 -27.52
N HIS D 131 15.49 -24.51 -26.39
CA HIS D 131 14.84 -25.10 -25.23
C HIS D 131 13.46 -24.46 -25.07
N LEU D 132 12.49 -25.23 -24.57
CA LEU D 132 11.11 -24.77 -24.48
C LEU D 132 10.64 -24.78 -23.02
N TYR D 133 10.29 -23.60 -22.52
CA TYR D 133 9.61 -23.44 -21.25
C TYR D 133 8.15 -23.84 -21.43
N TYR D 134 7.61 -24.59 -20.47
CA TYR D 134 6.21 -24.99 -20.53
C TYR D 134 5.59 -24.97 -19.13
N SER D 135 4.47 -24.26 -18.98
CA SER D 135 3.90 -24.02 -17.66
C SER D 135 2.95 -25.14 -17.26
N HIS D 136 3.24 -25.77 -16.11
CA HIS D 136 2.30 -26.68 -15.47
C HIS D 136 1.09 -25.94 -14.91
N LEU D 137 1.23 -24.65 -14.64
CA LEU D 137 0.18 -23.83 -14.03
C LEU D 137 -0.62 -23.11 -15.11
N ASP D 138 -1.94 -23.04 -14.89
CA ASP D 138 -2.84 -22.42 -15.88
C ASP D 138 -3.91 -21.60 -15.16
N TRP D 139 -3.95 -20.30 -15.44
CA TRP D 139 -4.92 -19.37 -14.85
C TRP D 139 -6.19 -19.20 -15.66
N ARG D 140 -6.26 -19.78 -16.86
CA ARG D 140 -7.39 -19.63 -17.77
C ARG D 140 -8.30 -20.87 -17.78
N ARG D 141 -7.71 -22.05 -17.94
CA ARG D 141 -8.51 -23.23 -18.23
C ARG D 141 -9.32 -23.67 -17.02
N ASP D 142 -10.58 -24.07 -17.25
CA ASP D 142 -11.39 -24.46 -16.11
C ASP D 142 -11.11 -25.90 -15.65
N ASP D 143 -10.34 -26.68 -16.41
CA ASP D 143 -9.99 -28.03 -15.98
C ASP D 143 -8.69 -28.07 -15.19
N TYR D 144 -8.06 -26.90 -14.96
CA TYR D 144 -7.08 -26.75 -13.89
C TYR D 144 -7.90 -26.68 -12.60
N TYR D 145 -8.23 -27.84 -12.06
CA TYR D 145 -9.19 -27.94 -10.98
C TYR D 145 -8.86 -29.17 -10.14
N PRO D 146 -8.82 -29.06 -8.81
CA PRO D 146 -9.01 -27.84 -8.00
C PRO D 146 -7.90 -26.82 -8.25
N LEU D 147 -8.15 -25.57 -7.89
CA LEU D 147 -7.14 -24.53 -7.92
C LEU D 147 -6.11 -24.74 -6.81
N GLY D 148 -4.93 -24.17 -7.00
CA GLY D 148 -3.89 -24.05 -6.00
C GLY D 148 -3.95 -22.71 -5.30
N ARG D 149 -2.79 -22.13 -5.04
CA ARG D 149 -2.78 -20.85 -4.33
C ARG D 149 -2.93 -19.62 -5.23
N THR D 150 -2.58 -19.71 -6.51
CA THR D 150 -2.73 -18.57 -7.42
C THR D 150 -3.94 -18.72 -8.33
N GLY D 151 -4.26 -17.64 -9.05
CA GLY D 151 -5.33 -17.64 -10.04
C GLY D 151 -6.73 -17.71 -9.50
N LYS D 152 -6.94 -17.51 -8.19
CA LYS D 152 -8.30 -17.60 -7.67
C LYS D 152 -9.14 -16.39 -8.09
N GLY D 153 -8.51 -15.32 -8.54
CA GLY D 153 -9.20 -14.09 -8.88
C GLY D 153 -9.42 -13.87 -10.36
N THR D 154 -9.15 -14.85 -11.22
CA THR D 154 -9.23 -14.64 -12.66
C THR D 154 -10.62 -14.90 -13.22
N GLY D 155 -11.63 -15.09 -12.38
CA GLY D 155 -13.01 -15.07 -12.82
C GLY D 155 -13.55 -16.36 -13.40
N ARG D 156 -12.89 -17.49 -13.19
CA ARG D 156 -13.44 -18.76 -13.66
C ARG D 156 -14.65 -19.15 -12.81
N THR D 157 -15.73 -19.56 -13.47
CA THR D 157 -16.96 -19.95 -12.79
C THR D 157 -17.45 -21.32 -13.21
N THR D 158 -16.74 -22.01 -14.10
CA THR D 158 -17.02 -23.38 -14.48
C THR D 158 -15.84 -24.24 -14.02
N GLN D 159 -16.03 -25.55 -14.03
CA GLN D 159 -15.04 -26.45 -13.45
C GLN D 159 -14.98 -27.74 -14.26
N GLY D 160 -13.75 -28.12 -14.64
CA GLY D 160 -13.50 -29.30 -15.41
C GLY D 160 -12.74 -30.35 -14.62
N LYS D 161 -12.18 -31.31 -15.36
CA LYS D 161 -11.53 -32.48 -14.75
C LYS D 161 -10.01 -32.40 -14.92
N TRP D 162 -9.28 -32.59 -13.82
CA TRP D 162 -7.82 -32.59 -13.87
C TRP D 162 -7.28 -33.57 -14.91
N GLU D 163 -7.93 -34.73 -15.06
CA GLU D 163 -7.48 -35.71 -16.02
C GLU D 163 -7.45 -35.12 -17.43
N ASP D 164 -8.45 -34.31 -17.76
CA ASP D 164 -8.49 -33.65 -19.05
C ASP D 164 -7.41 -32.58 -19.16
N TYR D 165 -7.07 -31.89 -18.06
CA TYR D 165 -5.98 -30.93 -18.12
C TYR D 165 -4.66 -31.66 -18.38
N CYS D 166 -4.45 -32.81 -17.72
CA CYS D 166 -3.23 -33.57 -17.93
C CYS D 166 -3.13 -34.08 -19.36
N ALA D 167 -4.26 -34.51 -19.95
CA ALA D 167 -4.25 -34.91 -21.35
C ALA D 167 -3.89 -33.74 -22.26
N PHE D 168 -4.43 -32.55 -21.95
CA PHE D 168 -4.08 -31.34 -22.68
C PHE D 168 -2.57 -31.10 -22.64
N MET D 169 -1.96 -31.15 -21.46
CA MET D 169 -0.51 -30.94 -21.41
C MET D 169 0.24 -32.00 -22.20
N ASN D 170 -0.14 -33.27 -22.07
CA ASN D 170 0.52 -34.31 -22.87
C ASN D 170 0.43 -34.00 -24.35
N ASN D 171 -0.74 -33.57 -24.82
CA ASN D 171 -0.94 -33.36 -26.25
C ASN D 171 -0.10 -32.17 -26.73
N GLN D 172 0.01 -31.12 -25.90
CA GLN D 172 0.82 -29.97 -26.27
C GLN D 172 2.31 -30.34 -26.27
N LEU D 173 2.78 -31.03 -25.24
CA LEU D 173 4.17 -31.50 -25.25
C LEU D 173 4.46 -32.31 -26.51
N THR D 174 3.50 -33.15 -26.93
CA THR D 174 3.70 -33.99 -28.10
C THR D 174 3.87 -33.14 -29.36
N GLU D 175 3.05 -32.09 -29.50
CA GLU D 175 3.17 -31.19 -30.63
C GLU D 175 4.53 -30.49 -30.63
N LEU D 176 4.96 -30.00 -29.45
CA LEU D 176 6.20 -29.26 -29.36
C LEU D 176 7.39 -30.15 -29.71
N LEU D 177 7.29 -31.45 -29.49
CA LEU D 177 8.38 -32.37 -29.74
C LEU D 177 8.22 -33.11 -31.06
N THR D 178 7.19 -32.75 -31.85
CA THR D 178 6.99 -33.30 -33.18
C THR D 178 7.28 -32.28 -34.28
N ASN D 179 6.79 -31.04 -34.15
CA ASN D 179 6.70 -30.14 -35.29
C ASN D 179 7.76 -29.04 -35.30
N TYR D 180 8.73 -29.06 -34.39
CA TYR D 180 9.69 -27.97 -34.25
C TYR D 180 11.14 -28.44 -34.30
N GLY D 181 11.40 -29.59 -34.93
CA GLY D 181 12.74 -30.13 -35.02
C GLY D 181 13.27 -30.59 -33.66
N LEU D 182 14.59 -30.71 -33.58
CA LEU D 182 15.24 -31.14 -32.36
C LEU D 182 15.12 -30.08 -31.27
N ILE D 183 14.64 -30.48 -30.10
CA ILE D 183 14.46 -29.57 -28.96
C ILE D 183 15.45 -30.01 -27.87
N GLY D 184 16.21 -29.05 -27.36
CA GLY D 184 17.27 -29.40 -26.43
C GLY D 184 16.82 -29.66 -25.00
N ALA D 185 15.69 -29.07 -24.60
CA ALA D 185 15.19 -29.28 -23.26
C ALA D 185 13.74 -28.81 -23.19
N ILE D 186 12.99 -29.45 -22.31
CA ILE D 186 11.71 -28.93 -21.81
C ILE D 186 11.97 -28.44 -20.40
N TRP D 187 11.48 -27.24 -20.08
CA TRP D 187 11.74 -26.52 -18.83
C TRP D 187 10.37 -26.25 -18.21
N PHE D 188 9.99 -27.14 -17.29
CA PHE D 188 8.70 -27.03 -16.62
C PHE D 188 8.75 -26.01 -15.49
N ASP D 189 7.57 -25.46 -15.14
CA ASP D 189 7.43 -24.45 -14.09
C ASP D 189 5.99 -24.46 -13.61
N GLY D 190 5.78 -24.19 -12.33
CA GLY D 190 4.44 -23.95 -11.78
C GLY D 190 3.92 -24.99 -10.82
N MET D 191 4.54 -26.16 -10.76
CA MET D 191 4.22 -27.21 -9.79
C MET D 191 3.96 -26.71 -8.39
N TRP D 192 4.77 -25.75 -7.96
CA TRP D 192 4.68 -25.18 -6.63
C TRP D 192 3.33 -24.55 -6.35
N ASP D 193 2.48 -24.36 -7.37
CA ASP D 193 1.18 -23.73 -7.13
C ASP D 193 0.32 -24.55 -6.18
N LYS D 194 0.53 -25.87 -6.12
CA LYS D 194 -0.28 -26.71 -5.25
C LYS D 194 0.48 -27.15 -4.01
N ASP D 195 1.59 -26.47 -3.67
CA ASP D 195 2.30 -26.80 -2.44
C ASP D 195 1.48 -26.52 -1.19
N ILE D 196 0.28 -25.96 -1.34
CA ILE D 196 -0.64 -25.78 -0.21
C ILE D 196 -1.40 -27.04 0.17
N TYR D 197 -1.34 -28.08 -0.64
CA TYR D 197 -1.99 -29.34 -0.36
C TYR D 197 -0.95 -30.37 0.09
N PRO D 198 -1.38 -31.36 0.89
CA PRO D 198 -0.40 -32.35 1.38
C PRO D 198 0.25 -33.18 0.27
N ASP D 199 -0.50 -33.59 -0.75
CA ASP D 199 0.08 -34.31 -1.89
C ASP D 199 0.30 -33.40 -3.10
N GLY D 200 0.36 -32.08 -2.88
CA GLY D 200 0.39 -31.14 -3.98
C GLY D 200 1.71 -31.06 -4.72
N MET D 201 2.77 -31.67 -4.19
CA MET D 201 4.09 -31.66 -4.81
C MET D 201 4.58 -33.05 -5.19
N THR D 202 3.67 -34.00 -5.35
CA THR D 202 4.06 -35.35 -5.73
C THR D 202 4.10 -35.49 -7.25
N ALA D 203 4.90 -36.46 -7.71
CA ALA D 203 4.90 -36.83 -9.12
C ALA D 203 3.52 -37.30 -9.55
N LYS D 204 2.81 -38.02 -8.68
CA LYS D 204 1.51 -38.55 -9.06
C LYS D 204 0.52 -37.42 -9.31
N THR D 205 0.49 -36.42 -8.43
CA THR D 205 -0.45 -35.31 -8.62
C THR D 205 -0.22 -34.62 -9.96
N TRP D 206 1.03 -34.40 -10.35
CA TRP D 206 1.37 -33.66 -11.56
C TRP D 206 1.61 -34.55 -12.78
N ASN D 207 1.39 -35.86 -12.67
CA ASN D 207 1.52 -36.75 -13.82
C ASN D 207 2.93 -36.73 -14.40
N LEU D 208 3.94 -36.53 -13.55
CA LEU D 208 5.29 -36.31 -14.07
C LEU D 208 5.83 -37.55 -14.78
N ASN D 209 5.57 -38.75 -14.25
CA ASN D 209 6.19 -39.94 -14.83
C ASN D 209 5.73 -40.14 -16.28
N GLU D 210 4.44 -39.94 -16.54
CA GLU D 210 3.92 -40.06 -17.89
C GLU D 210 4.49 -38.98 -18.79
N GLN D 211 4.59 -37.76 -18.28
CA GLN D 211 5.12 -36.64 -19.05
C GLN D 211 6.58 -36.84 -19.41
N TYR D 212 7.40 -37.21 -18.44
CA TYR D 212 8.82 -37.38 -18.69
C TYR D 212 9.06 -38.55 -19.64
N THR D 213 8.36 -39.66 -19.44
CA THR D 213 8.51 -40.81 -20.33
C THR D 213 8.11 -40.44 -21.76
N LEU D 214 7.04 -39.66 -21.90
CA LEU D 214 6.60 -39.21 -23.22
C LEU D 214 7.67 -38.34 -23.88
N ILE D 215 8.22 -37.39 -23.14
CA ILE D 215 9.25 -36.50 -23.70
C ILE D 215 10.44 -37.31 -24.19
N HIS D 216 10.95 -38.21 -23.35
CA HIS D 216 12.15 -38.95 -23.70
C HIS D 216 11.87 -40.01 -24.76
N ARG D 217 10.62 -40.44 -24.89
CA ARG D 217 10.27 -41.34 -26.00
C ARG D 217 10.32 -40.61 -27.33
N LEU D 218 9.80 -39.38 -27.40
CA LEU D 218 9.80 -38.61 -28.65
C LEU D 218 11.21 -38.12 -29.00
N GLN D 219 11.97 -37.73 -28.00
CA GLN D 219 13.30 -37.12 -28.17
C GLN D 219 14.19 -37.53 -27.03
N PRO D 220 14.81 -38.71 -27.13
CA PRO D 220 15.60 -39.21 -26.00
C PRO D 220 16.72 -38.27 -25.57
N ALA D 221 17.24 -37.43 -26.47
CA ALA D 221 18.31 -36.51 -26.12
C ALA D 221 17.79 -35.24 -25.45
N CYS D 222 16.49 -35.04 -25.39
CA CYS D 222 15.93 -33.85 -24.79
C CYS D 222 16.07 -33.90 -23.27
N LEU D 223 16.64 -32.84 -22.70
CA LEU D 223 16.84 -32.72 -21.26
C LEU D 223 15.58 -32.16 -20.61
N ILE D 224 15.26 -32.64 -19.42
CA ILE D 224 14.08 -32.20 -18.68
C ILE D 224 14.51 -31.47 -17.41
N GLY D 225 14.03 -30.25 -17.26
CA GLY D 225 14.15 -29.55 -16.00
C GLY D 225 12.79 -29.17 -15.47
N ASN D 226 12.68 -28.96 -14.17
CA ASN D 226 11.41 -28.64 -13.55
C ASN D 226 11.69 -27.70 -12.40
N ASN D 227 11.20 -26.46 -12.51
CA ASN D 227 11.53 -25.41 -11.54
C ASN D 227 10.63 -25.49 -10.31
N HIS D 228 10.75 -26.61 -9.59
CA HIS D 228 9.98 -26.86 -8.38
C HIS D 228 10.71 -26.46 -7.10
N HIS D 229 11.99 -26.12 -7.20
CA HIS D 229 12.82 -25.67 -6.10
C HIS D 229 13.06 -26.75 -5.05
N ILE D 230 12.89 -28.03 -5.37
CA ILE D 230 13.10 -29.11 -4.41
C ILE D 230 14.01 -30.17 -5.03
N THR D 231 14.10 -31.32 -4.39
CA THR D 231 15.00 -32.35 -4.92
C THR D 231 14.46 -32.84 -6.27
N PRO D 232 15.30 -32.98 -7.30
CA PRO D 232 14.79 -33.36 -8.62
C PRO D 232 14.11 -34.72 -8.61
N PHE D 233 13.01 -34.81 -9.37
CA PHE D 233 12.30 -36.08 -9.55
C PHE D 233 13.04 -36.96 -10.55
N ALA D 234 12.92 -38.27 -10.37
CA ALA D 234 13.50 -39.20 -11.34
C ALA D 234 12.94 -38.93 -12.72
N GLY D 235 13.83 -38.82 -13.71
CA GLY D 235 13.47 -38.45 -15.06
C GLY D 235 13.93 -37.06 -15.46
N GLU D 236 14.18 -36.20 -14.49
CA GLU D 236 14.75 -34.90 -14.77
C GLU D 236 16.24 -35.05 -15.07
N ASP D 237 16.74 -34.19 -15.96
CA ASP D 237 18.11 -34.27 -16.43
C ASP D 237 18.93 -33.04 -16.06
N ILE D 238 18.29 -31.95 -15.66
CA ILE D 238 18.98 -30.77 -15.15
C ILE D 238 18.28 -30.31 -13.91
N GLN D 239 19.02 -29.63 -13.04
CA GLN D 239 18.49 -29.03 -11.83
C GLN D 239 18.54 -27.52 -11.96
N ILE D 240 17.46 -26.85 -11.56
CA ILE D 240 17.30 -25.41 -11.74
C ILE D 240 17.38 -24.72 -10.38
N PHE D 241 18.18 -23.66 -10.32
CA PHE D 241 18.22 -22.75 -9.18
C PHE D 241 17.75 -21.39 -9.66
N GLU D 242 16.66 -20.88 -9.08
CA GLU D 242 16.05 -19.63 -9.52
C GLU D 242 16.58 -18.43 -8.74
N ARG D 243 17.23 -17.52 -9.45
CA ARG D 243 17.78 -16.27 -8.93
C ARG D 243 18.87 -16.49 -7.88
N ASP D 244 19.51 -17.65 -7.89
CA ASP D 244 20.62 -17.90 -6.98
C ASP D 244 21.58 -18.90 -7.60
N LEU D 245 22.86 -18.72 -7.27
CA LEU D 245 23.84 -19.74 -7.55
C LEU D 245 23.54 -20.96 -6.68
N PRO D 246 23.88 -22.16 -7.14
CA PRO D 246 23.72 -23.35 -6.31
C PRO D 246 24.38 -23.17 -4.96
N GLY D 247 23.68 -23.60 -3.90
CA GLY D 247 24.17 -23.44 -2.55
C GLY D 247 23.95 -22.09 -1.92
N GLU D 248 23.38 -21.13 -2.66
CA GLU D 248 23.08 -19.80 -2.15
C GLU D 248 21.56 -19.62 -2.16
N ASN D 249 21.09 -18.70 -1.32
CA ASN D 249 19.65 -18.46 -1.18
C ASN D 249 19.37 -17.00 -0.85
N LYS D 250 20.09 -16.08 -1.49
CA LYS D 250 19.88 -14.65 -1.24
C LYS D 250 18.50 -14.19 -1.70
N ALA D 251 17.91 -14.89 -2.66
CA ALA D 251 16.61 -14.51 -3.22
C ALA D 251 15.43 -15.24 -2.60
N GLY D 252 15.68 -16.25 -1.77
CA GLY D 252 14.62 -16.91 -1.03
C GLY D 252 13.83 -17.95 -1.79
N LEU D 253 14.25 -18.29 -3.00
CA LEU D 253 13.54 -19.27 -3.80
C LEU D 253 14.29 -20.60 -3.90
N SER D 254 15.33 -20.77 -3.09
CA SER D 254 16.19 -21.95 -3.19
C SER D 254 16.26 -22.67 -1.85
N GLY D 255 17.45 -23.07 -1.42
CA GLY D 255 17.63 -23.83 -0.20
C GLY D 255 17.66 -25.34 -0.38
N GLN D 256 17.34 -25.84 -1.57
CA GLN D 256 17.36 -27.27 -1.85
C GLN D 256 18.79 -27.77 -2.06
N ASP D 257 18.99 -29.07 -1.77
CA ASP D 257 20.31 -29.66 -1.92
C ASP D 257 20.75 -29.64 -3.38
N ILE D 258 22.06 -29.49 -3.58
CA ILE D 258 22.67 -29.61 -4.90
C ILE D 258 22.67 -31.09 -5.30
N SER D 259 21.99 -31.41 -6.39
CA SER D 259 21.92 -32.77 -6.88
C SER D 259 23.15 -33.09 -7.73
N ARG D 260 23.17 -34.31 -8.29
CA ARG D 260 24.21 -34.73 -9.21
C ARG D 260 23.90 -34.39 -10.66
N LEU D 261 22.77 -33.74 -10.92
CA LEU D 261 22.40 -33.39 -12.27
C LEU D 261 23.13 -32.12 -12.71
N PRO D 262 23.30 -31.92 -14.02
CA PRO D 262 23.74 -30.63 -14.54
C PRO D 262 22.95 -29.48 -13.92
N LEU D 263 23.65 -28.42 -13.57
CA LEU D 263 23.07 -27.31 -12.82
C LEU D 263 22.89 -26.09 -13.71
N GLU D 264 21.79 -25.35 -13.49
CA GLU D 264 21.53 -24.13 -14.22
C GLU D 264 20.88 -23.10 -13.31
N THR D 265 21.49 -21.93 -13.23
CA THR D 265 20.93 -20.80 -12.49
C THR D 265 20.22 -19.89 -13.50
N CYS D 266 18.99 -19.49 -13.20
CA CYS D 266 18.33 -18.50 -14.05
C CYS D 266 18.18 -17.15 -13.33
N GLU D 267 18.24 -16.07 -14.11
CA GLU D 267 18.26 -14.72 -13.56
C GLU D 267 17.73 -13.74 -14.60
N THR D 268 17.24 -12.60 -14.11
CA THR D 268 16.77 -11.52 -14.97
C THR D 268 17.88 -10.50 -15.20
N MET D 269 17.89 -9.89 -16.39
CA MET D 269 18.88 -8.86 -16.70
C MET D 269 18.51 -7.53 -16.05
N ASN D 270 17.24 -7.13 -16.15
CA ASN D 270 16.67 -6.13 -15.25
C ASN D 270 16.10 -6.91 -14.07
N GLY D 271 14.97 -6.49 -13.52
CA GLY D 271 14.38 -7.19 -12.39
C GLY D 271 13.25 -8.17 -12.68
N MET D 272 12.81 -8.31 -13.93
CA MET D 272 11.57 -9.01 -14.24
C MET D 272 11.76 -9.92 -15.46
N TRP D 273 10.98 -11.00 -15.49
CA TRP D 273 11.10 -11.95 -16.59
C TRP D 273 10.41 -11.39 -17.84
N GLY D 274 9.11 -11.10 -17.73
CA GLY D 274 8.43 -10.43 -18.82
C GLY D 274 8.79 -8.97 -18.92
N TYR D 275 8.58 -8.40 -20.11
CA TYR D 275 8.81 -6.97 -20.33
C TYR D 275 8.02 -6.15 -19.31
N LYS D 276 8.69 -5.14 -18.73
CA LYS D 276 8.10 -4.32 -17.68
C LYS D 276 8.51 -2.89 -17.95
N ILE D 277 7.55 -2.05 -18.35
CA ILE D 277 7.93 -0.75 -18.89
C ILE D 277 8.50 0.17 -17.80
N THR D 278 8.14 -0.04 -16.54
CA THR D 278 8.71 0.75 -15.45
C THR D 278 10.11 0.30 -15.02
N ASP D 279 10.57 -0.85 -15.48
CA ASP D 279 11.84 -1.42 -15.04
C ASP D 279 12.86 -1.34 -16.17
N GLN D 280 13.65 -0.28 -16.18
CA GLN D 280 14.71 -0.10 -17.16
C GLN D 280 16.09 -0.17 -16.51
N ASP D 281 16.19 -0.83 -15.37
CA ASP D 281 17.44 -0.86 -14.61
C ASP D 281 18.13 -2.17 -14.93
N TYR D 282 18.90 -2.17 -16.02
CA TYR D 282 19.59 -3.35 -16.49
C TYR D 282 20.96 -3.45 -15.83
N LYS D 283 21.27 -4.62 -15.28
CA LYS D 283 22.56 -4.86 -14.66
C LYS D 283 23.70 -4.48 -15.60
N SER D 284 24.78 -3.94 -15.02
CA SER D 284 25.93 -3.54 -15.82
C SER D 284 26.57 -4.75 -16.49
N THR D 285 27.25 -4.49 -17.60
CA THR D 285 28.04 -5.55 -18.25
C THR D 285 29.00 -6.21 -17.27
N LYS D 286 29.63 -5.42 -16.39
CA LYS D 286 30.54 -6.01 -15.42
C LYS D 286 29.83 -7.00 -14.52
N ILE D 287 28.66 -6.63 -13.99
CA ILE D 287 27.94 -7.54 -13.11
C ILE D 287 27.48 -8.77 -13.88
N LEU D 288 27.09 -8.60 -15.14
CA LEU D 288 26.61 -9.74 -15.91
C LEU D 288 27.76 -10.71 -16.21
N ILE D 289 28.92 -10.17 -16.57
CA ILE D 289 30.08 -11.02 -16.80
C ILE D 289 30.45 -11.76 -15.53
N GLN D 290 30.56 -11.05 -14.41
CA GLN D 290 30.91 -11.74 -13.17
C GLN D 290 29.86 -12.77 -12.78
N TYR D 291 28.59 -12.53 -13.12
CA TYR D 291 27.55 -13.50 -12.77
C TYR D 291 27.79 -14.80 -13.54
N LEU D 292 28.12 -14.70 -14.83
CA LEU D 292 28.41 -15.90 -15.61
C LEU D 292 29.63 -16.63 -15.06
N VAL D 293 30.68 -15.89 -14.72
CA VAL D 293 31.89 -16.52 -14.19
C VAL D 293 31.59 -17.21 -12.86
N LYS D 294 30.80 -16.56 -12.00
CA LYS D 294 30.49 -17.17 -10.70
C LYS D 294 29.66 -18.44 -10.87
N ALA D 295 28.71 -18.44 -11.82
CA ALA D 295 27.98 -19.67 -12.12
C ALA D 295 28.94 -20.76 -12.56
N ALA D 296 29.79 -20.46 -13.55
CA ALA D 296 30.73 -21.45 -14.05
C ALA D 296 31.61 -21.97 -12.92
N GLY D 297 32.02 -21.09 -12.00
CA GLY D 297 32.89 -21.50 -10.90
C GLY D 297 32.21 -22.39 -9.89
N LYS D 298 30.88 -22.38 -9.84
CA LYS D 298 30.08 -23.31 -9.05
C LYS D 298 29.51 -24.44 -9.90
N ASN D 299 30.09 -24.67 -11.08
CA ASN D 299 29.74 -25.81 -11.94
C ASN D 299 28.31 -25.71 -12.47
N ALA D 300 27.88 -24.49 -12.79
CA ALA D 300 26.51 -24.24 -13.22
C ALA D 300 26.48 -23.37 -14.46
N ASN D 301 25.48 -23.62 -15.29
CA ASN D 301 25.12 -22.75 -16.39
C ASN D 301 24.42 -21.49 -15.87
N LEU D 302 24.52 -20.41 -16.64
CA LEU D 302 23.73 -19.21 -16.41
C LEU D 302 22.72 -19.07 -17.54
N LEU D 303 21.44 -18.97 -17.20
CA LEU D 303 20.36 -18.72 -18.14
C LEU D 303 19.86 -17.31 -17.84
N MET D 304 20.30 -16.32 -18.62
CA MET D 304 20.03 -14.91 -18.40
C MET D 304 18.86 -14.45 -19.26
N ASN D 305 17.94 -13.70 -18.66
CA ASN D 305 16.65 -13.48 -19.30
C ASN D 305 16.62 -12.12 -20.02
N VAL D 306 15.83 -12.07 -21.08
N VAL D 306 15.83 -12.06 -21.09
CA VAL D 306 15.44 -10.83 -21.74
CA VAL D 306 15.46 -10.83 -21.77
C VAL D 306 13.94 -10.89 -21.97
C VAL D 306 13.96 -10.88 -22.03
N GLY D 307 13.26 -9.77 -21.78
CA GLY D 307 11.83 -9.72 -21.95
C GLY D 307 11.43 -8.87 -23.14
N PRO D 308 11.02 -9.50 -24.25
CA PRO D 308 10.78 -8.73 -25.47
C PRO D 308 9.59 -7.79 -25.34
N GLN D 309 9.65 -6.71 -26.12
CA GLN D 309 8.67 -5.63 -26.11
C GLN D 309 7.42 -6.04 -26.86
N PRO D 310 6.30 -5.35 -26.61
CA PRO D 310 5.08 -5.65 -27.38
C PRO D 310 5.21 -5.34 -28.87
N ASN D 311 6.16 -4.51 -29.28
CA ASN D 311 6.37 -4.30 -30.71
C ASN D 311 7.28 -5.36 -31.32
N GLY D 312 7.74 -6.33 -30.54
CA GLY D 312 8.50 -7.45 -31.04
C GLY D 312 10.00 -7.28 -31.09
N GLU D 313 10.52 -6.16 -30.59
CA GLU D 313 11.96 -5.95 -30.51
C GLU D 313 12.47 -6.41 -29.16
N LEU D 314 13.69 -6.95 -29.14
CA LEU D 314 14.40 -7.10 -27.87
C LEU D 314 14.78 -5.73 -27.34
N PRO D 315 14.73 -5.51 -26.02
CA PRO D 315 15.18 -4.21 -25.49
C PRO D 315 16.57 -3.84 -25.98
N THR D 316 16.69 -2.60 -26.49
CA THR D 316 17.96 -2.15 -27.03
C THR D 316 19.07 -2.23 -25.99
N VAL D 317 18.77 -1.88 -24.73
CA VAL D 317 19.80 -1.93 -23.71
C VAL D 317 20.24 -3.37 -23.47
N ALA D 318 19.29 -4.30 -23.46
CA ALA D 318 19.66 -5.71 -23.32
C ALA D 318 20.55 -6.17 -24.48
N VAL D 319 20.22 -5.76 -25.71
CA VAL D 319 21.05 -6.14 -26.85
C VAL D 319 22.47 -5.60 -26.70
N GLN D 320 22.61 -4.36 -26.21
CA GLN D 320 23.94 -3.80 -26.00
C GLN D 320 24.70 -4.58 -24.94
N ARG D 321 24.04 -4.93 -23.83
CA ARG D 321 24.69 -5.73 -22.81
C ARG D 321 25.17 -7.07 -23.40
N LEU D 322 24.31 -7.73 -24.16
CA LEU D 322 24.69 -9.01 -24.78
C LEU D 322 25.90 -8.81 -25.70
N ARG D 323 25.88 -7.74 -26.51
CA ARG D 323 27.00 -7.45 -27.40
C ARG D 323 28.30 -7.31 -26.62
N GLU D 324 28.25 -6.59 -25.48
CA GLU D 324 29.46 -6.35 -24.71
C GLU D 324 29.91 -7.60 -23.96
N MET D 325 28.97 -8.39 -23.46
CA MET D 325 29.37 -9.70 -22.94
C MET D 325 30.11 -10.50 -24.00
N GLY D 326 29.63 -10.45 -25.24
CA GLY D 326 30.30 -11.16 -26.32
C GLY D 326 31.69 -10.65 -26.63
N GLU D 327 31.92 -9.33 -26.46
CA GLU D 327 33.27 -8.81 -26.62
C GLU D 327 34.21 -9.45 -25.60
N TRP D 328 33.72 -9.69 -24.38
CA TRP D 328 34.55 -10.34 -23.36
C TRP D 328 34.73 -11.82 -23.69
N MET D 329 33.63 -12.49 -24.06
CA MET D 329 33.67 -13.90 -24.48
C MET D 329 34.65 -14.13 -25.63
N LYS D 330 34.81 -13.15 -26.52
CA LYS D 330 35.78 -13.29 -27.62
C LYS D 330 37.17 -13.64 -27.07
N ILE D 331 37.52 -13.07 -25.93
CA ILE D 331 38.83 -13.30 -25.33
C ILE D 331 38.81 -14.47 -24.37
N TYR D 332 37.76 -14.58 -23.55
CA TYR D 332 37.78 -15.43 -22.35
C TYR D 332 36.93 -16.68 -22.45
N ALA D 333 36.20 -16.89 -23.55
CA ALA D 333 35.31 -18.05 -23.61
C ALA D 333 35.99 -19.37 -23.24
N PRO D 334 37.22 -19.65 -23.66
CA PRO D 334 37.85 -20.95 -23.31
C PRO D 334 38.09 -21.12 -21.82
N THR D 335 38.01 -20.06 -21.02
CA THR D 335 38.14 -20.20 -19.58
C THR D 335 36.80 -20.47 -18.91
N ILE D 336 35.72 -20.54 -19.69
CA ILE D 336 34.37 -20.73 -19.17
C ILE D 336 33.72 -21.89 -19.90
N GLN D 337 33.53 -21.75 -21.21
CA GLN D 337 32.93 -22.83 -21.98
C GLN D 337 33.90 -24.00 -22.07
N GLY D 338 33.35 -25.20 -21.95
CA GLY D 338 34.14 -26.40 -21.93
C GLY D 338 34.76 -26.73 -20.60
N THR D 339 34.46 -25.96 -19.56
CA THR D 339 35.03 -26.18 -18.24
C THR D 339 33.97 -26.75 -17.30
N ARG D 340 34.43 -27.11 -16.11
CA ARG D 340 33.56 -27.48 -15.00
C ARG D 340 34.02 -26.67 -13.78
N GLY D 341 33.18 -26.64 -12.75
CA GLY D 341 33.55 -25.95 -11.52
C GLY D 341 34.87 -26.46 -11.00
N GLY D 342 35.74 -25.54 -10.56
CA GLY D 342 37.12 -25.92 -10.26
C GLY D 342 37.31 -26.50 -8.87
N VAL D 343 38.50 -27.08 -8.67
CA VAL D 343 38.77 -27.80 -7.43
C VAL D 343 38.68 -26.87 -6.22
N VAL D 344 39.01 -25.59 -6.42
CA VAL D 344 38.87 -24.59 -5.37
C VAL D 344 37.47 -24.01 -5.53
N THR D 345 36.60 -24.25 -4.56
CA THR D 345 35.22 -23.81 -4.68
C THR D 345 35.15 -22.29 -4.48
N PRO D 346 33.99 -21.68 -4.78
CA PRO D 346 33.92 -20.21 -4.82
C PRO D 346 34.28 -19.55 -3.50
N ARG D 347 35.01 -18.43 -3.60
CA ARG D 347 35.44 -17.69 -2.43
C ARG D 347 35.12 -16.20 -2.65
N ASP D 348 35.35 -15.41 -1.59
CA ASP D 348 35.05 -13.98 -1.69
C ASP D 348 35.86 -13.30 -2.80
N TRP D 349 37.09 -13.77 -3.06
CA TRP D 349 37.93 -13.18 -4.10
C TRP D 349 37.56 -13.59 -5.52
N GLY D 350 36.80 -14.66 -5.70
CA GLY D 350 36.49 -15.14 -7.03
C GLY D 350 36.31 -16.65 -7.03
N VAL D 351 36.56 -17.27 -8.19
CA VAL D 351 36.23 -18.67 -8.42
C VAL D 351 37.33 -19.32 -9.27
N THR D 352 37.23 -20.63 -9.42
CA THR D 352 38.05 -21.34 -10.40
C THR D 352 37.19 -22.27 -11.23
N THR D 353 37.64 -22.46 -12.47
CA THR D 353 37.08 -23.44 -13.40
C THR D 353 38.21 -24.32 -13.90
N GLN D 354 37.86 -25.46 -14.49
CA GLN D 354 38.88 -26.42 -14.85
C GLN D 354 38.48 -27.23 -16.07
N LYS D 355 39.52 -27.71 -16.75
CA LYS D 355 39.42 -28.43 -18.01
C LYS D 355 40.70 -29.26 -18.07
N GLY D 356 40.59 -30.59 -17.96
CA GLY D 356 41.77 -31.43 -18.11
C GLY D 356 42.78 -31.20 -16.98
N LYS D 357 43.97 -30.73 -17.37
CA LYS D 357 45.04 -30.41 -16.43
C LYS D 357 45.12 -28.91 -16.13
N THR D 358 44.15 -28.14 -16.61
CA THR D 358 44.19 -26.68 -16.55
C THR D 358 43.21 -26.18 -15.50
N LEU D 359 43.69 -25.29 -14.64
CA LEU D 359 42.87 -24.59 -13.65
C LEU D 359 42.88 -23.11 -14.00
N TYR D 360 41.71 -22.55 -14.29
CA TYR D 360 41.57 -21.12 -14.52
C TYR D 360 41.19 -20.47 -13.20
N VAL D 361 41.98 -19.50 -12.75
CA VAL D 361 41.73 -18.77 -11.52
C VAL D 361 41.14 -17.42 -11.91
N HIS D 362 39.86 -17.23 -11.62
CA HIS D 362 39.12 -16.03 -12.00
C HIS D 362 39.08 -15.11 -10.80
N VAL D 363 39.91 -14.06 -10.81
CA VAL D 363 39.97 -13.12 -9.69
C VAL D 363 38.99 -11.99 -9.96
N LEU D 364 37.91 -11.95 -9.19
CA LEU D 364 36.81 -11.02 -9.39
C LEU D 364 36.78 -9.86 -8.40
N ASN D 365 37.41 -10.03 -7.23
CA ASN D 365 37.21 -9.10 -6.14
C ASN D 365 38.39 -9.14 -5.19
N LEU D 366 39.50 -8.52 -5.59
CA LEU D 366 40.74 -8.58 -4.80
C LEU D 366 41.59 -7.39 -5.14
N ASP D 367 41.95 -6.60 -4.14
CA ASP D 367 42.84 -5.45 -4.32
C ASP D 367 44.29 -5.77 -3.95
N ASP D 368 44.56 -6.87 -3.27
CA ASP D 368 45.92 -7.20 -2.88
C ASP D 368 46.61 -8.00 -3.97
N LYS D 369 47.94 -8.16 -3.79
CA LYS D 369 48.85 -8.65 -4.82
C LYS D 369 49.33 -10.07 -4.52
N ALA D 370 48.55 -10.83 -3.76
CA ALA D 370 48.85 -12.23 -3.52
C ALA D 370 47.55 -12.96 -3.30
N LEU D 371 47.54 -14.25 -3.62
CA LEU D 371 46.33 -15.07 -3.53
C LEU D 371 46.71 -16.47 -3.10
N PHE D 372 46.15 -16.91 -1.97
CA PHE D 372 46.33 -18.27 -1.51
C PHE D 372 45.26 -19.18 -2.09
N LEU D 373 45.69 -20.31 -2.66
CA LEU D 373 44.78 -21.31 -3.20
C LEU D 373 44.89 -22.59 -2.39
N PRO D 374 43.80 -23.05 -1.74
CA PRO D 374 43.79 -24.31 -0.97
C PRO D 374 43.68 -25.54 -1.85
N TYR D 375 44.81 -25.94 -2.44
CA TYR D 375 44.86 -27.13 -3.27
C TYR D 375 46.26 -27.72 -3.14
N ALA D 376 46.35 -29.03 -2.93
CA ALA D 376 47.64 -29.69 -2.79
C ALA D 376 47.52 -31.11 -3.33
N GLY D 377 48.68 -31.75 -3.49
CA GLY D 377 48.73 -33.11 -3.99
C GLY D 377 48.87 -33.23 -5.50
N ASN D 378 48.98 -32.11 -6.22
CA ASN D 378 49.11 -32.10 -7.67
C ASN D 378 50.13 -31.01 -8.01
N LYS D 379 51.26 -31.41 -8.61
CA LYS D 379 52.34 -30.47 -8.84
C LYS D 379 51.94 -29.41 -9.87
N LEU D 380 52.16 -28.14 -9.53
CA LEU D 380 51.88 -27.03 -10.43
C LEU D 380 53.11 -26.77 -11.32
N LYS D 381 52.93 -26.90 -12.63
CA LYS D 381 54.05 -26.76 -13.55
C LYS D 381 54.23 -25.35 -14.07
N SER D 382 53.15 -24.58 -14.19
CA SER D 382 53.25 -23.23 -14.72
C SER D 382 52.01 -22.42 -14.33
N ALA D 383 52.19 -21.11 -14.24
CA ALA D 383 51.09 -20.18 -14.00
C ALA D 383 51.36 -18.93 -14.83
N VAL D 384 50.38 -18.53 -15.65
CA VAL D 384 50.53 -17.32 -16.44
C VAL D 384 49.23 -16.53 -16.40
N GLU D 385 49.32 -15.25 -16.77
CA GLU D 385 48.13 -14.47 -17.04
C GLU D 385 47.51 -14.95 -18.34
N TYR D 386 46.19 -15.18 -18.32
CA TYR D 386 45.55 -15.82 -19.45
C TYR D 386 45.66 -14.98 -20.71
N GLN D 387 45.51 -13.67 -20.58
CA GLN D 387 45.53 -12.80 -21.76
C GLN D 387 46.96 -12.48 -22.21
N SER D 388 47.74 -11.85 -21.34
CA SER D 388 49.09 -11.41 -21.70
C SER D 388 50.08 -12.54 -21.84
N ARG D 389 49.83 -13.68 -21.20
CA ARG D 389 50.69 -14.85 -21.17
C ARG D 389 51.94 -14.64 -20.30
N LYS D 390 52.02 -13.52 -19.57
CA LYS D 390 53.13 -13.30 -18.66
C LYS D 390 53.14 -14.32 -17.53
N SER D 391 54.34 -14.76 -17.13
CA SER D 391 54.44 -15.69 -16.02
C SER D 391 54.01 -15.05 -14.70
N VAL D 392 53.37 -15.86 -13.85
CA VAL D 392 52.95 -15.45 -12.52
C VAL D 392 53.79 -16.17 -11.48
N ARG D 393 54.48 -15.41 -10.65
CA ARG D 393 55.33 -16.00 -9.62
C ARG D 393 54.46 -16.77 -8.62
N PHE D 394 54.96 -17.91 -8.16
CA PHE D 394 54.19 -18.69 -7.21
C PHE D 394 55.10 -19.54 -6.32
N ILE D 395 54.52 -19.96 -5.20
CA ILE D 395 55.14 -20.87 -4.25
C ILE D 395 54.14 -21.99 -3.98
N GLN D 396 54.60 -23.24 -4.02
CA GLN D 396 53.72 -24.37 -3.73
C GLN D 396 54.33 -25.24 -2.64
N ASP D 397 53.50 -25.63 -1.66
CA ASP D 397 53.91 -26.61 -0.67
C ASP D 397 52.73 -27.50 -0.33
N ARG D 398 52.90 -28.37 0.67
CA ARG D 398 51.87 -29.34 1.00
C ARG D 398 50.60 -28.70 1.53
N ASP D 399 50.64 -27.41 1.88
CA ASP D 399 49.47 -26.72 2.39
C ASP D 399 48.68 -25.98 1.32
N GLY D 400 49.27 -25.71 0.17
CA GLY D 400 48.57 -24.99 -0.86
C GLY D 400 49.54 -24.23 -1.76
N ILE D 401 48.97 -23.27 -2.48
CA ILE D 401 49.68 -22.52 -3.51
C ILE D 401 49.48 -21.03 -3.25
N LEU D 402 50.56 -20.28 -3.28
CA LEU D 402 50.51 -18.82 -3.13
C LEU D 402 50.97 -18.16 -4.42
N LEU D 403 50.06 -17.49 -5.10
CA LEU D 403 50.38 -16.69 -6.28
C LEU D 403 50.74 -15.27 -5.84
N LYS D 404 51.63 -14.64 -6.60
CA LYS D 404 51.98 -13.24 -6.36
C LYS D 404 51.87 -12.47 -7.66
N PHE D 405 51.27 -11.29 -7.57
CA PHE D 405 50.94 -10.49 -8.74
C PHE D 405 51.76 -9.21 -8.77
N THR D 406 52.07 -8.76 -9.99
CA THR D 406 52.81 -7.52 -10.17
C THR D 406 51.94 -6.29 -9.87
N ASP D 407 50.67 -6.32 -10.27
CA ASP D 407 49.78 -5.18 -10.12
C ASP D 407 48.46 -5.62 -9.49
N LYS D 408 47.69 -4.62 -9.06
CA LYS D 408 46.31 -4.84 -8.67
C LYS D 408 45.60 -5.69 -9.72
N PRO D 409 44.87 -6.73 -9.33
CA PRO D 409 44.01 -7.43 -10.30
C PRO D 409 43.07 -6.46 -11.01
N HIS D 410 42.98 -6.57 -12.34
CA HIS D 410 42.12 -5.68 -13.09
C HIS D 410 40.71 -6.27 -13.17
N SER D 411 39.78 -5.46 -13.68
CA SER D 411 38.37 -5.81 -13.82
C SER D 411 38.03 -6.06 -15.29
N PRO D 412 36.93 -6.78 -15.57
CA PRO D 412 36.01 -7.41 -14.61
C PRO D 412 36.44 -8.78 -14.08
N ASP D 413 37.52 -9.35 -14.62
CA ASP D 413 37.95 -10.70 -14.25
C ASP D 413 39.43 -10.82 -14.60
N TYR D 414 40.26 -11.00 -13.59
CA TYR D 414 41.72 -11.15 -13.75
C TYR D 414 42.00 -12.64 -13.72
N VAL D 415 42.27 -13.20 -14.90
CA VAL D 415 42.28 -14.66 -15.08
C VAL D 415 43.71 -15.17 -15.17
N LEU D 416 44.05 -16.11 -14.30
CA LEU D 416 45.33 -16.83 -14.37
C LEU D 416 45.07 -18.25 -14.87
N GLU D 417 45.98 -18.75 -15.71
CA GLU D 417 45.92 -20.12 -16.22
C GLU D 417 47.00 -20.94 -15.53
N LEU D 418 46.57 -21.92 -14.75
CA LEU D 418 47.48 -22.80 -14.01
C LEU D 418 47.47 -24.15 -14.70
N THR D 419 48.66 -24.70 -14.95
CA THR D 419 48.81 -25.98 -15.62
C THR D 419 49.45 -26.96 -14.63
N PHE D 420 48.76 -28.07 -14.36
CA PHE D 420 49.21 -29.05 -13.39
C PHE D 420 49.75 -30.30 -14.08
N ALA D 421 50.42 -31.14 -13.28
CA ALA D 421 50.99 -32.37 -13.83
C ALA D 421 49.95 -33.45 -14.02
N ASN D 422 48.92 -33.50 -13.17
CA ASN D 422 47.88 -34.51 -13.28
C ASN D 422 46.54 -33.85 -13.55
N GLU D 423 45.60 -34.67 -14.03
CA GLU D 423 44.26 -34.16 -14.29
C GLU D 423 43.64 -33.66 -13.01
N LEU D 424 42.94 -32.53 -13.10
CA LEU D 424 42.24 -32.01 -11.94
C LEU D 424 41.05 -32.91 -11.61
N PRO D 425 40.84 -33.22 -10.34
CA PRO D 425 39.73 -34.11 -9.99
C PRO D 425 38.38 -33.44 -10.15
N LEU D 426 37.38 -34.25 -10.48
CA LEU D 426 36.00 -33.80 -10.62
C LEU D 426 35.23 -34.30 -9.40
N ASN D 427 34.84 -33.36 -8.53
CA ASN D 427 34.28 -33.67 -7.23
C ASN D 427 33.04 -34.56 -7.29
#